data_6O16
#
_entry.id   6O16
#
_cell.length_a   83.829
_cell.length_b   137.593
_cell.length_c   94.225
_cell.angle_alpha   90.00
_cell.angle_beta   93.34
_cell.angle_gamma   90.00
#
_symmetry.space_group_name_H-M   'P 1 21 1'
#
loop_
_entity.id
_entity.type
_entity.pdbx_description
1 polymer 'DEAH (Asp-Glu-Ala-His) box polypeptide 37'
2 polymer "RNA (5'-R(*UP*UP*UP*UP*UP*UP*UP*UP*UP*U)-3')"
#
loop_
_entity_poly.entity_id
_entity_poly.type
_entity_poly.pdbx_seq_one_letter_code
_entity_poly.pdbx_strand_id
1 'polypeptide(L)'
;SNAPRTSTGTEPVHPPPAPSGINSPAPTPQPPPSGISAPPKTPASAPPPPVAKPAVFIPVNRTPEMQEERLKLPILAEEQ
AIMEAVAEHPIVIVCGETGSGKTTQVPQFLYEAGYSSEDSIIGVTEPRRVAAVAMSQRVAKEMNLSHRVVSYQIRYEGNV
TEETRIKFMTDGVLLKEIQKDFLLLKYKVVIIDEAHERSVYTDILLGLLSRIVALRAKRHLPLKLLIMSATLRVEDFTQN
QRLFTTPPPVIKVESRQFPVTVHFNKRTPLDDYSGECFRKVCKIHRMLPAGGILVFLTGQAEVHALCRRLRKAFPFRCSQ
PQEKEEDSAEGMRRFKKSRTRARKAQAMALPQINLDNYSVLPAGEGDEDREAEMDDEEEALGSDLDLDLGDSEANEGEQP
DASLPLHVLPLYSLLAPEKQAQVFKPPPEGTRLCVVATNVAETSLTIPGIKYVVDCGKVKKRYYDRVTGVSSFRVTWVSQ
ASADQRAGRAGRTEPGHCYRLYSSAVFGDFEQFPPPEITRRPVEDLILQMKALSIEKVINFPFPTPPSVEALVAAEELLV
ALGALQAPPKQERMKKLQMSQLSCPITALGRTMSTFPVAPRYAKMLALSQQHGCLPYTIAIVAAMTVRELFEELDRPAAS
EKELAELKGRRARVAQMKRTWAGQGPSLKLGDLMVLLGAVGACEYAGCSPQFCQANGLRYKAMLEIRRLRGQLTTAVNAV
CPEAGLFLDPKMQPPTESQVTYLRQIMAAGLGDHLARRVQSEDLLDPKWKNAYKTPLLDDPVFIHPSSVLFKELPEFVVY
QEIVETTKMYMKGVSTVEIQWIPSLLPSYCQFDAPLEEPAPSYCPESGQVLCHRASVFYRVGWPLPAVQVDFPEGIDRYK
YFAKFLLEGQVFRKLASFKSCLLSSPSTMLKTWARLQPRTETLLRALVAHKADSRDSLLAAWKKNPKYLLAEYCEWLPKA
MHSDVEKNWPPTTDS
;
A,B
2 'polyribonucleotide' UUUUUUUUUU C,D
#
loop_
_chem_comp.id
_chem_comp.type
_chem_comp.name
_chem_comp.formula
U RNA linking URIDINE-5'-MONOPHOSPHATE 'C9 H13 N2 O9 P'
#
# COMPACT_ATOMS: atom_id res chain seq x y z
N VAL A 56 -34.04 5.69 -3.97
CA VAL A 56 -34.14 4.27 -4.27
C VAL A 56 -33.05 3.85 -5.26
N PHE A 57 -33.31 4.03 -6.56
CA PHE A 57 -32.37 3.58 -7.58
C PHE A 57 -31.04 4.31 -7.47
N ILE A 58 -29.97 3.60 -7.81
CA ILE A 58 -28.62 4.16 -7.80
C ILE A 58 -27.89 3.75 -9.08
N PRO A 59 -27.16 4.65 -9.73
CA PRO A 59 -26.45 4.30 -10.97
C PRO A 59 -25.11 3.62 -10.71
N VAL A 60 -24.60 2.96 -11.75
CA VAL A 60 -23.34 2.23 -11.69
C VAL A 60 -22.42 2.64 -12.84
N ASN A 61 -23.00 2.90 -14.02
CA ASN A 61 -22.25 3.27 -15.23
C ASN A 61 -21.40 2.10 -15.72
N ARG A 62 -22.09 1.08 -16.23
CA ARG A 62 -21.41 -0.10 -16.75
C ARG A 62 -20.59 0.27 -17.98
N THR A 63 -19.37 -0.24 -18.04
CA THR A 63 -18.55 -0.14 -19.24
C THR A 63 -19.04 -1.16 -20.28
N PRO A 64 -18.94 -0.84 -21.57
CA PRO A 64 -19.50 -1.77 -22.58
C PRO A 64 -18.91 -3.17 -22.55
N GLU A 65 -17.60 -3.30 -22.27
CA GLU A 65 -16.95 -4.60 -22.37
C GLU A 65 -17.37 -5.52 -21.24
N MET A 66 -17.52 -4.99 -20.03
CA MET A 66 -17.96 -5.80 -18.91
C MET A 66 -19.46 -6.08 -18.96
N GLN A 67 -20.20 -5.34 -19.78
CA GLN A 67 -21.63 -5.59 -19.94
C GLN A 67 -21.90 -6.97 -20.50
N GLU A 68 -21.16 -7.36 -21.54
CA GLU A 68 -21.40 -8.64 -22.20
C GLU A 68 -21.07 -9.80 -21.26
N GLU A 69 -19.89 -9.76 -20.63
CA GLU A 69 -19.56 -10.72 -19.57
C GLU A 69 -20.70 -10.83 -18.56
N ARG A 70 -21.03 -9.70 -17.93
CA ARG A 70 -22.10 -9.66 -16.94
C ARG A 70 -23.39 -10.28 -17.49
N LEU A 71 -23.72 -10.04 -18.75
CA LEU A 71 -24.92 -10.65 -19.29
C LEU A 71 -24.76 -12.15 -19.53
N LYS A 72 -23.53 -12.65 -19.63
CA LYS A 72 -23.34 -14.08 -19.78
C LYS A 72 -23.85 -14.85 -18.59
N LEU A 73 -23.73 -14.29 -17.39
CA LEU A 73 -24.10 -15.04 -16.21
C LEU A 73 -25.61 -15.15 -16.09
N PRO A 74 -26.10 -16.25 -15.54
CA PRO A 74 -27.53 -16.54 -15.59
C PRO A 74 -28.34 -15.74 -14.59
N ILE A 75 -27.74 -15.36 -13.46
CA ILE A 75 -28.52 -14.80 -12.35
C ILE A 75 -29.17 -13.48 -12.76
N LEU A 76 -28.62 -12.82 -13.78
CA LEU A 76 -29.10 -11.49 -14.15
C LEU A 76 -30.59 -11.47 -14.45
N ALA A 77 -31.11 -12.57 -15.03
CA ALA A 77 -32.53 -12.60 -15.36
C ALA A 77 -33.41 -12.51 -14.12
N GLU A 78 -32.97 -13.11 -13.02
CA GLU A 78 -33.77 -13.21 -11.81
C GLU A 78 -33.51 -12.06 -10.84
N GLU A 79 -32.93 -10.96 -11.31
CA GLU A 79 -32.59 -9.84 -10.43
C GLU A 79 -33.82 -9.30 -9.73
N GLN A 80 -34.85 -8.93 -10.50
CA GLN A 80 -36.07 -8.42 -9.90
C GLN A 80 -36.71 -9.45 -8.99
N ALA A 81 -36.58 -10.73 -9.33
CA ALA A 81 -37.13 -11.80 -8.48
C ALA A 81 -36.43 -11.85 -7.13
N ILE A 82 -35.10 -11.78 -7.11
CA ILE A 82 -34.39 -11.80 -5.84
C ILE A 82 -34.63 -10.50 -5.08
N MET A 83 -34.66 -9.37 -5.79
CA MET A 83 -34.89 -8.10 -5.12
C MET A 83 -36.31 -7.98 -4.60
N GLU A 84 -37.28 -8.57 -5.30
CA GLU A 84 -38.65 -8.61 -4.78
C GLU A 84 -38.73 -9.48 -3.53
N ALA A 85 -38.06 -10.63 -3.54
CA ALA A 85 -38.04 -11.50 -2.37
C ALA A 85 -37.43 -10.79 -1.18
N VAL A 86 -36.28 -10.14 -1.38
CA VAL A 86 -35.61 -9.44 -0.28
C VAL A 86 -36.53 -8.38 0.33
N ALA A 87 -37.22 -7.61 -0.51
CA ALA A 87 -38.13 -6.61 0.01
C ALA A 87 -39.28 -7.24 0.78
N GLU A 88 -39.82 -8.35 0.28
CA GLU A 88 -40.99 -8.97 0.91
C GLU A 88 -40.61 -9.74 2.17
N HIS A 89 -39.46 -10.43 2.16
CA HIS A 89 -39.14 -11.29 3.30
C HIS A 89 -37.97 -10.74 4.10
N PRO A 90 -37.95 -11.00 5.42
CA PRO A 90 -36.80 -10.57 6.22
C PRO A 90 -35.52 -11.33 5.92
N ILE A 91 -35.62 -12.59 5.53
CA ILE A 91 -34.45 -13.43 5.29
C ILE A 91 -34.67 -14.21 3.98
N VAL A 92 -33.68 -14.18 3.11
CA VAL A 92 -33.74 -14.82 1.80
C VAL A 92 -32.54 -15.76 1.66
N ILE A 93 -32.78 -16.95 1.12
CA ILE A 93 -31.73 -17.91 0.84
C ILE A 93 -31.56 -18.00 -0.66
N VAL A 94 -30.35 -17.72 -1.15
CA VAL A 94 -30.03 -17.78 -2.57
C VAL A 94 -29.07 -18.95 -2.78
N CYS A 95 -29.49 -19.90 -3.62
CA CYS A 95 -28.71 -21.11 -3.88
C CYS A 95 -28.26 -21.10 -5.33
N GLY A 96 -26.94 -21.05 -5.54
CA GLY A 96 -26.40 -21.02 -6.88
C GLY A 96 -25.03 -21.67 -7.03
N GLU A 97 -24.90 -22.59 -7.99
CA GLU A 97 -23.66 -23.32 -8.17
C GLU A 97 -22.51 -22.37 -8.54
N THR A 98 -21.31 -22.92 -8.59
CA THR A 98 -20.14 -22.14 -8.95
C THR A 98 -20.29 -21.60 -10.37
N GLY A 99 -19.86 -20.35 -10.56
CA GLY A 99 -20.04 -19.66 -11.82
C GLY A 99 -21.39 -18.99 -11.99
N SER A 100 -22.31 -19.18 -11.06
CA SER A 100 -23.59 -18.51 -11.13
C SER A 100 -23.46 -17.00 -11.00
N GLY A 101 -22.34 -16.51 -10.46
CA GLY A 101 -22.14 -15.09 -10.25
C GLY A 101 -22.97 -14.47 -9.16
N LYS A 102 -23.62 -15.28 -8.32
CA LYS A 102 -24.42 -14.75 -7.22
C LYS A 102 -23.59 -13.86 -6.30
N THR A 103 -22.39 -14.33 -5.92
CA THR A 103 -21.56 -13.59 -4.97
C THR A 103 -21.29 -12.17 -5.44
N THR A 104 -20.96 -12.02 -6.72
CA THR A 104 -20.59 -10.71 -7.23
C THR A 104 -21.81 -9.84 -7.48
N GLN A 105 -22.85 -10.40 -8.10
CA GLN A 105 -23.92 -9.57 -8.63
C GLN A 105 -24.97 -9.21 -7.58
N VAL A 106 -25.28 -10.13 -6.66
CA VAL A 106 -26.33 -9.85 -5.66
C VAL A 106 -26.01 -8.60 -4.84
N PRO A 107 -24.77 -8.37 -4.37
CA PRO A 107 -24.51 -7.07 -3.73
C PRO A 107 -24.74 -5.89 -4.68
N GLN A 108 -24.46 -6.08 -5.97
CA GLN A 108 -24.73 -5.03 -6.95
C GLN A 108 -26.22 -4.74 -7.05
N PHE A 109 -27.04 -5.81 -7.11
CA PHE A 109 -28.49 -5.63 -7.20
C PHE A 109 -29.01 -4.81 -6.04
N LEU A 110 -28.68 -5.23 -4.81
CA LEU A 110 -29.14 -4.51 -3.63
C LEU A 110 -28.64 -3.07 -3.64
N TYR A 111 -27.42 -2.84 -4.11
CA TYR A 111 -26.93 -1.48 -4.31
C TYR A 111 -27.83 -0.70 -5.27
N GLU A 112 -28.28 -1.37 -6.35
CA GLU A 112 -29.20 -0.75 -7.28
C GLU A 112 -30.53 -0.44 -6.61
N ALA A 113 -31.02 -1.35 -5.77
CA ALA A 113 -32.29 -1.14 -5.07
C ALA A 113 -32.17 -0.12 -3.94
N GLY A 114 -30.97 0.36 -3.66
CA GLY A 114 -30.78 1.44 -2.69
C GLY A 114 -30.62 1.03 -1.25
N TYR A 115 -30.25 -0.22 -0.98
CA TYR A 115 -30.10 -0.64 0.41
C TYR A 115 -28.90 0.02 1.07
N SER A 116 -27.82 0.23 0.33
CA SER A 116 -26.69 0.95 0.90
C SER A 116 -27.10 2.38 1.22
N SER A 117 -26.46 2.94 2.24
CA SER A 117 -26.79 4.27 2.74
C SER A 117 -25.67 4.75 3.65
N GLU A 118 -25.97 5.77 4.46
CA GLU A 118 -24.94 6.42 5.26
C GLU A 118 -24.57 5.57 6.48
N ASP A 119 -25.56 5.27 7.31
CA ASP A 119 -25.39 4.42 8.47
C ASP A 119 -25.56 2.95 8.12
N SER A 120 -26.01 2.66 6.90
CA SER A 120 -26.53 1.35 6.54
C SER A 120 -25.92 0.88 5.23
N ILE A 121 -25.05 -0.12 5.30
CA ILE A 121 -24.31 -0.59 4.14
C ILE A 121 -24.57 -2.07 3.94
N ILE A 122 -24.23 -2.55 2.76
CA ILE A 122 -24.31 -3.96 2.44
C ILE A 122 -23.02 -4.65 2.88
N GLY A 123 -23.15 -5.74 3.62
CA GLY A 123 -22.01 -6.54 4.03
C GLY A 123 -22.10 -7.91 3.41
N VAL A 124 -20.94 -8.49 3.09
CA VAL A 124 -20.85 -9.83 2.53
C VAL A 124 -19.73 -10.58 3.23
N THR A 125 -20.04 -11.75 3.76
CA THR A 125 -19.10 -12.55 4.53
C THR A 125 -18.70 -13.78 3.74
N GLU A 126 -17.43 -14.13 3.85
CA GLU A 126 -16.84 -15.21 3.07
C GLU A 126 -16.01 -16.09 4.00
N PRO A 127 -15.79 -17.35 3.61
CA PRO A 127 -14.91 -18.21 4.42
C PRO A 127 -13.45 -17.81 4.31
N ARG A 128 -12.93 -17.68 3.09
CA ARG A 128 -11.51 -17.41 2.88
C ARG A 128 -11.22 -15.91 2.94
N ARG A 129 -9.98 -15.60 3.33
CA ARG A 129 -9.47 -14.24 3.13
C ARG A 129 -9.36 -13.91 1.64
N VAL A 130 -8.86 -14.86 0.85
CA VAL A 130 -8.66 -14.63 -0.58
C VAL A 130 -9.98 -14.24 -1.24
N ALA A 131 -11.03 -15.02 -0.99
CA ALA A 131 -12.31 -14.75 -1.63
C ALA A 131 -12.87 -13.39 -1.23
N ALA A 132 -12.56 -12.92 -0.02
CA ALA A 132 -12.99 -11.58 0.38
C ALA A 132 -12.34 -10.50 -0.48
N VAL A 133 -11.01 -10.52 -0.56
CA VAL A 133 -10.27 -9.49 -1.29
C VAL A 133 -10.57 -9.58 -2.79
N ALA A 134 -10.45 -10.78 -3.36
CA ALA A 134 -10.72 -10.96 -4.78
C ALA A 134 -12.13 -10.51 -5.15
N MET A 135 -13.12 -10.91 -4.37
CA MET A 135 -14.51 -10.54 -4.65
C MET A 135 -14.70 -9.03 -4.53
N SER A 136 -14.07 -8.41 -3.53
CA SER A 136 -14.11 -6.95 -3.42
C SER A 136 -13.59 -6.31 -4.69
N GLN A 137 -12.49 -6.83 -5.23
CA GLN A 137 -11.90 -6.23 -6.42
C GLN A 137 -12.78 -6.47 -7.65
N ARG A 138 -13.25 -7.70 -7.85
CA ARG A 138 -14.04 -8.01 -9.05
C ARG A 138 -15.33 -7.20 -9.08
N VAL A 139 -16.03 -7.12 -7.95
CA VAL A 139 -17.25 -6.31 -7.90
C VAL A 139 -16.94 -4.84 -8.16
N ALA A 140 -15.90 -4.33 -7.50
CA ALA A 140 -15.52 -2.93 -7.67
C ALA A 140 -15.16 -2.62 -9.13
N LYS A 141 -14.61 -3.59 -9.86
CA LYS A 141 -14.32 -3.36 -11.27
C LYS A 141 -15.56 -3.66 -12.13
N GLU A 142 -16.34 -4.68 -11.76
CA GLU A 142 -17.59 -4.94 -12.49
C GLU A 142 -18.56 -3.78 -12.37
N MET A 143 -18.71 -3.21 -11.17
CA MET A 143 -19.29 -1.89 -11.07
C MET A 143 -18.22 -0.87 -11.45
N ASN A 144 -18.64 0.37 -11.67
CA ASN A 144 -17.68 1.44 -11.94
C ASN A 144 -17.44 2.22 -10.65
N LEU A 145 -16.76 1.57 -9.71
CA LEU A 145 -16.60 2.13 -8.38
C LEU A 145 -15.19 1.92 -7.86
N SER A 146 -14.75 2.89 -7.07
CA SER A 146 -13.47 2.85 -6.40
C SER A 146 -13.48 1.84 -5.27
N HIS A 147 -12.29 1.35 -4.92
CA HIS A 147 -12.16 0.50 -3.75
C HIS A 147 -12.47 1.26 -2.46
N ARG A 148 -12.57 2.59 -2.52
CA ARG A 148 -13.14 3.36 -1.42
C ARG A 148 -14.61 3.01 -1.21
N VAL A 149 -15.35 2.81 -2.31
CA VAL A 149 -16.76 2.44 -2.20
C VAL A 149 -16.92 0.94 -1.96
N VAL A 150 -16.17 0.12 -2.67
CA VAL A 150 -16.25 -1.33 -2.55
C VAL A 150 -14.95 -1.81 -1.92
N SER A 151 -15.03 -2.33 -0.70
CA SER A 151 -13.82 -2.62 0.06
C SER A 151 -13.89 -4.01 0.67
N TYR A 152 -12.73 -4.47 1.13
CA TYR A 152 -12.60 -5.70 1.86
C TYR A 152 -11.97 -5.40 3.22
N GLN A 153 -12.42 -6.13 4.24
CA GLN A 153 -11.70 -6.16 5.51
C GLN A 153 -11.39 -7.62 5.81
N ILE A 154 -10.12 -7.91 6.07
CA ILE A 154 -9.73 -9.26 6.48
C ILE A 154 -8.95 -9.14 7.78
N ARG A 155 -8.24 -10.21 8.16
CA ARG A 155 -7.71 -10.31 9.51
C ARG A 155 -6.73 -9.19 9.82
N TYR A 156 -5.62 -9.11 9.08
CA TYR A 156 -4.59 -8.11 9.33
C TYR A 156 -4.47 -7.11 8.17
N GLU A 157 -5.53 -6.91 7.39
CA GLU A 157 -5.49 -5.94 6.31
C GLU A 157 -6.86 -5.27 6.20
N GLY A 158 -6.89 -4.14 5.50
CA GLY A 158 -8.11 -3.35 5.42
C GLY A 158 -8.25 -2.59 4.12
N ASN A 159 -9.50 -2.22 3.82
CA ASN A 159 -9.82 -1.48 2.61
C ASN A 159 -10.97 -0.50 2.85
N VAL A 160 -11.57 -0.49 4.04
CA VAL A 160 -12.87 0.16 4.26
C VAL A 160 -12.71 1.65 4.52
N THR A 161 -13.71 2.41 4.10
CA THR A 161 -13.78 3.86 4.29
C THR A 161 -15.23 4.22 4.59
N GLU A 162 -15.44 5.42 5.15
CA GLU A 162 -16.78 6.00 5.18
C GLU A 162 -17.43 5.99 3.81
N GLU A 163 -16.64 6.04 2.74
CA GLU A 163 -17.16 5.89 1.38
C GLU A 163 -17.71 4.48 1.14
N THR A 164 -17.23 3.49 1.89
CA THR A 164 -17.57 2.09 1.60
C THR A 164 -19.06 1.84 1.75
N ARG A 165 -19.67 1.31 0.69
CA ARG A 165 -21.09 0.96 0.67
C ARG A 165 -21.33 -0.53 0.48
N ILE A 166 -20.43 -1.22 -0.21
CA ILE A 166 -20.40 -2.68 -0.24
C ILE A 166 -19.13 -3.10 0.48
N LYS A 167 -19.27 -3.92 1.51
CA LYS A 167 -18.14 -4.36 2.31
C LYS A 167 -18.00 -5.87 2.20
N PHE A 168 -16.80 -6.31 1.84
CA PHE A 168 -16.48 -7.72 1.80
C PHE A 168 -15.58 -8.06 2.99
N MET A 169 -15.83 -9.22 3.59
CA MET A 169 -15.24 -9.54 4.86
C MET A 169 -15.19 -11.05 5.04
N THR A 170 -14.37 -11.48 5.97
CA THR A 170 -14.42 -12.86 6.41
C THR A 170 -15.49 -13.00 7.50
N ASP A 171 -15.97 -14.24 7.66
CA ASP A 171 -17.03 -14.49 8.63
C ASP A 171 -16.58 -14.15 10.04
N GLY A 172 -15.30 -14.40 10.35
CA GLY A 172 -14.77 -14.03 11.66
C GLY A 172 -14.74 -12.53 11.89
N VAL A 173 -14.52 -11.76 10.82
CA VAL A 173 -14.54 -10.30 10.97
C VAL A 173 -15.94 -9.83 11.34
N LEU A 174 -16.97 -10.44 10.73
CA LEU A 174 -18.34 -10.06 11.11
C LEU A 174 -18.63 -10.44 12.55
N LEU A 175 -18.15 -11.60 13.01
CA LEU A 175 -18.34 -11.97 14.41
C LEU A 175 -17.74 -10.94 15.34
N LYS A 176 -16.51 -10.48 15.04
CA LYS A 176 -15.89 -9.47 15.90
C LYS A 176 -16.66 -8.16 15.88
N GLU A 177 -17.24 -7.80 14.75
CA GLU A 177 -18.12 -6.64 14.73
C GLU A 177 -19.36 -6.88 15.60
N ILE A 178 -19.90 -8.10 15.55
CA ILE A 178 -21.05 -8.44 16.39
C ILE A 178 -20.69 -8.28 17.86
N GLN A 179 -19.45 -8.58 18.24
CA GLN A 179 -19.00 -8.29 19.59
C GLN A 179 -19.09 -6.80 19.89
N LYS A 180 -18.53 -5.97 19.01
CA LYS A 180 -18.49 -4.53 19.26
C LYS A 180 -19.88 -3.93 19.29
N ASP A 181 -20.71 -4.25 18.29
CA ASP A 181 -22.11 -3.85 18.30
C ASP A 181 -22.95 -5.03 17.85
N PHE A 182 -23.72 -5.61 18.78
CA PHE A 182 -24.49 -6.79 18.45
C PHE A 182 -25.64 -6.49 17.48
N LEU A 183 -26.09 -5.25 17.42
CA LEU A 183 -27.21 -4.93 16.55
C LEU A 183 -26.81 -4.74 15.09
N LEU A 184 -25.51 -4.65 14.80
CA LEU A 184 -25.02 -4.42 13.45
C LEU A 184 -25.73 -3.22 12.81
N LEU A 185 -25.76 -2.12 13.55
CA LEU A 185 -26.42 -0.92 13.07
C LEU A 185 -25.79 -0.44 11.76
N LYS A 186 -24.47 -0.53 11.65
CA LYS A 186 -23.75 -0.08 10.47
C LYS A 186 -24.10 -0.89 9.22
N TYR A 187 -24.92 -1.93 9.38
CA TYR A 187 -25.33 -2.79 8.27
C TYR A 187 -26.84 -2.74 8.13
N LYS A 188 -27.33 -2.55 6.91
CA LYS A 188 -28.73 -2.75 6.57
C LYS A 188 -28.99 -4.05 5.85
N VAL A 189 -27.97 -4.61 5.19
CA VAL A 189 -28.04 -5.93 4.59
C VAL A 189 -26.75 -6.66 4.92
N VAL A 190 -26.88 -7.90 5.39
CA VAL A 190 -25.74 -8.78 5.56
C VAL A 190 -25.96 -10.01 4.70
N ILE A 191 -24.97 -10.33 3.87
CA ILE A 191 -25.00 -11.54 3.05
C ILE A 191 -23.98 -12.50 3.61
N ILE A 192 -24.41 -13.74 3.87
CA ILE A 192 -23.52 -14.79 4.32
C ILE A 192 -23.35 -15.76 3.18
N ASP A 193 -22.15 -15.80 2.61
CA ASP A 193 -21.85 -16.57 1.43
C ASP A 193 -21.13 -17.85 1.80
N GLU A 194 -21.22 -18.84 0.91
CA GLU A 194 -20.63 -20.15 1.14
C GLU A 194 -21.11 -20.73 2.46
N ALA A 195 -22.42 -20.63 2.68
CA ALA A 195 -23.04 -21.27 3.83
C ALA A 195 -22.93 -22.79 3.73
N HIS A 196 -22.92 -23.32 2.51
CA HIS A 196 -22.80 -24.75 2.31
C HIS A 196 -21.49 -25.30 2.87
N GLU A 197 -20.46 -24.46 2.95
CA GLU A 197 -19.23 -24.91 3.58
C GLU A 197 -19.42 -25.17 5.08
N ARG A 198 -20.39 -24.51 5.69
CA ARG A 198 -20.77 -24.76 7.08
C ARG A 198 -19.55 -24.70 8.00
N SER A 199 -18.75 -23.65 7.83
CA SER A 199 -17.67 -23.46 8.77
C SER A 199 -18.23 -23.01 10.11
N VAL A 200 -17.41 -23.17 11.14
CA VAL A 200 -17.82 -22.83 12.50
C VAL A 200 -18.34 -21.39 12.57
N TYR A 201 -17.72 -20.49 11.80
CA TYR A 201 -18.10 -19.08 11.87
C TYR A 201 -19.38 -18.79 11.09
N THR A 202 -19.57 -19.46 9.95
CA THR A 202 -20.87 -19.35 9.27
C THR A 202 -22.00 -19.74 10.22
N ASP A 203 -21.81 -20.84 10.96
CA ASP A 203 -22.86 -21.31 11.87
C ASP A 203 -23.13 -20.29 12.97
N ILE A 204 -22.09 -19.87 13.69
CA ILE A 204 -22.27 -18.89 14.75
C ILE A 204 -22.88 -17.61 14.18
N LEU A 205 -22.52 -17.25 12.95
CA LEU A 205 -23.09 -16.06 12.32
C LEU A 205 -24.57 -16.23 12.04
N LEU A 206 -24.95 -17.38 11.46
CA LEU A 206 -26.34 -17.58 11.07
C LEU A 206 -27.26 -17.60 12.28
N GLY A 207 -26.87 -18.31 13.33
CA GLY A 207 -27.67 -18.32 14.55
C GLY A 207 -27.79 -16.94 15.18
N LEU A 208 -26.68 -16.21 15.22
CA LEU A 208 -26.69 -14.87 15.81
C LEU A 208 -27.55 -13.91 14.98
N LEU A 209 -27.41 -13.97 13.66
CA LEU A 209 -28.09 -13.00 12.81
C LEU A 209 -29.61 -13.17 12.85
N SER A 210 -30.09 -14.40 13.01
CA SER A 210 -31.53 -14.61 13.21
C SER A 210 -32.04 -13.78 14.39
N ARG A 211 -31.29 -13.78 15.49
CA ARG A 211 -31.64 -12.96 16.64
C ARG A 211 -31.47 -11.48 16.32
N ILE A 212 -30.37 -11.11 15.65
CA ILE A 212 -30.13 -9.71 15.29
C ILE A 212 -31.23 -9.19 14.38
N VAL A 213 -31.57 -9.98 13.35
CA VAL A 213 -32.68 -9.61 12.47
C VAL A 213 -33.94 -9.35 13.29
N ALA A 214 -34.20 -10.20 14.28
CA ALA A 214 -35.39 -10.03 15.12
C ALA A 214 -35.28 -8.77 15.95
N LEU A 215 -34.13 -8.54 16.59
CA LEU A 215 -33.97 -7.37 17.44
C LEU A 215 -34.02 -6.08 16.62
N ARG A 216 -33.41 -6.09 15.44
CA ARG A 216 -33.48 -4.92 14.56
C ARG A 216 -34.90 -4.67 14.09
N ALA A 217 -35.64 -5.73 13.76
CA ALA A 217 -36.99 -5.58 13.23
C ALA A 217 -37.90 -4.90 14.24
N LYS A 218 -37.87 -5.35 15.50
CA LYS A 218 -38.71 -4.73 16.51
C LYS A 218 -38.29 -3.29 16.79
N ARG A 219 -37.01 -2.96 16.59
CA ARG A 219 -36.60 -1.56 16.60
C ARG A 219 -37.08 -0.79 15.38
N HIS A 220 -37.80 -1.45 14.47
CA HIS A 220 -38.28 -0.84 13.23
C HIS A 220 -37.13 -0.31 12.38
N LEU A 221 -35.98 -0.99 12.46
CA LEU A 221 -34.84 -0.75 11.59
C LEU A 221 -34.49 -2.07 10.91
N PRO A 222 -35.28 -2.49 9.93
CA PRO A 222 -35.13 -3.86 9.38
C PRO A 222 -33.73 -4.11 8.85
N LEU A 223 -33.14 -5.21 9.30
CA LEU A 223 -31.90 -5.73 8.76
C LEU A 223 -32.24 -6.93 7.88
N LYS A 224 -31.76 -6.89 6.65
CA LYS A 224 -31.98 -7.99 5.72
C LYS A 224 -30.78 -8.93 5.74
N LEU A 225 -31.08 -10.22 5.87
CA LEU A 225 -30.08 -11.27 5.81
C LEU A 225 -30.33 -12.09 4.55
N LEU A 226 -29.30 -12.21 3.71
CA LEU A 226 -29.33 -13.10 2.56
C LEU A 226 -28.32 -14.22 2.77
N ILE A 227 -28.78 -15.45 2.67
CA ILE A 227 -27.92 -16.62 2.81
C ILE A 227 -27.69 -17.20 1.43
N MET A 228 -26.44 -17.17 0.98
CA MET A 228 -26.06 -17.68 -0.32
C MET A 228 -25.33 -19.01 -0.18
N SER A 229 -25.83 -20.03 -0.85
CA SER A 229 -25.29 -21.38 -0.78
C SER A 229 -25.04 -21.90 -2.18
N ALA A 230 -23.84 -22.44 -2.41
CA ALA A 230 -23.58 -23.08 -3.68
C ALA A 230 -24.40 -24.35 -3.84
N THR A 231 -24.53 -25.14 -2.78
CA THR A 231 -25.27 -26.39 -2.90
C THR A 231 -26.77 -26.17 -2.75
N LEU A 232 -27.52 -27.19 -3.15
CA LEU A 232 -28.96 -27.06 -3.26
C LEU A 232 -29.68 -27.24 -1.93
N ARG A 233 -29.12 -28.03 -1.02
CA ARG A 233 -29.82 -28.41 0.20
C ARG A 233 -29.56 -27.41 1.31
N VAL A 234 -30.64 -26.91 1.91
CA VAL A 234 -30.56 -25.93 2.98
C VAL A 234 -31.47 -26.39 4.11
N GLU A 235 -31.68 -27.71 4.22
CA GLU A 235 -32.60 -28.27 5.20
C GLU A 235 -32.32 -27.77 6.60
N ASP A 236 -31.04 -27.66 6.97
CA ASP A 236 -30.70 -27.16 8.29
C ASP A 236 -31.08 -25.70 8.47
N PHE A 237 -31.41 -25.01 7.37
CA PHE A 237 -31.88 -23.63 7.46
C PHE A 237 -33.40 -23.53 7.29
N THR A 238 -33.95 -24.21 6.28
CA THR A 238 -35.38 -24.09 6.02
C THR A 238 -36.20 -24.86 7.06
N GLN A 239 -35.77 -26.06 7.43
CA GLN A 239 -36.55 -26.90 8.34
C GLN A 239 -36.27 -26.61 9.81
N ASN A 240 -35.26 -25.81 10.13
CA ASN A 240 -34.80 -25.59 11.50
C ASN A 240 -35.72 -24.60 12.20
N GLN A 241 -36.50 -25.08 13.16
CA GLN A 241 -37.48 -24.23 13.83
C GLN A 241 -36.81 -23.21 14.73
N ARG A 242 -35.71 -23.59 15.41
CA ARG A 242 -35.04 -22.66 16.31
C ARG A 242 -34.29 -21.57 15.55
N LEU A 243 -33.70 -21.91 14.40
CA LEU A 243 -32.93 -20.92 13.65
C LEU A 243 -33.84 -19.89 13.00
N PHE A 244 -34.74 -20.33 12.13
CA PHE A 244 -35.71 -19.45 11.50
C PHE A 244 -37.10 -20.02 11.71
N THR A 245 -37.89 -19.33 12.55
CA THR A 245 -39.23 -19.80 12.89
C THR A 245 -40.08 -19.99 11.65
N THR A 246 -39.91 -19.14 10.64
CA THR A 246 -40.56 -19.29 9.35
C THR A 246 -39.51 -19.62 8.29
N PRO A 247 -39.70 -20.69 7.52
CA PRO A 247 -38.68 -21.06 6.53
C PRO A 247 -38.50 -19.96 5.50
N PRO A 248 -37.27 -19.47 5.34
CA PRO A 248 -37.05 -18.38 4.38
C PRO A 248 -37.23 -18.87 2.97
N PRO A 249 -37.77 -18.04 2.07
CA PRO A 249 -37.88 -18.43 0.67
C PRO A 249 -36.53 -18.83 0.11
N VAL A 250 -36.52 -19.87 -0.71
CA VAL A 250 -35.31 -20.38 -1.33
C VAL A 250 -35.38 -20.10 -2.82
N ILE A 251 -34.37 -19.40 -3.34
CA ILE A 251 -34.27 -19.07 -4.75
C ILE A 251 -33.13 -19.89 -5.34
N LYS A 252 -33.42 -20.60 -6.41
CA LYS A 252 -32.41 -21.40 -7.10
C LYS A 252 -32.06 -20.75 -8.43
N VAL A 253 -30.78 -20.49 -8.62
CA VAL A 253 -30.25 -19.88 -9.84
C VAL A 253 -29.46 -20.93 -10.58
N GLU A 254 -29.89 -21.27 -11.80
CA GLU A 254 -29.11 -22.16 -12.64
C GLU A 254 -27.92 -21.40 -13.20
N SER A 255 -26.90 -22.14 -13.62
CA SER A 255 -25.69 -21.56 -14.19
C SER A 255 -25.22 -22.41 -15.38
N ARG A 256 -24.23 -21.89 -16.11
CA ARG A 256 -23.71 -22.60 -17.28
C ARG A 256 -22.42 -23.37 -16.99
N PHE A 258 -20.64 -26.14 -18.50
CA PHE A 258 -19.61 -26.84 -19.28
C PHE A 258 -19.50 -28.30 -18.82
N PRO A 259 -20.51 -29.09 -19.23
CA PRO A 259 -20.87 -30.32 -18.49
C PRO A 259 -19.73 -31.27 -18.14
N VAL A 260 -19.88 -31.94 -16.99
CA VAL A 260 -18.87 -32.81 -16.42
C VAL A 260 -19.26 -34.27 -16.61
N THR A 261 -18.38 -35.04 -17.23
CA THR A 261 -18.62 -36.47 -17.47
C THR A 261 -18.07 -37.30 -16.33
N VAL A 262 -18.91 -38.17 -15.77
CA VAL A 262 -18.57 -38.94 -14.57
C VAL A 262 -18.49 -40.42 -14.95
N HIS A 263 -17.37 -41.05 -14.60
CA HIS A 263 -17.13 -42.46 -14.91
C HIS A 263 -16.81 -43.22 -13.63
N PHE A 264 -17.56 -44.29 -13.38
CA PHE A 264 -17.37 -45.13 -12.20
C PHE A 264 -16.69 -46.43 -12.59
N ASN A 265 -15.91 -46.98 -11.67
CA ASN A 265 -15.20 -48.22 -11.93
C ASN A 265 -15.21 -49.13 -10.70
N ASP A 271 -8.71 -50.72 -2.49
CA ASP A 271 -7.54 -51.13 -1.72
C ASP A 271 -6.56 -49.96 -1.57
N ASP A 272 -5.82 -49.67 -2.63
CA ASP A 272 -4.95 -48.50 -2.68
C ASP A 272 -5.46 -47.59 -3.79
N TYR A 273 -5.91 -46.40 -3.41
CA TYR A 273 -6.32 -45.44 -4.44
C TYR A 273 -5.12 -44.93 -5.22
N SER A 274 -3.94 -44.95 -4.63
CA SER A 274 -2.74 -44.45 -5.30
C SER A 274 -2.42 -45.27 -6.55
N GLY A 275 -2.54 -46.59 -6.46
CA GLY A 275 -2.20 -47.42 -7.61
C GLY A 275 -3.14 -47.20 -8.79
N GLU A 276 -4.45 -47.26 -8.56
CA GLU A 276 -5.41 -47.06 -9.64
C GLU A 276 -5.25 -45.69 -10.27
N CYS A 277 -4.89 -44.69 -9.47
CA CYS A 277 -4.72 -43.35 -10.01
C CYS A 277 -3.55 -43.29 -10.99
N PHE A 278 -2.42 -43.89 -10.61
CA PHE A 278 -1.31 -44.04 -11.55
C PHE A 278 -1.78 -44.69 -12.84
N ARG A 279 -2.60 -45.75 -12.72
CA ARG A 279 -3.16 -46.38 -13.91
C ARG A 279 -4.07 -45.43 -14.67
N LYS A 280 -5.01 -44.78 -13.97
CA LYS A 280 -5.93 -43.87 -14.63
C LYS A 280 -5.18 -42.72 -15.33
N VAL A 281 -4.24 -42.10 -14.63
CA VAL A 281 -3.43 -41.05 -15.24
C VAL A 281 -2.63 -41.60 -16.41
N CYS A 282 -2.14 -42.84 -16.27
CA CYS A 282 -1.47 -43.50 -17.39
C CYS A 282 -2.43 -43.74 -18.54
N LYS A 283 -3.57 -44.36 -18.25
CA LYS A 283 -4.53 -44.73 -19.30
C LYS A 283 -5.06 -43.49 -20.02
N ILE A 284 -5.44 -42.47 -19.25
CA ILE A 284 -5.93 -41.23 -19.85
C ILE A 284 -4.89 -40.65 -20.78
N HIS A 285 -3.66 -40.54 -20.30
CA HIS A 285 -2.67 -39.74 -21.01
C HIS A 285 -2.31 -40.35 -22.36
N ARG A 286 -2.08 -41.66 -22.39
CA ARG A 286 -1.82 -42.31 -23.66
C ARG A 286 -3.01 -42.20 -24.60
N MET A 287 -4.23 -42.19 -24.05
CA MET A 287 -5.45 -42.39 -24.85
C MET A 287 -6.09 -41.08 -25.31
N LEU A 288 -6.19 -40.09 -24.44
CA LEU A 288 -7.13 -38.98 -24.61
C LEU A 288 -6.45 -37.73 -25.16
N PRO A 289 -7.24 -36.80 -25.71
CA PRO A 289 -6.67 -35.55 -26.21
C PRO A 289 -6.08 -34.68 -25.11
N ALA A 290 -5.23 -33.75 -25.54
CA ALA A 290 -4.49 -32.90 -24.62
C ALA A 290 -5.43 -32.04 -23.79
N GLY A 291 -5.25 -32.14 -22.48
CA GLY A 291 -6.05 -31.37 -21.53
C GLY A 291 -5.52 -31.60 -20.14
N GLY A 292 -5.79 -30.64 -19.27
CA GLY A 292 -5.24 -30.70 -17.92
C GLY A 292 -5.75 -31.91 -17.17
N ILE A 293 -4.85 -32.53 -16.41
CA ILE A 293 -5.19 -33.66 -15.55
C ILE A 293 -5.04 -33.20 -14.10
N LEU A 294 -6.10 -33.39 -13.32
CA LEU A 294 -6.05 -33.16 -11.89
C LEU A 294 -6.36 -34.46 -11.18
N VAL A 295 -5.53 -34.82 -10.20
CA VAL A 295 -5.82 -35.96 -9.36
C VAL A 295 -5.93 -35.49 -7.92
N PHE A 296 -7.00 -35.89 -7.25
CA PHE A 296 -7.15 -35.69 -5.83
C PHE A 296 -6.52 -36.87 -5.10
N LEU A 297 -5.69 -36.57 -4.10
CA LEU A 297 -5.15 -37.57 -3.20
C LEU A 297 -5.36 -37.11 -1.77
N THR A 298 -5.12 -38.04 -0.85
CA THR A 298 -5.50 -37.81 0.53
C THR A 298 -4.53 -36.87 1.25
N GLY A 299 -3.22 -37.11 1.09
CA GLY A 299 -2.22 -36.35 1.82
C GLY A 299 -0.98 -36.06 0.99
N GLN A 300 -0.05 -35.35 1.62
CA GLN A 300 1.11 -34.82 0.90
C GLN A 300 2.01 -35.94 0.40
N ALA A 301 2.17 -37.00 1.19
CA ALA A 301 3.10 -38.06 0.80
C ALA A 301 2.59 -38.85 -0.39
N GLU A 302 1.27 -39.08 -0.46
CA GLU A 302 0.69 -39.65 -1.66
C GLU A 302 0.93 -38.76 -2.86
N VAL A 303 0.74 -37.46 -2.67
CA VAL A 303 0.97 -36.48 -3.72
C VAL A 303 2.39 -36.60 -4.24
N HIS A 304 3.38 -36.62 -3.34
CA HIS A 304 4.77 -36.74 -3.74
C HIS A 304 5.09 -38.11 -4.31
N ALA A 305 4.50 -39.17 -3.73
CA ALA A 305 4.72 -40.50 -4.27
C ALA A 305 4.26 -40.60 -5.71
N LEU A 306 3.11 -40.00 -6.02
CA LEU A 306 2.58 -40.11 -7.38
C LEU A 306 3.37 -39.22 -8.34
N CYS A 307 3.82 -38.06 -7.87
CA CYS A 307 4.55 -37.15 -8.76
C CYS A 307 5.88 -37.73 -9.16
N ARG A 308 6.64 -38.24 -8.19
CA ARG A 308 7.91 -38.87 -8.50
C ARG A 308 7.70 -40.11 -9.37
N ARG A 309 6.66 -40.91 -9.07
CA ARG A 309 6.37 -42.08 -9.86
C ARG A 309 6.01 -41.71 -11.29
N LEU A 310 5.19 -40.67 -11.46
CA LEU A 310 4.82 -40.24 -12.81
C LEU A 310 6.00 -39.64 -13.56
N ARG A 311 6.88 -38.90 -12.86
CA ARG A 311 8.07 -38.39 -13.50
C ARG A 311 8.96 -39.52 -14.00
N LYS A 312 9.06 -40.60 -13.22
CA LYS A 312 9.77 -41.78 -13.70
C LYS A 312 9.09 -42.39 -14.91
N ALA A 313 7.75 -42.36 -14.92
CA ALA A 313 7.01 -42.94 -16.05
C ALA A 313 7.34 -42.22 -17.35
N PHE A 314 7.68 -40.93 -17.29
CA PHE A 314 8.04 -40.18 -18.47
C PHE A 314 9.41 -39.52 -18.33
N LEU A 404 3.57 -39.67 -23.75
CA LEU A 404 4.34 -38.82 -24.64
C LEU A 404 4.65 -37.46 -23.92
N PRO A 405 3.71 -36.48 -23.81
CA PRO A 405 4.07 -35.26 -23.07
C PRO A 405 3.55 -35.29 -21.63
N LEU A 406 4.30 -34.84 -20.63
CA LEU A 406 3.70 -34.78 -19.28
C LEU A 406 4.49 -33.87 -18.39
N HIS A 407 3.84 -32.79 -17.90
CA HIS A 407 4.37 -31.92 -16.85
C HIS A 407 3.67 -32.31 -15.55
N VAL A 408 4.44 -32.87 -14.65
CA VAL A 408 3.88 -33.35 -13.38
C VAL A 408 4.17 -32.32 -12.29
N LEU A 409 3.14 -31.93 -11.55
CA LEU A 409 3.26 -30.91 -10.52
C LEU A 409 2.47 -31.40 -9.32
N PRO A 410 3.10 -31.50 -8.16
CA PRO A 410 2.37 -31.89 -6.95
C PRO A 410 1.81 -30.67 -6.23
N LEU A 411 0.55 -30.72 -5.80
CA LEU A 411 -0.02 -29.56 -5.12
C LEU A 411 -0.57 -29.96 -3.75
N TYR A 412 -0.12 -29.23 -2.73
CA TYR A 412 -0.65 -29.36 -1.38
C TYR A 412 -0.52 -27.99 -0.72
N SER A 413 -1.42 -27.72 0.22
CA SER A 413 -1.53 -26.36 0.77
C SER A 413 -0.20 -25.83 1.28
N LEU A 414 0.55 -26.66 2.00
CA LEU A 414 1.80 -26.21 2.60
C LEU A 414 2.95 -26.13 1.61
N LEU A 415 2.71 -26.43 0.34
CA LEU A 415 3.77 -26.32 -0.64
C LEU A 415 4.24 -24.87 -0.70
N ALA A 416 5.53 -24.70 -0.94
CA ALA A 416 6.08 -23.36 -1.03
C ALA A 416 5.31 -22.57 -2.08
N PRO A 417 4.95 -21.32 -1.79
CA PRO A 417 4.17 -20.54 -2.76
C PRO A 417 4.76 -20.50 -4.16
N GLU A 418 6.09 -20.53 -4.28
CA GLU A 418 6.72 -20.60 -5.60
C GLU A 418 6.31 -21.89 -6.32
N LYS A 419 6.60 -23.04 -5.72
CA LYS A 419 6.26 -24.32 -6.33
C LYS A 419 4.76 -24.44 -6.54
N GLN A 420 3.97 -23.94 -5.58
CA GLN A 420 2.53 -23.87 -5.74
C GLN A 420 2.14 -23.19 -7.05
N ALA A 421 2.75 -22.03 -7.32
CA ALA A 421 2.33 -21.21 -8.44
C ALA A 421 2.54 -21.88 -9.78
N GLN A 422 3.45 -22.86 -9.83
CA GLN A 422 3.77 -23.51 -11.10
C GLN A 422 2.54 -24.14 -11.75
N VAL A 423 1.56 -24.54 -10.94
CA VAL A 423 0.39 -25.24 -11.46
C VAL A 423 -0.43 -24.32 -12.36
N PHE A 424 -0.65 -23.08 -11.93
CA PHE A 424 -1.56 -22.20 -12.65
C PHE A 424 -1.01 -21.83 -14.02
N LYS A 425 0.29 -21.53 -14.11
CA LYS A 425 0.88 -21.18 -15.40
C LYS A 425 0.80 -22.37 -16.36
N PRO A 426 0.52 -22.13 -17.64
CA PRO A 426 0.31 -23.24 -18.59
C PRO A 426 1.58 -24.05 -18.80
N PRO A 427 1.46 -25.29 -19.28
CA PRO A 427 2.58 -26.21 -19.23
C PRO A 427 3.61 -25.90 -20.30
N PRO A 428 4.91 -26.02 -19.99
CA PRO A 428 5.97 -25.89 -20.99
C PRO A 428 5.77 -26.87 -22.14
N GLY A 430 5.20 -29.16 -25.46
CA GLY A 430 5.28 -30.60 -25.70
C GLY A 430 5.24 -31.40 -24.41
N THR A 431 4.35 -30.97 -23.52
CA THR A 431 4.34 -31.47 -22.16
C THR A 431 2.94 -31.22 -21.59
N ARG A 432 2.25 -32.29 -21.21
CA ARG A 432 0.87 -32.17 -20.72
C ARG A 432 0.88 -31.96 -19.21
N LEU A 433 -0.16 -31.30 -18.70
CA LEU A 433 -0.24 -30.94 -17.30
C LEU A 433 -1.04 -31.99 -16.55
N CYS A 434 -0.45 -32.53 -15.49
CA CYS A 434 -1.16 -33.42 -14.56
C CYS A 434 -0.71 -33.04 -13.15
N VAL A 435 -1.67 -32.68 -12.30
CA VAL A 435 -1.37 -32.13 -10.98
C VAL A 435 -1.92 -33.09 -9.94
N VAL A 436 -1.07 -33.47 -9.00
CA VAL A 436 -1.43 -34.38 -7.93
C VAL A 436 -1.70 -33.55 -6.68
N ALA A 437 -2.95 -33.52 -6.21
CA ALA A 437 -3.35 -32.53 -5.24
C ALA A 437 -4.22 -33.15 -4.15
N THR A 438 -4.28 -32.45 -3.02
CA THR A 438 -5.19 -32.73 -1.93
C THR A 438 -6.48 -31.92 -2.15
N ASN A 439 -7.30 -31.74 -1.11
CA ASN A 439 -8.54 -30.97 -1.26
C ASN A 439 -8.30 -29.53 -1.69
N VAL A 440 -7.07 -29.02 -1.61
CA VAL A 440 -6.78 -27.65 -2.01
C VAL A 440 -7.32 -27.37 -3.40
N ALA A 441 -7.16 -28.32 -4.32
CA ALA A 441 -7.69 -28.16 -5.66
C ALA A 441 -9.22 -28.12 -5.67
N GLU A 442 -9.86 -28.74 -4.67
CA GLU A 442 -11.32 -28.83 -4.68
C GLU A 442 -11.98 -27.48 -4.46
N THR A 443 -11.48 -26.68 -3.51
CA THR A 443 -12.07 -25.38 -3.20
C THR A 443 -11.03 -24.26 -3.32
N SER A 444 -9.90 -24.47 -2.65
CA SER A 444 -8.95 -23.38 -2.39
C SER A 444 -8.34 -22.86 -3.67
N LEU A 445 -7.98 -23.75 -4.58
CA LEU A 445 -7.39 -23.37 -5.85
C LEU A 445 -8.30 -23.78 -6.99
N THR A 446 -8.38 -22.92 -7.99
CA THR A 446 -9.15 -23.14 -9.21
C THR A 446 -8.17 -23.14 -10.37
N ILE A 447 -8.04 -24.27 -11.03
CA ILE A 447 -7.01 -24.47 -12.06
C ILE A 447 -7.67 -24.43 -13.42
N PRO A 448 -7.28 -23.49 -14.29
CA PRO A 448 -8.08 -23.25 -15.50
C PRO A 448 -7.91 -24.31 -16.57
N GLY A 449 -6.71 -24.87 -16.71
CA GLY A 449 -6.44 -25.77 -17.81
C GLY A 449 -6.82 -27.22 -17.61
N ILE A 450 -7.55 -27.55 -16.55
CA ILE A 450 -7.81 -28.94 -16.19
C ILE A 450 -9.04 -29.46 -16.93
N LYS A 451 -8.92 -30.66 -17.50
CA LYS A 451 -9.99 -31.30 -18.25
C LYS A 451 -10.27 -32.73 -17.84
N TYR A 452 -9.36 -33.38 -17.10
CA TYR A 452 -9.56 -34.74 -16.64
C TYR A 452 -9.22 -34.80 -15.16
N VAL A 453 -10.16 -35.26 -14.33
CA VAL A 453 -9.91 -35.45 -12.91
C VAL A 453 -10.04 -36.92 -12.56
N VAL A 454 -9.13 -37.39 -11.70
CA VAL A 454 -9.13 -38.73 -11.15
C VAL A 454 -9.40 -38.60 -9.65
N ASP A 455 -10.37 -39.35 -9.13
CA ASP A 455 -10.83 -39.17 -7.77
C ASP A 455 -10.52 -40.39 -6.92
N CYS A 456 -9.76 -40.18 -5.85
CA CYS A 456 -9.52 -41.22 -4.84
C CYS A 456 -10.83 -41.79 -4.31
N GLY A 457 -11.78 -40.91 -4.00
CA GLY A 457 -12.90 -41.28 -3.17
C GLY A 457 -12.63 -41.16 -1.68
N LYS A 458 -11.46 -40.69 -1.28
CA LYS A 458 -11.08 -40.65 0.12
C LYS A 458 -10.54 -39.27 0.51
N VAL A 459 -10.91 -38.84 1.71
CA VAL A 459 -10.46 -37.59 2.32
C VAL A 459 -9.65 -37.91 3.56
N LYS A 460 -8.73 -37.02 3.91
CA LYS A 460 -8.12 -37.01 5.24
C LYS A 460 -8.81 -35.94 6.08
N LYS A 461 -9.18 -36.31 7.30
CA LYS A 461 -9.79 -35.40 8.25
C LYS A 461 -9.10 -35.56 9.60
N ARG A 462 -9.34 -34.59 10.48
CA ARG A 462 -8.81 -34.62 11.84
C ARG A 462 -9.95 -34.81 12.81
N TYR A 463 -9.82 -35.81 13.69
CA TYR A 463 -10.86 -36.17 14.64
C TYR A 463 -10.40 -35.88 16.06
N TYR A 464 -11.22 -35.15 16.80
CA TYR A 464 -11.02 -34.95 18.23
C TYR A 464 -11.88 -35.93 18.99
N ASP A 465 -11.23 -36.74 19.85
CA ASP A 465 -11.92 -37.58 20.82
C ASP A 465 -12.35 -36.72 21.99
N ARG A 466 -13.66 -36.70 22.29
CA ARG A 466 -14.16 -35.86 23.38
C ARG A 466 -13.70 -36.39 24.73
N VAL A 467 -13.81 -37.69 24.96
CA VAL A 467 -13.44 -38.27 26.24
C VAL A 467 -12.00 -37.93 26.59
N THR A 468 -11.08 -38.26 25.68
CA THR A 468 -9.67 -38.02 25.94
C THR A 468 -9.25 -36.59 25.62
N GLY A 469 -9.90 -35.94 24.66
CA GLY A 469 -9.43 -34.69 24.12
C GLY A 469 -8.48 -34.84 22.96
N VAL A 470 -8.07 -36.08 22.67
CA VAL A 470 -6.96 -36.34 21.77
C VAL A 470 -7.39 -36.18 20.31
N SER A 471 -6.44 -35.78 19.48
CA SER A 471 -6.64 -35.62 18.04
C SER A 471 -6.00 -36.77 17.27
N SER A 472 -6.60 -37.09 16.12
CA SER A 472 -6.10 -38.13 15.24
C SER A 472 -6.44 -37.77 13.80
N PHE A 473 -5.69 -38.34 12.86
CA PHE A 473 -5.87 -38.07 11.44
C PHE A 473 -6.21 -39.38 10.74
N ARG A 474 -7.42 -39.48 10.21
CA ARG A 474 -7.90 -40.69 9.58
C ARG A 474 -8.40 -40.38 8.17
N VAL A 475 -8.46 -41.43 7.35
CA VAL A 475 -8.87 -41.34 5.95
C VAL A 475 -10.17 -42.13 5.79
N THR A 476 -11.20 -41.47 5.24
CA THR A 476 -12.52 -42.06 5.11
C THR A 476 -13.06 -41.75 3.72
N TRP A 477 -14.24 -42.29 3.42
CA TRP A 477 -14.89 -42.01 2.14
C TRP A 477 -15.29 -40.55 2.06
N VAL A 478 -15.22 -39.98 0.85
CA VAL A 478 -15.64 -38.59 0.68
C VAL A 478 -17.16 -38.49 0.84
N SER A 479 -17.62 -37.25 1.05
CA SER A 479 -19.05 -36.99 0.92
C SER A 479 -19.43 -36.89 -0.55
N GLN A 480 -20.70 -37.15 -0.84
CA GLN A 480 -21.18 -37.02 -2.22
C GLN A 480 -20.98 -35.60 -2.73
N ALA A 481 -21.26 -34.60 -1.89
CA ALA A 481 -21.05 -33.21 -2.29
C ALA A 481 -19.57 -32.95 -2.54
N SER A 482 -18.68 -33.53 -1.73
CA SER A 482 -17.26 -33.41 -2.00
C SER A 482 -16.88 -34.15 -3.28
N ALA A 483 -17.48 -35.32 -3.50
CA ALA A 483 -17.22 -36.06 -4.73
C ALA A 483 -17.68 -35.28 -5.95
N ASP A 484 -18.87 -34.69 -5.88
CA ASP A 484 -19.37 -33.91 -7.02
C ASP A 484 -18.53 -32.65 -7.24
N GLN A 485 -18.20 -31.94 -6.16
CA GLN A 485 -17.44 -30.71 -6.31
C GLN A 485 -16.07 -30.97 -6.90
N ARG A 486 -15.44 -32.09 -6.52
CA ARG A 486 -14.20 -32.49 -7.18
C ARG A 486 -14.42 -32.68 -8.68
N ALA A 487 -15.55 -33.29 -9.05
CA ALA A 487 -15.85 -33.49 -10.47
C ALA A 487 -16.03 -32.14 -11.18
N GLY A 488 -16.69 -31.20 -10.52
CA GLY A 488 -16.89 -29.88 -11.11
C GLY A 488 -15.59 -29.21 -11.52
N ARG A 489 -14.51 -29.51 -10.80
CA ARG A 489 -13.20 -29.00 -11.18
C ARG A 489 -12.80 -29.43 -12.58
N ALA A 490 -13.22 -30.63 -13.00
CA ALA A 490 -12.84 -31.15 -14.31
C ALA A 490 -13.34 -30.26 -15.44
N GLY A 491 -14.64 -29.97 -15.45
CA GLY A 491 -15.17 -29.28 -16.62
C GLY A 491 -15.62 -27.86 -16.38
N ARG A 492 -14.69 -26.93 -16.13
CA ARG A 492 -15.11 -25.56 -15.90
C ARG A 492 -14.93 -24.62 -17.08
N THR A 493 -13.97 -24.87 -17.99
CA THR A 493 -13.88 -24.05 -19.20
C THR A 493 -13.86 -24.90 -20.46
N GLU A 494 -14.14 -26.20 -20.33
CA GLU A 494 -14.44 -27.11 -21.43
C GLU A 494 -15.18 -28.30 -20.84
N PRO A 495 -15.88 -29.09 -21.67
CA PRO A 495 -16.39 -30.36 -21.15
C PRO A 495 -15.26 -31.18 -20.58
N GLY A 496 -15.48 -31.71 -19.38
CA GLY A 496 -14.44 -32.39 -18.65
C GLY A 496 -14.85 -33.81 -18.31
N HIS A 497 -13.88 -34.56 -17.81
CA HIS A 497 -14.09 -35.95 -17.45
C HIS A 497 -13.68 -36.18 -16.01
N CYS A 498 -14.55 -36.84 -15.26
CA CYS A 498 -14.29 -37.28 -13.91
C CYS A 498 -14.37 -38.79 -13.87
N TYR A 499 -13.29 -39.44 -13.46
CA TYR A 499 -13.27 -40.88 -13.25
C TYR A 499 -13.16 -41.12 -11.76
N ARG A 500 -14.19 -41.74 -11.19
CA ARG A 500 -14.23 -42.03 -9.77
C ARG A 500 -13.69 -43.45 -9.56
N LEU A 501 -12.74 -43.59 -8.64
CA LEU A 501 -12.09 -44.86 -8.35
C LEU A 501 -12.94 -45.72 -7.43
N TYR A 502 -14.18 -45.32 -7.22
CA TYR A 502 -15.15 -46.06 -6.44
C TYR A 502 -16.29 -46.50 -7.36
N SER A 503 -17.05 -47.49 -6.88
CA SER A 503 -18.14 -48.01 -7.67
C SER A 503 -19.34 -47.08 -7.62
N SER A 504 -20.22 -47.22 -8.61
CA SER A 504 -21.50 -46.53 -8.57
C SER A 504 -22.29 -46.91 -7.33
N ALA A 505 -22.17 -48.17 -6.90
CA ALA A 505 -22.78 -48.59 -5.65
C ALA A 505 -22.17 -47.88 -4.46
N VAL A 506 -20.84 -47.71 -4.47
CA VAL A 506 -20.17 -47.05 -3.35
C VAL A 506 -20.62 -45.60 -3.22
N PHE A 507 -20.89 -44.94 -4.36
CA PHE A 507 -21.29 -43.54 -4.30
C PHE A 507 -22.58 -43.34 -3.54
N GLY A 508 -23.54 -44.24 -3.73
CA GLY A 508 -24.75 -44.18 -2.93
C GLY A 508 -24.49 -44.40 -1.46
N ASP A 509 -23.46 -45.19 -1.14
CA ASP A 509 -23.12 -45.44 0.26
C ASP A 509 -22.55 -44.20 0.93
N PHE A 510 -21.92 -43.32 0.16
CA PHE A 510 -21.36 -42.10 0.72
C PHE A 510 -22.44 -41.33 1.46
N GLU A 511 -22.06 -40.77 2.61
CA GLU A 511 -22.91 -39.77 3.26
C GLU A 511 -23.14 -38.62 2.31
N GLN A 512 -24.41 -38.22 2.14
CA GLN A 512 -24.71 -37.14 1.21
C GLN A 512 -23.92 -35.90 1.55
N PHE A 513 -23.95 -35.49 2.82
CA PHE A 513 -23.35 -34.23 3.21
C PHE A 513 -22.30 -34.43 4.29
N PRO A 514 -21.15 -33.77 4.18
CA PRO A 514 -20.12 -33.92 5.20
C PRO A 514 -20.59 -33.33 6.52
N PRO A 515 -20.18 -33.92 7.64
CA PRO A 515 -20.60 -33.39 8.94
C PRO A 515 -20.05 -31.99 9.15
N PRO A 516 -20.85 -31.09 9.71
CA PRO A 516 -20.37 -29.73 9.95
C PRO A 516 -19.12 -29.72 10.82
N GLU A 517 -18.20 -28.81 10.49
CA GLU A 517 -16.92 -28.69 11.16
C GLU A 517 -17.06 -28.39 12.65
N ILE A 518 -18.21 -27.87 13.07
CA ILE A 518 -18.41 -27.57 14.49
C ILE A 518 -18.52 -28.85 15.33
N THR A 519 -19.08 -29.92 14.77
CA THR A 519 -19.28 -31.14 15.52
C THR A 519 -18.01 -31.94 15.74
N ARG A 520 -16.90 -31.56 15.10
CA ARG A 520 -15.70 -32.40 15.08
C ARG A 520 -14.54 -31.81 15.88
N ARG A 521 -14.77 -30.80 16.71
CA ARG A 521 -13.66 -30.09 17.34
C ARG A 521 -14.18 -29.40 18.59
N PRO A 522 -13.28 -28.98 19.48
CA PRO A 522 -13.71 -28.23 20.66
C PRO A 522 -14.24 -26.85 20.29
N VAL A 523 -15.26 -26.41 21.04
CA VAL A 523 -16.03 -25.22 20.71
C VAL A 523 -15.90 -24.15 21.79
N GLU A 524 -14.84 -24.22 22.60
CA GLU A 524 -14.68 -23.29 23.70
C GLU A 524 -14.50 -21.87 23.20
N ASP A 525 -13.84 -21.70 22.04
CA ASP A 525 -13.67 -20.37 21.49
C ASP A 525 -15.02 -19.72 21.17
N LEU A 526 -15.97 -20.50 20.64
CA LEU A 526 -17.28 -19.96 20.29
C LEU A 526 -18.09 -19.63 21.52
N ILE A 527 -18.13 -20.55 22.49
CA ILE A 527 -18.95 -20.33 23.66
C ILE A 527 -18.44 -19.14 24.45
N LEU A 528 -17.12 -18.95 24.50
CA LEU A 528 -16.58 -17.73 25.08
C LEU A 528 -17.04 -16.51 24.29
N GLN A 529 -17.10 -16.62 22.96
CA GLN A 529 -17.70 -15.55 22.17
C GLN A 529 -19.19 -15.41 22.47
N MET A 530 -19.91 -16.53 22.58
CA MET A 530 -21.33 -16.48 22.90
C MET A 530 -21.58 -15.94 24.29
N LYS A 531 -20.76 -16.34 25.26
CA LYS A 531 -20.90 -15.80 26.61
C LYS A 531 -20.68 -14.30 26.64
N ALA A 532 -19.78 -13.78 25.79
CA ALA A 532 -19.54 -12.34 25.74
C ALA A 532 -20.76 -11.58 25.25
N LEU A 533 -21.58 -12.20 24.40
CA LEU A 533 -22.83 -11.61 23.95
C LEU A 533 -24.00 -11.91 24.88
N SER A 534 -23.71 -12.38 26.09
CA SER A 534 -24.70 -12.61 27.14
C SER A 534 -25.62 -13.80 26.83
N ILE A 535 -25.14 -14.81 26.12
CA ILE A 535 -25.92 -16.00 25.81
C ILE A 535 -25.57 -17.03 26.88
N GLU A 536 -26.39 -17.09 27.93
CA GLU A 536 -26.05 -17.88 29.10
C GLU A 536 -26.27 -19.37 28.87
N LYS A 537 -27.40 -19.73 28.29
CA LYS A 537 -27.80 -21.12 28.11
C LYS A 537 -27.36 -21.58 26.73
N VAL A 538 -26.24 -22.30 26.67
CA VAL A 538 -25.63 -22.62 25.38
C VAL A 538 -26.60 -23.46 24.53
N ILE A 539 -27.37 -24.34 25.16
CA ILE A 539 -28.30 -25.16 24.39
C ILE A 539 -29.41 -24.33 23.77
N ASN A 540 -29.71 -23.15 24.31
CA ASN A 540 -30.71 -22.28 23.70
C ASN A 540 -30.23 -21.70 22.38
N PHE A 541 -28.93 -21.65 22.14
CA PHE A 541 -28.40 -21.11 20.91
C PHE A 541 -28.89 -21.95 19.73
N PRO A 542 -29.32 -21.33 18.62
CA PRO A 542 -29.89 -22.05 17.49
C PRO A 542 -28.79 -22.47 16.52
N PHE A 543 -28.02 -23.48 16.91
CA PHE A 543 -27.03 -24.01 15.99
C PHE A 543 -27.74 -24.58 14.76
N PRO A 544 -27.30 -24.21 13.55
CA PRO A 544 -27.71 -24.98 12.37
C PRO A 544 -27.55 -26.48 12.58
N THR A 545 -26.36 -26.89 13.03
CA THR A 545 -26.13 -28.25 13.55
C THR A 545 -25.51 -28.08 14.93
N PRO A 546 -26.19 -28.53 16.00
CA PRO A 546 -25.63 -28.33 17.34
C PRO A 546 -24.43 -29.17 17.56
N PRO A 547 -23.46 -28.73 18.37
CA PRO A 547 -22.37 -29.58 18.81
C PRO A 547 -22.85 -30.54 19.88
N SER A 548 -22.07 -31.60 20.08
CA SER A 548 -22.44 -32.61 21.06
C SER A 548 -22.54 -31.99 22.46
N VAL A 549 -23.31 -32.65 23.32
CA VAL A 549 -23.46 -32.20 24.70
C VAL A 549 -22.11 -32.19 25.40
N GLU A 550 -21.37 -33.29 25.26
CA GLU A 550 -20.06 -33.42 25.90
C GLU A 550 -19.10 -32.34 25.40
N ALA A 551 -19.19 -31.98 24.12
CA ALA A 551 -18.39 -30.88 23.60
C ALA A 551 -18.73 -29.56 24.28
N LEU A 552 -20.02 -29.26 24.43
CA LEU A 552 -20.42 -28.03 25.10
C LEU A 552 -20.08 -28.06 26.58
N VAL A 553 -20.22 -29.23 27.22
CA VAL A 553 -19.90 -29.35 28.64
C VAL A 553 -18.39 -29.27 28.86
N ALA A 554 -17.62 -29.90 27.98
CA ALA A 554 -16.16 -29.78 28.06
C ALA A 554 -15.72 -28.33 27.98
N ALA A 555 -16.26 -27.59 27.01
CA ALA A 555 -15.86 -26.20 26.81
C ALA A 555 -16.09 -25.35 28.05
N GLU A 556 -17.32 -25.39 28.58
CA GLU A 556 -17.61 -24.63 29.79
C GLU A 556 -16.71 -25.05 30.96
N GLU A 557 -16.36 -26.34 31.03
CA GLU A 557 -15.40 -26.78 32.04
C GLU A 557 -14.03 -26.14 31.82
N LEU A 558 -13.54 -26.15 30.58
CA LEU A 558 -12.27 -25.49 30.29
C LEU A 558 -12.36 -24.00 30.57
N LEU A 559 -13.42 -23.34 30.10
CA LEU A 559 -13.51 -21.89 30.25
C LEU A 559 -13.69 -21.48 31.70
N VAL A 560 -14.45 -22.25 32.48
CA VAL A 560 -14.48 -22.02 33.92
C VAL A 560 -13.11 -22.25 34.52
N ALA A 561 -12.40 -23.28 34.07
CA ALA A 561 -11.09 -23.59 34.63
C ALA A 561 -10.07 -22.48 34.37
N LEU A 562 -10.19 -21.80 33.23
CA LEU A 562 -9.30 -20.68 32.95
C LEU A 562 -9.69 -19.41 33.67
N GLY A 563 -10.83 -19.40 34.35
CA GLY A 563 -11.38 -18.18 34.91
C GLY A 563 -12.19 -17.37 33.93
N ALA A 564 -12.46 -17.90 32.73
CA ALA A 564 -13.23 -17.15 31.74
C ALA A 564 -14.70 -17.06 32.15
N LEU A 565 -15.23 -18.12 32.74
CA LEU A 565 -16.64 -18.18 33.15
C LEU A 565 -16.73 -18.37 34.66
N GLN A 566 -17.63 -17.62 35.28
CA GLN A 566 -17.74 -17.56 36.73
C GLN A 566 -18.34 -18.83 37.31
N ALA A 567 -17.91 -19.17 38.52
CA ALA A 567 -18.50 -20.25 39.33
C ALA A 567 -18.40 -21.62 38.66
N GLN A 581 -23.12 -23.94 40.31
CA GLN A 581 -23.21 -24.71 39.09
C GLN A 581 -24.56 -24.51 38.38
N LEU A 582 -25.32 -23.50 38.81
CA LEU A 582 -26.57 -23.20 38.12
C LEU A 582 -26.35 -22.49 36.80
N SER A 583 -25.30 -21.68 36.71
CA SER A 583 -24.98 -20.93 35.50
C SER A 583 -23.55 -20.45 35.58
N CYS A 584 -23.00 -20.09 34.43
CA CYS A 584 -21.62 -19.59 34.34
C CYS A 584 -21.56 -18.49 33.29
N PRO A 585 -21.73 -17.24 33.69
CA PRO A 585 -21.57 -16.14 32.75
C PRO A 585 -20.10 -15.77 32.62
N ILE A 586 -19.81 -15.01 31.55
CA ILE A 586 -18.43 -14.59 31.30
C ILE A 586 -17.95 -13.71 32.44
N THR A 587 -16.65 -13.76 32.69
CA THR A 587 -16.04 -12.92 33.71
C THR A 587 -15.41 -11.68 33.06
N ALA A 588 -14.92 -10.79 33.92
CA ALA A 588 -14.13 -9.66 33.42
C ALA A 588 -12.87 -10.17 32.73
N LEU A 589 -12.16 -11.09 33.38
CA LEU A 589 -11.03 -11.76 32.74
C LEU A 589 -11.47 -12.49 31.47
N GLY A 590 -12.64 -13.11 31.49
CA GLY A 590 -13.15 -13.77 30.30
C GLY A 590 -13.51 -12.80 29.19
N ARG A 591 -13.99 -11.62 29.57
CA ARG A 591 -14.36 -10.63 28.55
C ARG A 591 -13.13 -10.13 27.81
N THR A 592 -12.04 -9.84 28.51
CA THR A 592 -10.83 -9.37 27.82
C THR A 592 -10.21 -10.48 26.98
N MET A 593 -10.29 -11.72 27.45
CA MET A 593 -9.82 -12.85 26.65
C MET A 593 -10.59 -12.97 25.34
N SER A 594 -11.91 -12.72 25.40
CA SER A 594 -12.75 -12.83 24.21
C SER A 594 -12.24 -11.94 23.08
N THR A 595 -11.61 -10.83 23.43
CA THR A 595 -11.13 -9.91 22.40
C THR A 595 -9.92 -10.47 21.66
N PHE A 596 -9.09 -11.27 22.34
CA PHE A 596 -7.88 -11.80 21.72
C PHE A 596 -8.23 -12.81 20.63
N PRO A 597 -7.59 -12.73 19.46
CA PRO A 597 -7.90 -13.62 18.33
C PRO A 597 -7.22 -15.00 18.37
N VAL A 598 -7.21 -15.62 19.55
CA VAL A 598 -6.58 -16.93 19.72
C VAL A 598 -7.46 -17.78 20.63
N ALA A 599 -7.18 -19.08 20.64
CA ALA A 599 -7.93 -20.03 21.47
C ALA A 599 -7.89 -19.60 22.94
N PRO A 600 -8.98 -19.78 23.68
CA PRO A 600 -9.04 -19.26 25.06
C PRO A 600 -7.91 -19.74 25.97
N ARG A 601 -7.35 -20.92 25.73
CA ARG A 601 -6.17 -21.32 26.49
C ARG A 601 -5.02 -20.35 26.27
N TYR A 602 -4.69 -20.09 25.01
CA TYR A 602 -3.67 -19.09 24.71
C TYR A 602 -4.14 -17.69 25.05
N ALA A 603 -5.45 -17.47 25.02
CA ALA A 603 -6.00 -16.18 25.45
C ALA A 603 -5.69 -15.92 26.91
N LYS A 604 -5.84 -16.93 27.77
CA LYS A 604 -5.49 -16.73 29.17
C LYS A 604 -3.98 -16.53 29.34
N MET A 605 -3.18 -17.31 28.60
CA MET A 605 -1.74 -17.05 28.57
C MET A 605 -1.46 -15.58 28.31
N LEU A 606 -2.12 -15.00 27.30
CA LEU A 606 -1.93 -13.60 26.99
C LEU A 606 -2.30 -12.70 28.17
N ALA A 607 -3.52 -12.87 28.69
CA ALA A 607 -3.94 -12.06 29.84
C ALA A 607 -3.02 -12.28 31.02
N LEU A 608 -2.53 -13.50 31.21
CA LEU A 608 -1.60 -13.80 32.29
C LEU A 608 -0.22 -13.21 32.03
N SER A 609 0.12 -12.99 30.76
CA SER A 609 1.49 -12.66 30.37
C SER A 609 1.81 -11.17 30.45
N GLN A 610 0.88 -10.34 30.93
CA GLN A 610 1.12 -8.91 30.98
C GLN A 610 2.05 -8.53 32.11
N GLN A 611 3.19 -9.22 32.23
CA GLN A 611 4.14 -8.99 33.30
C GLN A 611 5.50 -9.53 32.90
N HIS A 612 6.55 -8.93 33.47
CA HIS A 612 7.95 -9.32 33.32
C HIS A 612 8.50 -9.12 31.91
N GLY A 613 7.81 -8.36 31.06
CA GLY A 613 8.31 -8.12 29.73
C GLY A 613 8.38 -9.32 28.81
N CYS A 614 7.85 -10.47 29.24
CA CYS A 614 7.71 -11.64 28.39
C CYS A 614 6.42 -11.62 27.59
N LEU A 615 5.60 -10.58 27.75
CA LEU A 615 4.43 -10.43 26.89
C LEU A 615 4.77 -10.61 25.42
N PRO A 616 5.80 -9.97 24.86
CA PRO A 616 6.09 -10.27 23.45
C PRO A 616 6.59 -11.70 23.25
N TYR A 617 7.29 -12.26 24.23
CA TYR A 617 7.64 -13.67 24.17
C TYR A 617 6.40 -14.55 24.10
N THR A 618 5.47 -14.38 25.06
CA THR A 618 4.24 -15.17 25.04
C THR A 618 3.43 -14.91 23.78
N ILE A 619 3.31 -13.65 23.36
CA ILE A 619 2.63 -13.34 22.11
C ILE A 619 3.25 -14.12 20.96
N ALA A 620 4.58 -14.23 20.97
CA ALA A 620 5.26 -14.97 19.91
C ALA A 620 5.02 -16.47 20.02
N ILE A 621 5.10 -17.03 21.23
CA ILE A 621 4.84 -18.45 21.41
C ILE A 621 3.41 -18.79 20.97
N VAL A 622 2.44 -18.03 21.49
CA VAL A 622 1.05 -18.22 21.13
C VAL A 622 0.86 -18.11 19.61
N ALA A 623 1.52 -17.12 19.00
CA ALA A 623 1.41 -16.96 17.55
C ALA A 623 2.03 -18.14 16.82
N ALA A 624 3.11 -18.69 17.36
CA ALA A 624 3.73 -19.86 16.72
C ALA A 624 2.91 -21.11 16.93
N MET A 625 2.21 -21.21 18.06
CA MET A 625 1.33 -22.36 18.27
C MET A 625 0.07 -22.26 17.42
N THR A 626 -0.50 -21.06 17.30
CA THR A 626 -1.73 -20.90 16.54
C THR A 626 -1.52 -21.20 15.07
N VAL A 627 -0.36 -20.85 14.52
CA VAL A 627 -0.09 -21.16 13.12
C VAL A 627 0.07 -22.67 12.96
N ARG A 628 -0.24 -23.15 11.76
CA ARG A 628 -0.21 -24.57 11.47
C ARG A 628 1.01 -24.90 10.61
N GLU A 629 1.62 -26.05 10.89
CA GLU A 629 2.80 -26.57 10.19
C GLU A 629 3.89 -25.51 10.11
N LEU A 630 4.52 -25.28 11.26
CA LEU A 630 5.59 -24.28 11.34
C LEU A 630 6.85 -24.75 10.61
N PHE A 631 7.20 -26.03 10.76
CA PHE A 631 8.44 -26.56 10.21
C PHE A 631 8.19 -27.28 8.90
N GLU A 632 9.02 -27.02 7.90
CA GLU A 632 8.94 -27.71 6.62
C GLU A 632 9.02 -29.22 6.86
N GLU A 633 8.38 -29.98 5.98
CA GLU A 633 8.20 -31.40 6.22
C GLU A 633 9.53 -32.15 6.18
N LEU A 634 10.21 -32.12 5.03
CA LEU A 634 11.49 -32.79 4.83
C LEU A 634 11.42 -34.28 5.14
N ASP A 635 10.54 -34.99 4.42
CA ASP A 635 10.37 -36.41 4.72
C ASP A 635 10.12 -37.21 3.45
N ARG A 636 10.37 -38.51 3.57
CA ARG A 636 10.01 -39.53 2.58
C ARG A 636 10.60 -39.27 1.19
N GLU A 641 20.61 -42.38 -2.85
CA GLU A 641 21.81 -42.38 -2.02
C GLU A 641 22.37 -40.97 -1.83
N LYS A 642 22.97 -40.41 -2.89
CA LYS A 642 23.51 -39.06 -2.80
C LYS A 642 22.41 -38.03 -2.57
N GLU A 643 21.23 -38.22 -3.15
CA GLU A 643 20.11 -37.32 -2.92
C GLU A 643 19.53 -37.48 -1.52
N LEU A 644 19.55 -38.71 -0.99
CA LEU A 644 19.01 -38.94 0.35
C LEU A 644 19.85 -38.24 1.41
N ALA A 645 21.18 -38.19 1.21
CA ALA A 645 22.04 -37.51 2.17
C ALA A 645 21.78 -36.01 2.19
N GLU A 646 21.46 -35.41 1.04
CA GLU A 646 21.07 -34.00 1.01
C GLU A 646 19.83 -33.76 1.86
N LEU A 647 18.82 -34.62 1.70
CA LEU A 647 17.62 -34.49 2.51
C LEU A 647 17.89 -34.86 3.97
N LYS A 648 18.71 -35.90 4.20
CA LYS A 648 18.98 -36.34 5.56
C LYS A 648 19.83 -35.33 6.31
N GLY A 649 20.79 -34.71 5.61
CA GLY A 649 21.54 -33.62 6.23
C GLY A 649 20.65 -32.48 6.67
N ARG A 650 19.64 -32.15 5.86
CA ARG A 650 18.71 -31.07 6.22
C ARG A 650 18.00 -31.36 7.53
N ARG A 651 17.55 -32.61 7.71
CA ARG A 651 16.89 -33.00 8.97
C ARG A 651 17.83 -32.81 10.14
N ALA A 652 19.06 -33.33 10.03
CA ALA A 652 20.04 -33.13 11.10
C ALA A 652 20.38 -31.66 11.30
N ARG A 653 20.33 -30.88 10.22
CA ARG A 653 20.51 -29.44 10.33
C ARG A 653 19.39 -28.81 11.14
N VAL A 654 18.13 -29.14 10.81
CA VAL A 654 16.99 -28.56 11.49
C VAL A 654 16.92 -29.05 12.94
N ALA A 655 17.21 -30.34 13.17
CA ALA A 655 17.25 -30.85 14.53
C ALA A 655 18.29 -30.13 15.38
N GLN A 656 19.49 -29.94 14.83
CA GLN A 656 20.52 -29.20 15.56
C GLN A 656 20.07 -27.78 15.84
N MET A 657 19.39 -27.14 14.88
CA MET A 657 18.86 -25.80 15.10
C MET A 657 17.82 -25.79 16.22
N LYS A 658 16.86 -26.71 16.16
CA LYS A 658 15.85 -26.80 17.22
C LYS A 658 16.51 -26.91 18.60
N ARG A 659 17.53 -27.75 18.72
CA ARG A 659 18.25 -27.85 19.98
C ARG A 659 18.93 -26.54 20.33
N THR A 660 19.51 -25.85 19.33
CA THR A 660 20.25 -24.64 19.65
C THR A 660 19.33 -23.54 20.18
N TRP A 661 18.13 -23.43 19.62
CA TRP A 661 17.19 -22.41 20.11
C TRP A 661 16.80 -22.68 21.56
N ALA A 662 16.46 -23.93 21.87
CA ALA A 662 16.21 -24.33 23.25
C ALA A 662 17.54 -24.62 23.93
N GLY A 663 17.97 -23.74 24.83
CA GLY A 663 19.24 -23.94 25.50
C GLY A 663 19.32 -25.21 26.33
N GLN A 664 20.34 -25.31 27.18
CA GLN A 664 20.42 -26.36 28.16
C GLN A 664 20.40 -25.71 29.54
N GLY A 665 19.74 -26.36 30.49
CA GLY A 665 19.48 -25.75 31.77
C GLY A 665 18.05 -25.26 31.86
N PRO A 666 17.84 -24.09 32.46
CA PRO A 666 16.46 -23.60 32.62
C PRO A 666 15.77 -23.35 31.29
N SER A 667 16.52 -22.94 30.27
CA SER A 667 15.94 -22.70 28.95
C SER A 667 15.38 -23.99 28.35
N LEU A 668 16.08 -25.12 28.54
CA LEU A 668 15.60 -26.39 28.02
C LEU A 668 14.32 -26.84 28.69
N LYS A 669 14.09 -26.40 29.92
CA LYS A 669 12.86 -26.76 30.63
C LYS A 669 11.62 -26.23 29.90
N LEU A 670 11.73 -25.06 29.25
CA LEU A 670 10.63 -24.59 28.41
C LEU A 670 10.48 -25.43 27.14
N GLY A 671 11.44 -26.29 26.83
CA GLY A 671 11.24 -27.36 25.86
C GLY A 671 10.76 -26.88 24.52
N ASP A 672 9.75 -27.59 23.98
CA ASP A 672 9.24 -27.32 22.65
C ASP A 672 8.75 -25.88 22.51
N LEU A 673 8.19 -25.32 23.58
CA LEU A 673 7.69 -23.96 23.51
C LEU A 673 8.85 -22.98 23.37
N MET A 674 9.96 -23.25 24.04
CA MET A 674 11.17 -22.47 23.84
C MET A 674 11.67 -22.60 22.41
N VAL A 675 11.51 -23.78 21.81
CA VAL A 675 11.97 -23.98 20.43
C VAL A 675 11.16 -23.15 19.46
N LEU A 676 9.87 -22.97 19.74
CA LEU A 676 9.05 -22.08 18.92
C LEU A 676 9.50 -20.63 19.10
N LEU A 677 9.72 -20.21 20.35
CA LEU A 677 10.19 -18.85 20.61
C LEU A 677 11.53 -18.59 19.93
N GLY A 678 12.50 -19.47 20.15
CA GLY A 678 13.80 -19.32 19.51
C GLY A 678 13.72 -19.38 18.00
N ALA A 679 12.72 -20.08 17.46
CA ALA A 679 12.52 -20.09 16.02
C ALA A 679 11.96 -18.77 15.53
N VAL A 680 10.99 -18.21 16.27
CA VAL A 680 10.43 -16.93 15.90
C VAL A 680 11.48 -15.83 16.02
N GLY A 681 12.20 -15.82 17.14
CA GLY A 681 13.21 -14.80 17.36
C GLY A 681 14.33 -14.84 16.32
N ALA A 682 14.85 -16.04 16.03
CA ALA A 682 15.90 -16.18 15.03
C ALA A 682 15.39 -15.71 13.67
N CYS A 683 14.16 -16.06 13.31
CA CYS A 683 13.61 -15.69 12.01
C CYS A 683 13.46 -14.17 11.89
N GLU A 684 12.89 -13.53 12.93
CA GLU A 684 12.78 -12.08 12.91
C GLU A 684 14.15 -11.40 12.95
N TYR A 685 15.12 -12.02 13.62
CA TYR A 685 16.47 -11.46 13.68
C TYR A 685 17.06 -11.30 12.29
N ALA A 686 16.84 -12.27 11.42
CA ALA A 686 17.26 -12.20 10.02
C ALA A 686 16.24 -11.50 9.13
N GLY A 687 15.38 -10.68 9.71
CA GLY A 687 14.39 -9.95 8.92
C GLY A 687 13.42 -10.82 8.16
N CYS A 688 13.11 -12.00 8.71
CA CYS A 688 12.21 -12.97 8.08
C CYS A 688 12.66 -13.29 6.66
N SER A 689 13.93 -13.64 6.54
CA SER A 689 14.49 -13.95 5.22
C SER A 689 13.92 -15.25 4.67
N PRO A 690 13.49 -15.27 3.41
CA PRO A 690 13.17 -16.57 2.79
C PRO A 690 14.39 -17.48 2.71
N GLN A 691 15.57 -16.90 2.50
CA GLN A 691 16.80 -17.68 2.58
C GLN A 691 16.97 -18.29 3.98
N PHE A 692 16.74 -17.49 5.02
CA PHE A 692 16.85 -17.99 6.39
C PHE A 692 15.85 -19.12 6.64
N CYS A 693 14.61 -18.97 6.18
CA CYS A 693 13.60 -19.99 6.42
C CYS A 693 13.96 -21.31 5.75
N GLN A 694 14.40 -21.24 4.49
CA GLN A 694 14.81 -22.46 3.80
C GLN A 694 16.09 -23.04 4.38
N ALA A 695 16.97 -22.18 4.91
CA ALA A 695 18.20 -22.66 5.51
C ALA A 695 17.91 -23.51 6.75
N ASN A 696 17.08 -23.00 7.67
CA ASN A 696 16.87 -23.64 8.96
C ASN A 696 15.62 -24.50 9.01
N GLY A 697 15.02 -24.82 7.86
CA GLY A 697 13.89 -25.72 7.82
C GLY A 697 12.58 -25.13 8.31
N LEU A 698 12.50 -23.82 8.47
CA LEU A 698 11.24 -23.15 8.77
C LEU A 698 10.47 -22.90 7.48
N ARG A 699 9.16 -22.78 7.61
CA ARG A 699 8.28 -22.52 6.47
C ARG A 699 8.06 -21.02 6.32
N TYR A 700 8.23 -20.51 5.11
CA TYR A 700 8.18 -19.08 4.89
C TYR A 700 6.77 -18.53 5.07
N LYS A 701 5.79 -19.13 4.39
CA LYS A 701 4.41 -18.67 4.51
C LYS A 701 3.96 -18.65 5.97
N ALA A 702 4.31 -19.69 6.72
CA ALA A 702 3.95 -19.74 8.14
C ALA A 702 4.60 -18.59 8.92
N MET A 703 5.89 -18.32 8.65
CA MET A 703 6.61 -17.30 9.40
C MET A 703 6.01 -15.91 9.18
N LEU A 704 5.65 -15.60 7.94
CA LEU A 704 4.97 -14.34 7.66
C LEU A 704 3.64 -14.28 8.42
N GLU A 705 2.84 -15.34 8.32
CA GLU A 705 1.59 -15.41 9.09
C GLU A 705 1.85 -15.25 10.58
N ILE A 706 2.97 -15.79 11.06
CA ILE A 706 3.33 -15.58 12.46
C ILE A 706 3.54 -14.10 12.74
N ARG A 707 4.29 -13.41 11.86
CA ARG A 707 4.54 -11.98 12.06
C ARG A 707 3.25 -11.19 12.07
N ARG A 708 2.38 -11.42 11.09
CA ARG A 708 1.11 -10.69 11.05
C ARG A 708 0.27 -10.98 12.28
N LEU A 709 0.28 -12.23 12.76
CA LEU A 709 -0.52 -12.58 13.93
C LEU A 709 0.02 -11.92 15.19
N ARG A 710 1.34 -11.86 15.33
CA ARG A 710 1.93 -11.17 16.48
C ARG A 710 1.53 -9.71 16.50
N GLY A 711 1.51 -9.07 15.33
CA GLY A 711 1.07 -7.68 15.27
C GLY A 711 -0.36 -7.50 15.77
N GLN A 712 -1.27 -8.33 15.27
CA GLN A 712 -2.66 -8.21 15.69
C GLN A 712 -2.83 -8.58 17.16
N LEU A 713 -2.04 -9.54 17.63
CA LEU A 713 -2.09 -9.89 19.05
C LEU A 713 -1.51 -8.80 19.92
N THR A 714 -0.50 -8.08 19.42
CA THR A 714 0.10 -6.99 20.20
C THR A 714 -0.84 -5.79 20.25
N THR A 715 -1.46 -5.44 19.12
CA THR A 715 -2.39 -4.31 19.13
C THR A 715 -3.60 -4.60 20.02
N ALA A 716 -4.12 -5.83 19.97
CA ALA A 716 -5.27 -6.19 20.78
C ALA A 716 -4.95 -6.06 22.27
N VAL A 717 -3.75 -6.47 22.68
CA VAL A 717 -3.37 -6.39 24.09
C VAL A 717 -3.32 -4.93 24.55
N ASN A 718 -2.87 -4.03 23.67
CA ASN A 718 -2.79 -2.62 24.03
C ASN A 718 -4.16 -2.04 24.36
N ALA A 719 -5.22 -2.56 23.73
CA ALA A 719 -6.57 -2.13 24.10
C ALA A 719 -6.88 -2.52 25.53
N VAL A 720 -6.41 -3.69 25.97
CA VAL A 720 -6.70 -4.15 27.32
C VAL A 720 -5.77 -3.50 28.34
N CYS A 721 -4.52 -3.22 27.97
CA CYS A 721 -3.56 -2.67 28.91
C CYS A 721 -2.78 -1.54 28.26
N PRO A 722 -3.03 -0.29 28.63
CA PRO A 722 -2.27 0.82 28.03
C PRO A 722 -0.82 0.79 28.48
N GLU A 723 0.09 0.87 27.52
CA GLU A 723 1.51 0.77 27.81
C GLU A 723 2.34 1.41 26.70
N ASP A 729 9.33 -2.41 20.97
CA ASP A 729 10.00 -2.97 19.81
C ASP A 729 9.43 -4.36 19.49
N PRO A 730 8.74 -4.48 18.36
CA PRO A 730 7.99 -5.72 18.10
C PRO A 730 8.88 -6.94 17.88
N LYS A 731 10.00 -6.80 17.16
CA LYS A 731 10.89 -7.93 16.91
C LYS A 731 11.96 -7.94 17.99
N MET A 732 12.05 -9.04 18.71
CA MET A 732 12.62 -9.05 20.05
C MET A 732 14.07 -9.49 20.10
N GLN A 733 14.59 -9.48 21.31
CA GLN A 733 15.90 -9.80 21.81
C GLN A 733 15.81 -11.00 22.76
N PRO A 734 16.86 -11.81 22.85
CA PRO A 734 16.76 -13.11 23.55
C PRO A 734 16.39 -12.94 25.01
N PRO A 735 15.64 -13.90 25.57
CA PRO A 735 15.21 -13.79 26.97
C PRO A 735 16.26 -14.25 27.96
N THR A 736 16.16 -13.68 29.17
CA THR A 736 16.99 -14.09 30.29
C THR A 736 16.37 -15.32 30.96
N GLU A 737 17.24 -16.09 31.64
CA GLU A 737 16.81 -17.36 32.24
C GLU A 737 15.57 -17.21 33.11
N SER A 738 15.51 -16.17 33.95
CA SER A 738 14.32 -15.94 34.76
C SER A 738 13.09 -15.77 33.88
N GLN A 739 13.21 -15.00 32.79
CA GLN A 739 12.09 -14.85 31.86
C GLN A 739 11.63 -16.20 31.32
N VAL A 740 12.56 -17.10 31.02
CA VAL A 740 12.20 -18.37 30.41
C VAL A 740 11.42 -19.24 31.41
N THR A 741 11.75 -19.14 32.69
CA THR A 741 11.03 -19.91 33.69
C THR A 741 9.67 -19.29 33.98
N TYR A 742 9.58 -17.96 33.98
CA TYR A 742 8.26 -17.32 34.08
C TYR A 742 7.40 -17.66 32.87
N LEU A 743 8.01 -17.80 31.70
CA LEU A 743 7.28 -18.31 30.54
C LEU A 743 6.77 -19.72 30.79
N ARG A 744 7.55 -20.55 31.48
CA ARG A 744 7.09 -21.89 31.81
C ARG A 744 5.84 -21.86 32.67
N GLN A 745 5.75 -20.91 33.60
CA GLN A 745 4.61 -20.85 34.49
C GLN A 745 3.37 -20.34 33.77
N ILE A 746 3.55 -19.34 32.90
CA ILE A 746 2.42 -18.84 32.11
C ILE A 746 1.88 -19.95 31.20
N MET A 747 2.77 -20.73 30.60
CA MET A 747 2.34 -21.79 29.71
C MET A 747 1.62 -22.91 30.46
N ALA A 748 2.15 -23.30 31.62
CA ALA A 748 1.52 -24.37 32.40
C ALA A 748 0.12 -23.98 32.84
N ALA A 749 -0.07 -22.72 33.25
CA ALA A 749 -1.39 -22.26 33.65
C ALA A 749 -2.35 -22.29 32.46
N GLY A 750 -1.84 -22.02 31.26
CA GLY A 750 -2.70 -22.12 30.10
C GLY A 750 -3.09 -23.55 29.78
N LEU A 751 -2.18 -24.49 30.01
CA LEU A 751 -2.35 -25.89 29.61
C LEU A 751 -2.67 -26.79 30.79
N GLY A 752 -3.44 -26.26 31.75
CA GLY A 752 -3.71 -27.01 32.97
C GLY A 752 -4.39 -28.33 32.72
N ASP A 753 -5.34 -28.37 31.79
CA ASP A 753 -5.98 -29.64 31.47
C ASP A 753 -5.02 -30.62 30.80
N HIS A 754 -3.89 -30.13 30.30
CA HIS A 754 -2.93 -30.95 29.55
C HIS A 754 -1.70 -31.26 30.39
N LEU A 755 -1.89 -31.80 31.59
CA LEU A 755 -0.79 -32.13 32.47
C LEU A 755 -0.60 -33.64 32.49
N ALA A 756 0.66 -34.06 32.34
CA ALA A 756 1.03 -35.47 32.40
C ALA A 756 2.16 -35.63 33.42
N ARG A 757 2.16 -36.76 34.11
CA ARG A 757 3.20 -37.11 35.05
C ARG A 757 3.90 -38.39 34.58
N ARG A 758 5.21 -38.44 34.77
CA ARG A 758 5.96 -39.63 34.40
C ARG A 758 5.58 -40.80 35.29
N VAL A 759 5.55 -41.98 34.69
CA VAL A 759 5.35 -43.24 35.41
C VAL A 759 6.69 -43.73 35.90
N GLN A 760 6.75 -44.20 37.15
CA GLN A 760 7.89 -44.91 37.66
C GLN A 760 7.54 -46.29 38.22
N SER A 761 6.32 -46.49 38.69
CA SER A 761 5.91 -47.80 39.18
C SER A 761 4.39 -47.96 39.12
N LEU A 765 3.42 -53.37 37.52
CA LEU A 765 3.95 -52.62 36.40
C LEU A 765 3.75 -53.38 35.09
N ASP A 766 3.92 -52.67 33.96
CA ASP A 766 3.72 -53.22 32.62
C ASP A 766 4.82 -52.66 31.73
N PRO A 767 5.34 -53.46 30.80
CA PRO A 767 6.36 -52.94 29.88
C PRO A 767 5.88 -51.80 28.99
N LYS A 768 4.56 -51.63 28.83
CA LYS A 768 4.11 -50.55 27.96
C LYS A 768 4.33 -49.18 28.59
N TRP A 769 4.47 -49.11 29.91
CA TRP A 769 4.65 -47.84 30.61
C TRP A 769 6.12 -47.49 30.88
N LYS A 770 7.06 -48.13 30.19
CA LYS A 770 8.48 -48.01 30.56
C LYS A 770 8.93 -46.56 30.61
N ASN A 771 8.59 -45.77 29.59
CA ASN A 771 8.93 -44.35 29.57
C ASN A 771 7.68 -43.49 29.43
N ALA A 772 6.52 -44.02 29.78
CA ALA A 772 5.27 -43.38 29.46
C ALA A 772 4.91 -42.30 30.48
N TYR A 773 3.86 -41.56 30.15
CA TYR A 773 3.25 -40.59 31.04
C TYR A 773 1.78 -40.95 31.20
N LYS A 774 1.17 -40.45 32.26
CA LYS A 774 -0.25 -40.64 32.49
C LYS A 774 -0.92 -39.27 32.59
N THR A 775 -2.07 -39.13 31.94
CA THR A 775 -2.88 -37.93 32.00
C THR A 775 -4.27 -38.32 32.45
N PRO A 776 -4.89 -37.58 33.36
CA PRO A 776 -6.19 -37.99 33.90
C PRO A 776 -7.23 -38.26 32.83
N LEU A 777 -7.14 -37.59 31.68
CA LEU A 777 -8.20 -37.68 30.69
C LEU A 777 -8.27 -39.04 30.01
N LEU A 778 -7.16 -39.76 29.90
CA LEU A 778 -7.15 -41.01 29.18
C LEU A 778 -6.40 -42.10 29.95
N ASP A 779 -6.87 -43.34 29.80
CA ASP A 779 -6.27 -44.47 30.50
C ASP A 779 -4.93 -44.88 29.89
N ASP A 780 -4.73 -44.62 28.60
CA ASP A 780 -3.58 -45.17 27.90
C ASP A 780 -2.29 -44.47 28.31
N PRO A 781 -1.15 -45.13 28.11
CA PRO A 781 0.13 -44.45 28.31
C PRO A 781 0.39 -43.44 27.21
N VAL A 782 0.95 -42.31 27.60
CA VAL A 782 1.31 -41.25 26.65
C VAL A 782 2.81 -41.04 26.72
N PHE A 783 3.37 -40.59 25.60
CA PHE A 783 4.80 -40.45 25.44
C PHE A 783 5.14 -39.08 24.88
N ILE A 784 6.32 -38.57 25.26
CA ILE A 784 6.87 -37.39 24.61
C ILE A 784 7.12 -37.72 23.15
N HIS A 785 6.92 -36.74 22.28
CA HIS A 785 7.09 -36.96 20.85
C HIS A 785 8.56 -37.10 20.51
N PRO A 786 8.92 -38.03 19.62
CA PRO A 786 10.35 -38.29 19.36
C PRO A 786 11.12 -37.11 18.80
N SER A 787 10.48 -36.24 18.03
CA SER A 787 11.21 -35.06 17.55
C SER A 787 11.30 -33.96 18.59
N SER A 788 10.59 -34.08 19.70
CA SER A 788 10.61 -33.05 20.72
C SER A 788 12.00 -32.91 21.34
N VAL A 789 12.29 -31.71 21.84
CA VAL A 789 13.57 -31.46 22.49
C VAL A 789 13.59 -32.00 23.91
N LEU A 790 12.43 -32.33 24.48
CA LEU A 790 12.35 -32.96 25.80
C LEU A 790 12.30 -34.48 25.72
N PHE A 791 12.60 -35.05 24.55
CA PHE A 791 12.44 -36.49 24.36
C PHE A 791 13.38 -37.29 25.25
N LYS A 792 14.67 -36.96 25.23
CA LYS A 792 15.61 -37.69 26.07
C LYS A 792 15.55 -37.23 27.52
N GLU A 793 15.11 -36.00 27.77
CA GLU A 793 15.15 -35.47 29.13
C GLU A 793 14.09 -36.09 30.02
N LEU A 794 12.90 -36.34 29.48
CA LEU A 794 11.83 -37.07 30.18
C LEU A 794 11.56 -36.58 31.58
N PRO A 795 11.19 -35.33 31.78
CA PRO A 795 10.95 -34.81 33.13
C PRO A 795 9.71 -35.42 33.77
N GLU A 796 9.61 -35.25 35.09
CA GLU A 796 8.52 -35.91 35.83
C GLU A 796 7.17 -35.29 35.52
N PHE A 797 7.13 -33.99 35.28
CA PHE A 797 5.87 -33.29 34.99
C PHE A 797 6.03 -32.44 33.74
N VAL A 798 5.06 -32.55 32.84
CA VAL A 798 5.02 -31.75 31.62
C VAL A 798 3.59 -31.31 31.35
N VAL A 799 3.48 -30.18 30.65
CA VAL A 799 2.24 -29.76 30.00
C VAL A 799 2.44 -29.91 28.50
N TYR A 800 1.46 -30.50 27.83
CA TYR A 800 1.52 -30.70 26.39
C TYR A 800 0.52 -29.78 25.71
N GLN A 801 0.88 -29.29 24.53
CA GLN A 801 -0.04 -28.46 23.76
C GLN A 801 -1.23 -29.27 23.27
N GLU A 802 -0.96 -30.43 22.69
CA GLU A 802 -1.99 -31.32 22.16
C GLU A 802 -1.44 -32.73 22.14
N ILE A 803 -2.32 -33.72 22.12
CA ILE A 803 -1.94 -35.11 21.96
C ILE A 803 -2.47 -35.60 20.62
N VAL A 804 -1.58 -36.12 19.79
CA VAL A 804 -1.92 -36.65 18.48
C VAL A 804 -1.56 -38.13 18.46
N GLU A 805 -2.49 -38.95 17.99
CA GLU A 805 -2.31 -40.39 17.87
C GLU A 805 -1.86 -40.73 16.46
N THR A 806 -0.71 -41.38 16.33
CA THR A 806 -0.33 -42.01 15.07
C THR A 806 -0.07 -43.49 15.33
N THR A 807 1.19 -43.86 15.54
CA THR A 807 1.51 -45.22 15.98
C THR A 807 1.33 -45.37 17.48
N LYS A 808 1.82 -44.40 18.25
CA LYS A 808 1.54 -44.28 19.68
C LYS A 808 0.74 -43.01 19.92
N MET A 809 0.34 -42.80 21.16
CA MET A 809 -0.38 -41.58 21.52
C MET A 809 0.65 -40.58 22.03
N TYR A 810 1.00 -39.62 21.18
CA TYR A 810 2.14 -38.75 21.43
C TYR A 810 1.71 -37.39 21.95
N MET A 811 2.57 -36.81 22.80
CA MET A 811 2.41 -35.45 23.30
C MET A 811 3.25 -34.51 22.46
N LYS A 812 2.62 -33.49 21.91
CA LYS A 812 3.32 -32.46 21.15
C LYS A 812 3.13 -31.11 21.81
N GLY A 813 4.16 -30.26 21.69
CA GLY A 813 4.16 -28.98 22.37
C GLY A 813 4.54 -29.08 23.83
N VAL A 814 5.51 -29.92 24.17
CA VAL A 814 5.77 -30.29 25.55
C VAL A 814 6.61 -29.21 26.23
N SER A 815 6.30 -28.96 27.51
CA SER A 815 7.05 -28.05 28.36
C SER A 815 7.06 -28.62 29.77
N THR A 816 8.10 -28.30 30.54
CA THR A 816 8.25 -28.84 31.89
C THR A 816 7.49 -28.01 32.91
N VAL A 817 6.93 -28.69 33.91
CA VAL A 817 6.24 -28.05 35.03
C VAL A 817 6.94 -28.48 36.32
N GLU A 818 7.23 -27.50 37.18
CA GLU A 818 7.77 -27.80 38.50
C GLU A 818 6.64 -28.18 39.44
N ILE A 819 6.70 -29.39 40.01
CA ILE A 819 5.55 -29.99 40.70
C ILE A 819 4.90 -29.02 41.68
N GLN A 820 5.69 -28.21 42.38
CA GLN A 820 5.11 -27.26 43.31
C GLN A 820 4.28 -26.19 42.61
N TRP A 821 4.50 -25.98 41.32
CA TRP A 821 3.67 -25.02 40.57
C TRP A 821 2.22 -25.46 40.53
N ILE A 822 1.97 -26.77 40.52
CA ILE A 822 0.65 -27.28 40.16
C ILE A 822 -0.46 -26.74 41.06
N PRO A 823 -0.36 -26.78 42.39
CA PRO A 823 -1.48 -26.28 43.20
C PRO A 823 -1.71 -24.77 43.10
N SER A 824 -0.65 -23.97 43.01
CA SER A 824 -0.85 -22.53 42.88
C SER A 824 -1.26 -22.13 41.47
N LEU A 825 -0.88 -22.93 40.47
CA LEU A 825 -1.19 -22.60 39.08
C LEU A 825 -2.50 -23.22 38.61
N LEU A 826 -2.83 -24.43 39.09
CA LEU A 826 -4.02 -25.16 38.63
C LEU A 826 -4.86 -25.62 39.81
N PRO A 827 -5.32 -24.70 40.66
CA PRO A 827 -6.03 -25.13 41.87
C PRO A 827 -7.37 -25.77 41.57
N SER A 828 -8.00 -25.41 40.45
CA SER A 828 -9.28 -26.01 40.09
C SER A 828 -9.16 -27.50 39.81
N TYR A 829 -7.99 -27.95 39.35
CA TYR A 829 -7.76 -29.35 39.05
C TYR A 829 -7.29 -30.16 40.24
N CYS A 830 -7.00 -29.53 41.36
CA CYS A 830 -6.50 -30.22 42.54
C CYS A 830 -7.63 -30.43 43.54
N GLN A 831 -7.38 -31.31 44.50
CA GLN A 831 -8.30 -31.58 45.60
C GLN A 831 -7.50 -31.56 46.89
N PHE A 832 -7.80 -30.61 47.75
CA PHE A 832 -7.07 -30.41 48.98
C PHE A 832 -7.84 -31.05 50.13
N ASP A 833 -7.10 -31.66 51.06
CA ASP A 833 -7.74 -32.31 52.21
C ASP A 833 -8.24 -31.28 53.21
N ALA A 834 -7.32 -30.57 53.86
CA ALA A 834 -7.70 -29.62 54.91
C ALA A 834 -6.62 -28.56 55.02
N PRO A 835 -6.98 -27.35 55.47
CA PRO A 835 -5.95 -26.33 55.72
C PRO A 835 -5.00 -26.79 56.83
N LEU A 836 -3.75 -26.35 56.73
CA LEU A 836 -2.71 -26.79 57.63
C LEU A 836 -2.48 -25.77 58.74
N GLU A 837 -2.26 -26.27 59.95
CA GLU A 837 -1.96 -25.40 61.07
C GLU A 837 -0.53 -24.89 61.01
N GLU A 838 0.39 -25.69 60.45
CA GLU A 838 1.79 -25.29 60.26
C GLU A 838 2.14 -25.25 58.77
N PRO A 839 2.45 -24.07 58.20
CA PRO A 839 2.45 -22.71 58.74
C PRO A 839 1.02 -22.16 58.90
N ALA A 840 0.83 -21.28 59.89
CA ALA A 840 -0.51 -20.80 60.19
C ALA A 840 -1.06 -19.94 59.05
N PRO A 841 -2.38 -19.90 58.89
CA PRO A 841 -2.97 -19.08 57.82
C PRO A 841 -2.55 -17.62 57.93
N SER A 842 -2.35 -17.00 56.77
CA SER A 842 -1.89 -15.63 56.66
C SER A 842 -2.90 -14.81 55.86
N TYR A 843 -2.73 -13.50 55.90
CA TYR A 843 -3.54 -12.57 55.13
C TYR A 843 -2.72 -12.02 53.97
N CYS A 844 -3.28 -12.03 52.77
CA CYS A 844 -2.56 -11.57 51.60
C CYS A 844 -2.96 -10.14 51.27
N PRO A 845 -2.00 -9.20 51.27
CA PRO A 845 -2.38 -7.80 51.02
C PRO A 845 -2.82 -7.52 49.60
N GLU A 846 -2.15 -8.12 48.62
CA GLU A 846 -2.49 -7.89 47.22
C GLU A 846 -3.84 -8.49 46.89
N SER A 847 -4.05 -9.75 47.28
CA SER A 847 -5.32 -10.42 47.06
C SER A 847 -6.42 -9.81 47.93
N GLY A 848 -6.07 -9.41 49.16
CA GLY A 848 -7.06 -9.06 50.14
C GLY A 848 -7.70 -10.24 50.84
N GLN A 849 -7.12 -11.43 50.71
CA GLN A 849 -7.73 -12.66 51.17
C GLN A 849 -6.86 -13.40 52.16
N VAL A 850 -7.51 -14.31 52.89
CA VAL A 850 -6.82 -15.23 53.77
C VAL A 850 -6.18 -16.33 52.93
N LEU A 851 -4.91 -16.60 53.19
CA LEU A 851 -4.21 -17.72 52.58
C LEU A 851 -3.92 -18.77 53.63
N CYS A 852 -3.66 -19.99 53.16
CA CYS A 852 -3.25 -21.08 54.03
C CYS A 852 -2.51 -22.10 53.20
N HIS A 853 -1.67 -22.88 53.86
CA HIS A 853 -0.98 -23.99 53.21
C HIS A 853 -1.89 -25.21 53.22
N ARG A 854 -2.05 -25.82 52.06
CA ARG A 854 -2.89 -27.01 51.91
C ARG A 854 -2.15 -28.05 51.09
N ALA A 855 -2.23 -29.31 51.53
CA ALA A 855 -1.75 -30.43 50.73
C ALA A 855 -2.83 -30.81 49.73
N SER A 856 -2.41 -31.27 48.55
CA SER A 856 -3.35 -31.51 47.48
C SER A 856 -2.96 -32.75 46.68
N VAL A 857 -3.89 -33.16 45.84
CA VAL A 857 -3.79 -34.34 44.99
C VAL A 857 -4.58 -34.05 43.71
N PHE A 858 -4.01 -34.41 42.57
CA PHE A 858 -4.68 -34.14 41.30
C PHE A 858 -5.96 -34.95 41.19
N TYR A 859 -6.91 -34.44 40.41
CA TYR A 859 -8.32 -34.79 40.58
C TYR A 859 -8.58 -36.27 40.32
N ARG A 860 -8.25 -36.76 39.13
CA ARG A 860 -8.65 -38.10 38.72
C ARG A 860 -7.57 -39.14 38.93
N VAL A 861 -6.30 -38.75 38.83
CA VAL A 861 -5.19 -39.69 38.85
C VAL A 861 -4.78 -40.07 40.27
N GLY A 862 -4.89 -39.13 41.21
CA GLY A 862 -4.46 -39.38 42.57
C GLY A 862 -3.04 -38.98 42.88
N TRP A 863 -2.42 -38.16 42.04
CA TRP A 863 -1.01 -37.80 42.22
C TRP A 863 -0.82 -36.99 43.49
N PRO A 864 0.08 -37.39 44.39
CA PRO A 864 0.38 -36.55 45.56
C PRO A 864 1.07 -35.25 45.17
N LEU A 865 0.59 -34.15 45.74
CA LEU A 865 1.16 -32.84 45.51
C LEU A 865 1.49 -32.19 46.85
N PRO A 866 2.62 -31.48 46.93
CA PRO A 866 3.06 -30.93 48.22
C PRO A 866 2.12 -29.84 48.72
N ALA A 867 2.28 -29.51 50.00
CA ALA A 867 1.55 -28.41 50.60
C ALA A 867 2.17 -27.09 50.18
N VAL A 868 1.34 -26.19 49.64
CA VAL A 868 1.78 -24.89 49.16
C VAL A 868 0.75 -23.85 49.60
N GLN A 869 1.17 -22.59 49.59
CA GLN A 869 0.28 -21.51 50.00
C GLN A 869 -0.83 -21.31 48.98
N VAL A 870 -2.07 -21.50 49.43
CA VAL A 870 -3.25 -21.47 48.59
C VAL A 870 -4.31 -20.70 49.35
N ASP A 871 -5.27 -20.12 48.61
CA ASP A 871 -6.36 -19.40 49.26
C ASP A 871 -7.13 -20.32 50.20
N PHE A 872 -7.48 -19.78 51.35
CA PHE A 872 -8.17 -20.54 52.38
C PHE A 872 -9.56 -20.95 51.88
N PRO A 873 -9.95 -22.23 52.03
CA PRO A 873 -11.26 -22.65 51.53
C PRO A 873 -12.39 -21.82 52.12
N GLU A 874 -13.41 -21.59 51.29
CA GLU A 874 -14.59 -20.86 51.73
C GLU A 874 -15.31 -21.67 52.80
N GLY A 875 -15.63 -21.02 53.92
CA GLY A 875 -16.27 -21.71 55.02
C GLY A 875 -16.26 -20.83 56.24
N ILE A 876 -16.91 -21.35 57.29
CA ILE A 876 -17.05 -20.58 58.53
C ILE A 876 -15.70 -20.33 59.16
N ASP A 877 -14.77 -21.28 59.04
CA ASP A 877 -13.42 -21.05 59.53
C ASP A 877 -12.72 -19.94 58.76
N ARG A 878 -13.03 -19.77 57.48
CA ARG A 878 -12.41 -18.71 56.71
C ARG A 878 -12.83 -17.34 57.23
N TYR A 879 -14.10 -17.20 57.60
CA TYR A 879 -14.56 -15.94 58.18
C TYR A 879 -13.85 -15.62 59.49
N LYS A 880 -13.65 -16.64 60.33
CA LYS A 880 -12.94 -16.44 61.59
C LYS A 880 -11.54 -15.89 61.35
N TYR A 881 -10.79 -16.55 60.47
CA TYR A 881 -9.41 -16.13 60.20
C TYR A 881 -9.37 -14.73 59.61
N PHE A 882 -10.30 -14.42 58.71
CA PHE A 882 -10.35 -13.07 58.17
C PHE A 882 -10.68 -12.06 59.26
N ALA A 883 -11.62 -12.41 60.16
CA ALA A 883 -11.98 -11.51 61.24
C ALA A 883 -10.80 -11.23 62.16
N LYS A 884 -9.96 -12.24 62.39
CA LYS A 884 -8.74 -12.04 63.17
C LYS A 884 -7.85 -10.99 62.51
N PHE A 885 -7.55 -11.18 61.23
CA PHE A 885 -6.63 -10.28 60.53
C PHE A 885 -7.20 -8.87 60.42
N LEU A 886 -8.52 -8.75 60.30
CA LEU A 886 -9.15 -7.44 60.26
C LEU A 886 -8.91 -6.68 61.56
N LEU A 887 -9.12 -7.35 62.70
CA LEU A 887 -8.90 -6.71 63.98
C LEU A 887 -7.43 -6.35 64.19
N GLU A 888 -6.52 -7.13 63.63
CA GLU A 888 -5.10 -6.82 63.73
C GLU A 888 -4.68 -5.66 62.84
N GLY A 889 -5.53 -5.23 61.92
CA GLY A 889 -5.22 -4.11 61.06
C GLY A 889 -4.61 -4.47 59.73
N GLN A 890 -4.39 -5.76 59.46
CA GLN A 890 -3.77 -6.15 58.20
C GLN A 890 -4.69 -5.88 57.02
N VAL A 891 -5.98 -6.16 57.16
CA VAL A 891 -6.92 -6.00 56.04
C VAL A 891 -7.03 -4.54 55.66
N PHE A 892 -7.28 -3.66 56.63
CA PHE A 892 -7.42 -2.22 56.39
C PHE A 892 -6.49 -1.49 57.35
N ARG A 893 -5.49 -0.80 56.80
CA ARG A 893 -4.43 -0.22 57.63
C ARG A 893 -4.91 0.92 58.52
N LYS A 894 -6.09 1.48 58.26
CA LYS A 894 -6.61 2.53 59.13
C LYS A 894 -6.93 1.97 60.51
N LEU A 895 -7.46 0.75 60.57
CA LEU A 895 -7.74 0.08 61.84
C LEU A 895 -6.47 -0.35 62.57
N ALA A 896 -5.31 -0.31 61.90
CA ALA A 896 -4.09 -0.82 62.50
C ALA A 896 -3.66 0.02 63.70
N SER A 897 -4.06 1.29 63.74
CA SER A 897 -3.70 2.12 64.89
C SER A 897 -4.34 1.60 66.16
N PHE A 898 -5.56 1.05 66.05
CA PHE A 898 -6.34 0.61 67.20
C PHE A 898 -5.89 -0.71 67.79
N LYS A 899 -5.04 -1.46 67.08
CA LYS A 899 -4.71 -2.83 67.49
C LYS A 899 -4.24 -2.91 68.93
N SER A 900 -3.60 -1.85 69.44
CA SER A 900 -3.07 -1.90 70.80
C SER A 900 -4.19 -1.86 71.85
N CYS A 901 -5.32 -1.25 71.51
CA CYS A 901 -6.37 -0.96 72.50
C CYS A 901 -7.47 -2.00 72.55
N LEU A 902 -7.39 -3.07 71.77
CA LEU A 902 -8.49 -4.04 71.74
C LEU A 902 -8.66 -4.72 73.08
N LEU A 903 -9.92 -4.98 73.45
CA LEU A 903 -10.22 -5.50 74.78
C LEU A 903 -9.78 -6.96 74.90
N SER A 904 -10.15 -7.80 73.94
CA SER A 904 -9.64 -9.16 73.89
C SER A 904 -8.82 -9.32 72.61
N SER A 905 -7.94 -10.31 72.62
CA SER A 905 -7.05 -10.53 71.50
C SER A 905 -7.86 -10.81 70.23
N PRO A 906 -7.41 -10.34 69.07
CA PRO A 906 -7.97 -10.83 67.82
C PRO A 906 -7.93 -12.34 67.69
N SER A 907 -7.06 -13.01 68.46
CA SER A 907 -6.92 -14.45 68.38
C SER A 907 -8.14 -15.19 68.91
N THR A 908 -9.00 -14.51 69.69
CA THR A 908 -10.18 -15.17 70.24
C THR A 908 -11.22 -15.50 69.18
N MET A 909 -11.06 -14.98 67.96
CA MET A 909 -11.98 -15.35 66.89
C MET A 909 -11.87 -16.83 66.55
N LEU A 910 -10.66 -17.38 66.63
CA LEU A 910 -10.47 -18.80 66.33
C LEU A 910 -10.74 -19.66 67.56
N LYS A 911 -10.13 -19.32 68.68
CA LYS A 911 -10.27 -20.06 69.92
C LYS A 911 -10.16 -19.10 71.09
N THR A 912 -10.90 -19.39 72.15
CA THR A 912 -10.92 -18.49 73.30
C THR A 912 -11.13 -19.28 74.59
N TRP A 913 -10.51 -18.79 75.67
CA TRP A 913 -10.79 -19.32 76.99
C TRP A 913 -12.11 -18.78 77.54
N ALA A 914 -12.49 -17.58 77.11
CA ALA A 914 -13.74 -16.96 77.55
C ALA A 914 -14.85 -17.45 76.63
N ARG A 915 -15.38 -18.64 76.97
CA ARG A 915 -16.40 -19.26 76.13
C ARG A 915 -17.64 -18.39 76.00
N LEU A 916 -18.04 -17.75 77.10
CA LEU A 916 -19.28 -16.97 77.09
C LEU A 916 -19.12 -15.59 76.47
N GLN A 917 -17.95 -15.25 75.97
CA GLN A 917 -17.77 -13.96 75.35
C GLN A 917 -18.69 -13.84 74.14
N PRO A 918 -19.51 -12.79 74.05
CA PRO A 918 -20.36 -12.60 72.87
C PRO A 918 -19.70 -11.80 71.75
N ARG A 919 -18.59 -11.12 72.06
CA ARG A 919 -17.89 -10.30 71.09
C ARG A 919 -17.59 -11.08 69.81
N THR A 920 -17.03 -12.28 69.96
CA THR A 920 -16.57 -13.03 68.80
C THR A 920 -17.73 -13.48 67.93
N GLU A 921 -18.85 -13.90 68.53
CA GLU A 921 -19.97 -14.35 67.72
C GLU A 921 -20.60 -13.20 66.93
N THR A 922 -20.76 -12.04 67.58
CA THR A 922 -21.43 -10.93 66.91
C THR A 922 -20.68 -10.48 65.67
N LEU A 923 -19.35 -10.39 65.77
CA LEU A 923 -18.54 -10.03 64.60
C LEU A 923 -18.64 -11.10 63.53
N LEU A 924 -18.55 -12.38 63.92
CA LEU A 924 -18.62 -13.45 62.94
C LEU A 924 -19.98 -13.52 62.27
N ARG A 925 -21.07 -13.42 63.05
CA ARG A 925 -22.40 -13.46 62.47
C ARG A 925 -22.59 -12.31 61.47
N ALA A 926 -22.21 -11.09 61.86
CA ALA A 926 -22.32 -9.95 60.96
C ALA A 926 -21.53 -10.18 59.68
N LEU A 927 -20.36 -10.82 59.79
CA LEU A 927 -19.56 -11.11 58.61
C LEU A 927 -20.26 -12.12 57.71
N VAL A 928 -20.82 -13.17 58.30
CA VAL A 928 -21.56 -14.17 57.52
C VAL A 928 -22.71 -13.52 56.77
N ALA A 929 -23.44 -12.62 57.43
CA ALA A 929 -24.63 -12.02 56.82
C ALA A 929 -24.30 -11.32 55.51
N HIS A 930 -23.13 -10.69 55.42
CA HIS A 930 -22.74 -9.97 54.21
C HIS A 930 -21.66 -10.71 53.43
N LYS A 931 -21.44 -12.00 53.74
CA LYS A 931 -20.49 -12.85 53.03
C LYS A 931 -19.13 -12.17 52.92
N ALA A 932 -18.68 -11.58 54.03
CA ALA A 932 -17.44 -10.81 54.06
C ALA A 932 -16.32 -11.71 54.60
N ASP A 933 -15.63 -12.38 53.68
CA ASP A 933 -14.46 -13.18 54.01
C ASP A 933 -13.20 -12.65 53.34
N SER A 934 -13.26 -11.46 52.76
CA SER A 934 -12.13 -10.88 52.05
C SER A 934 -12.22 -9.37 52.12
N ARG A 935 -11.10 -8.70 51.78
CA ARG A 935 -11.13 -7.24 51.66
C ARG A 935 -12.15 -6.79 50.64
N ASP A 936 -12.14 -7.41 49.46
CA ASP A 936 -13.07 -7.02 48.39
C ASP A 936 -14.51 -7.31 48.77
N SER A 937 -14.75 -8.42 49.47
CA SER A 937 -16.10 -8.73 49.94
C SER A 937 -16.58 -7.67 50.93
N LEU A 938 -15.76 -7.35 51.93
CA LEU A 938 -16.13 -6.33 52.91
C LEU A 938 -16.24 -4.95 52.27
N LEU A 939 -15.29 -4.61 51.41
CA LEU A 939 -15.35 -3.33 50.69
C LEU A 939 -16.65 -3.21 49.90
N ALA A 940 -17.09 -4.31 49.29
CA ALA A 940 -18.39 -4.31 48.63
C ALA A 940 -19.51 -4.06 49.62
N ALA A 941 -19.46 -4.75 50.76
CA ALA A 941 -20.49 -4.57 51.78
C ALA A 941 -20.55 -3.14 52.29
N TRP A 942 -19.41 -2.43 52.29
CA TRP A 942 -19.42 -1.05 52.76
C TRP A 942 -20.04 -0.12 51.72
N LYS A 943 -20.05 -0.50 50.44
CA LYS A 943 -20.79 0.28 49.46
C LYS A 943 -22.29 0.27 49.78
N LYS A 944 -22.84 -0.92 50.05
CA LYS A 944 -24.28 -1.04 50.24
C LYS A 944 -24.74 -0.35 51.52
N ASN A 945 -23.92 -0.39 52.57
CA ASN A 945 -24.12 0.50 53.72
C ASN A 945 -22.78 0.71 54.40
N PRO A 946 -22.25 1.94 54.38
CA PRO A 946 -20.89 2.19 54.87
C PRO A 946 -20.71 2.13 56.39
N LYS A 947 -21.78 1.92 57.16
CA LYS A 947 -21.65 1.75 58.61
C LYS A 947 -21.87 0.30 59.02
N TYR A 948 -21.46 -0.64 58.15
CA TYR A 948 -21.89 -2.03 58.27
C TYR A 948 -21.35 -2.69 59.54
N LEU A 949 -20.02 -2.67 59.72
CA LEU A 949 -19.40 -3.35 60.85
C LEU A 949 -19.09 -2.41 62.01
N LEU A 950 -19.58 -1.17 61.96
CA LEU A 950 -19.21 -0.18 62.96
C LEU A 950 -19.59 -0.63 64.37
N ALA A 951 -20.85 -1.00 64.58
CA ALA A 951 -21.28 -1.47 65.88
C ALA A 951 -20.46 -2.68 66.33
N GLU A 952 -20.35 -3.68 65.47
CA GLU A 952 -19.66 -4.91 65.83
C GLU A 952 -18.19 -4.67 66.11
N TYR A 953 -17.51 -3.86 65.28
CA TYR A 953 -16.09 -3.58 65.54
C TYR A 953 -15.90 -2.81 66.83
N CYS A 954 -16.81 -1.87 67.12
CA CYS A 954 -16.70 -1.09 68.35
C CYS A 954 -16.80 -1.97 69.59
N GLU A 955 -17.48 -3.10 69.48
CA GLU A 955 -17.59 -4.03 70.60
C GLU A 955 -16.22 -4.47 71.11
N TRP A 956 -15.20 -4.41 70.25
CA TRP A 956 -13.84 -4.84 70.56
C TRP A 956 -12.97 -3.72 71.11
N LEU A 957 -13.50 -2.53 71.29
CA LEU A 957 -12.74 -1.39 71.78
C LEU A 957 -13.43 -0.79 72.99
N PRO A 958 -12.68 -0.16 73.90
CA PRO A 958 -13.33 0.53 75.02
C PRO A 958 -14.21 1.66 74.52
N LYS A 959 -15.24 1.98 75.31
CA LYS A 959 -16.28 2.89 74.85
C LYS A 959 -15.72 4.26 74.48
N ALA A 960 -14.72 4.73 75.22
CA ALA A 960 -14.12 6.04 74.93
C ALA A 960 -13.65 6.15 73.48
N MET A 961 -13.20 5.03 72.90
CA MET A 961 -12.65 5.09 71.55
C MET A 961 -13.73 5.15 70.48
N HIS A 962 -14.97 4.78 70.81
CA HIS A 962 -16.01 4.57 69.80
C HIS A 962 -16.19 5.78 68.89
N SER A 963 -16.26 6.97 69.47
CA SER A 963 -16.57 8.16 68.68
C SER A 963 -15.50 8.43 67.63
N ASP A 964 -14.23 8.36 68.03
CA ASP A 964 -13.16 8.55 67.06
C ASP A 964 -13.24 7.53 65.94
N VAL A 965 -13.55 6.27 66.29
CA VAL A 965 -13.74 5.23 65.29
C VAL A 965 -14.81 5.66 64.28
N GLU A 966 -16.01 5.95 64.78
CA GLU A 966 -17.11 6.34 63.90
C GLU A 966 -16.74 7.52 63.02
N LYS A 967 -15.94 8.45 63.55
CA LYS A 967 -15.56 9.65 62.81
C LYS A 967 -14.83 9.30 61.52
N ASN A 968 -13.88 8.37 61.58
CA ASN A 968 -13.20 7.87 60.40
C ASN A 968 -13.57 6.42 60.12
N TRP A 969 -14.85 6.06 60.31
CA TRP A 969 -15.21 4.65 60.34
C TRP A 969 -14.78 3.88 59.10
N PRO A 970 -15.12 4.27 57.87
CA PRO A 970 -14.57 3.58 56.71
C PRO A 970 -13.05 3.53 56.82
N PRO A 971 -12.50 2.36 57.12
CA PRO A 971 -11.05 2.22 57.23
C PRO A 971 -10.35 2.09 55.88
N THR A 972 -11.11 2.31 54.81
CA THR A 972 -10.59 2.37 53.46
C THR A 972 -10.53 3.83 53.03
N THR A 973 -9.44 4.20 52.37
CA THR A 973 -9.46 5.43 51.58
C THR A 973 -10.27 5.17 50.32
N ASP A 974 -11.12 6.13 49.97
CA ASP A 974 -11.96 6.02 48.76
C ASP A 974 -12.84 4.78 48.80
N VAL B 56 34.41 5.65 13.67
CA VAL B 56 33.22 5.09 14.29
C VAL B 56 32.76 3.86 13.50
N PHE B 57 31.75 3.14 13.99
CA PHE B 57 31.27 1.94 13.32
C PHE B 57 29.82 1.67 13.71
N ILE B 58 29.05 1.16 12.76
CA ILE B 58 27.64 0.78 12.95
C ILE B 58 27.40 -0.63 12.43
N PRO B 59 26.69 -1.48 13.15
CA PRO B 59 26.46 -2.85 12.70
C PRO B 59 25.30 -2.98 11.70
N VAL B 60 25.31 -4.11 10.98
CA VAL B 60 24.31 -4.39 9.95
C VAL B 60 23.70 -5.78 10.12
N ASN B 61 24.52 -6.76 10.48
CA ASN B 61 24.08 -8.15 10.73
C ASN B 61 23.63 -8.81 9.42
N ARG B 62 24.60 -9.07 8.57
CA ARG B 62 24.31 -9.56 7.23
C ARG B 62 23.83 -11.00 7.26
N THR B 63 23.06 -11.36 6.24
CA THR B 63 22.66 -12.74 6.03
C THR B 63 23.90 -13.61 5.82
N PRO B 64 23.85 -14.87 6.25
CA PRO B 64 25.01 -15.76 6.03
C PRO B 64 25.26 -16.06 4.55
N GLU B 65 24.22 -16.38 3.79
CA GLU B 65 24.41 -16.73 2.40
C GLU B 65 24.62 -15.49 1.52
N MET B 66 23.90 -14.40 1.81
CA MET B 66 24.07 -13.18 1.04
C MET B 66 25.51 -12.68 1.09
N GLN B 67 26.16 -12.85 2.24
CA GLN B 67 27.54 -12.41 2.37
C GLN B 67 28.46 -13.17 1.42
N GLU B 68 28.21 -14.46 1.22
CA GLU B 68 28.94 -15.22 0.23
C GLU B 68 28.82 -14.57 -1.14
N GLU B 69 27.61 -14.16 -1.52
CA GLU B 69 27.43 -13.52 -2.83
C GLU B 69 28.04 -12.13 -2.84
N ARG B 70 27.82 -11.37 -1.77
CA ARG B 70 28.34 -10.00 -1.72
C ARG B 70 29.86 -9.99 -1.82
N LEU B 71 30.52 -11.00 -1.25
CA LEU B 71 31.97 -11.05 -1.25
C LEU B 71 32.54 -11.13 -2.66
N LYS B 72 31.78 -11.70 -3.60
CA LYS B 72 32.27 -11.80 -4.98
C LYS B 72 32.41 -10.44 -5.64
N LEU B 73 31.65 -9.45 -5.17
CA LEU B 73 31.71 -8.13 -5.78
C LEU B 73 33.12 -7.58 -5.67
N PRO B 74 33.62 -6.91 -6.70
CA PRO B 74 35.00 -6.40 -6.63
C PRO B 74 35.13 -5.18 -5.72
N ILE B 75 34.08 -4.36 -5.62
CA ILE B 75 34.17 -3.12 -4.83
C ILE B 75 34.50 -3.41 -3.37
N LEU B 76 34.02 -4.54 -2.84
CA LEU B 76 34.31 -4.90 -1.47
C LEU B 76 35.80 -4.89 -1.18
N ALA B 77 36.62 -5.29 -2.16
CA ALA B 77 38.07 -5.25 -1.97
C ALA B 77 38.56 -3.83 -1.73
N GLU B 78 37.95 -2.84 -2.38
CA GLU B 78 38.40 -1.46 -2.28
C GLU B 78 37.57 -0.64 -1.30
N GLU B 79 36.80 -1.31 -0.42
CA GLU B 79 35.96 -0.59 0.54
C GLU B 79 36.79 0.38 1.39
N GLN B 80 37.91 -0.09 1.93
CA GLN B 80 38.78 0.79 2.68
C GLN B 80 39.19 2.01 1.86
N ALA B 81 39.54 1.79 0.59
CA ALA B 81 39.99 2.89 -0.26
C ALA B 81 38.90 3.95 -0.43
N ILE B 82 37.65 3.53 -0.57
CA ILE B 82 36.57 4.50 -0.74
C ILE B 82 36.30 5.24 0.56
N MET B 83 36.34 4.51 1.69
CA MET B 83 36.12 5.16 2.97
C MET B 83 37.22 6.17 3.29
N GLU B 84 38.47 5.80 3.02
CA GLU B 84 39.59 6.72 3.25
C GLU B 84 39.49 7.96 2.38
N ALA B 85 39.01 7.81 1.14
CA ALA B 85 38.83 8.98 0.28
C ALA B 85 37.72 9.88 0.81
N VAL B 86 36.60 9.29 1.22
CA VAL B 86 35.49 10.09 1.75
C VAL B 86 35.94 10.88 2.97
N ALA B 87 36.67 10.23 3.87
CA ALA B 87 37.17 10.93 5.05
C ALA B 87 38.14 12.04 4.68
N GLU B 88 39.02 11.78 3.69
CA GLU B 88 40.02 12.77 3.32
C GLU B 88 39.43 13.94 2.54
N HIS B 89 38.48 13.67 1.65
CA HIS B 89 38.08 14.72 0.73
C HIS B 89 36.60 15.04 0.88
N PRO B 90 36.23 16.31 0.68
CA PRO B 90 34.80 16.67 0.79
C PRO B 90 33.96 16.06 -0.32
N ILE B 91 34.50 15.92 -1.52
CA ILE B 91 33.79 15.41 -2.68
C ILE B 91 34.60 14.25 -3.26
N VAL B 92 33.92 13.15 -3.57
CA VAL B 92 34.55 11.94 -4.06
C VAL B 92 33.77 11.43 -5.27
N ILE B 93 34.50 10.96 -6.29
CA ILE B 93 33.90 10.38 -7.49
C ILE B 93 34.27 8.89 -7.53
N VAL B 94 33.26 8.03 -7.63
CA VAL B 94 33.45 6.59 -7.71
C VAL B 94 32.94 6.11 -9.06
N CYS B 95 33.82 5.45 -9.81
CA CYS B 95 33.53 5.10 -11.20
C CYS B 95 33.66 3.60 -11.40
N GLY B 96 32.54 2.93 -11.62
CA GLY B 96 32.54 1.51 -11.92
C GLY B 96 31.26 1.14 -12.66
N GLU B 97 31.24 -0.08 -13.18
CA GLU B 97 30.09 -0.55 -13.93
C GLU B 97 28.89 -0.75 -13.00
N THR B 98 27.69 -0.83 -13.60
CA THR B 98 26.48 -0.91 -12.79
C THR B 98 26.46 -2.16 -11.93
N GLY B 99 26.79 -3.31 -12.51
CA GLY B 99 26.73 -4.56 -11.78
C GLY B 99 27.76 -4.69 -10.68
N SER B 100 28.77 -3.82 -10.67
CA SER B 100 29.87 -3.92 -9.70
C SER B 100 29.44 -3.61 -8.28
N GLY B 101 28.26 -3.04 -8.08
CA GLY B 101 27.78 -2.75 -6.75
C GLY B 101 28.14 -1.39 -6.19
N LYS B 102 28.64 -0.47 -7.02
CA LYS B 102 28.83 0.90 -6.55
C LYS B 102 27.54 1.46 -5.95
N THR B 103 26.44 1.35 -6.69
CA THR B 103 25.15 1.82 -6.21
C THR B 103 24.74 1.12 -4.93
N THR B 104 24.89 -0.20 -4.89
CA THR B 104 24.38 -0.95 -3.75
C THR B 104 25.30 -0.82 -2.54
N GLN B 105 26.62 -0.84 -2.75
CA GLN B 105 27.52 -1.07 -1.63
C GLN B 105 27.86 0.22 -0.89
N VAL B 106 28.20 1.30 -1.61
CA VAL B 106 28.65 2.52 -0.94
C VAL B 106 27.64 3.06 0.07
N PRO B 107 26.32 3.03 -0.16
CA PRO B 107 25.43 3.43 0.94
C PRO B 107 25.63 2.57 2.17
N GLN B 108 25.97 1.29 1.99
CA GLN B 108 26.23 0.44 3.13
C GLN B 108 27.56 0.77 3.79
N PHE B 109 28.59 1.05 2.99
CA PHE B 109 29.86 1.48 3.56
C PHE B 109 29.67 2.72 4.43
N LEU B 110 28.87 3.68 3.95
CA LEU B 110 28.67 4.91 4.68
C LEU B 110 27.80 4.70 5.91
N TYR B 111 26.82 3.80 5.83
CA TYR B 111 26.07 3.40 7.02
C TYR B 111 27.00 2.70 8.02
N GLU B 112 27.86 1.81 7.53
CA GLU B 112 28.83 1.15 8.39
C GLU B 112 29.79 2.14 9.03
N ALA B 113 30.20 3.17 8.29
CA ALA B 113 31.18 4.11 8.80
C ALA B 113 30.62 5.05 9.86
N GLY B 114 29.31 5.09 10.05
CA GLY B 114 28.71 5.93 11.05
C GLY B 114 28.22 7.28 10.55
N TYR B 115 28.22 7.50 9.23
CA TYR B 115 27.81 8.80 8.72
C TYR B 115 26.34 9.09 8.99
N SER B 116 25.50 8.07 8.91
CA SER B 116 24.07 8.24 9.16
C SER B 116 23.82 8.64 10.60
N SER B 117 22.82 9.49 10.80
CA SER B 117 22.41 9.91 12.13
C SER B 117 20.95 10.35 12.09
N GLU B 118 20.40 10.66 13.26
CA GLU B 118 19.05 11.21 13.35
C GLU B 118 18.89 12.37 12.39
N ASP B 119 19.62 13.46 12.67
CA ASP B 119 19.57 14.64 11.82
C ASP B 119 20.20 14.38 10.46
N SER B 120 21.03 13.35 10.33
CA SER B 120 21.95 13.20 9.22
C SER B 120 21.72 11.85 8.54
N ILE B 121 21.04 11.85 7.40
CA ILE B 121 20.76 10.60 6.71
C ILE B 121 21.52 10.56 5.38
N ILE B 122 21.83 9.34 4.94
CA ILE B 122 22.47 9.12 3.65
C ILE B 122 21.41 9.24 2.56
N GLY B 123 21.70 10.03 1.54
CA GLY B 123 20.84 10.17 0.39
C GLY B 123 21.54 9.70 -0.87
N VAL B 124 20.80 9.00 -1.73
CA VAL B 124 21.30 8.54 -3.02
C VAL B 124 20.23 8.82 -4.06
N THR B 125 20.62 9.51 -5.14
CA THR B 125 19.69 9.95 -6.17
C THR B 125 20.02 9.26 -7.50
N GLU B 126 18.99 8.92 -8.26
CA GLU B 126 19.08 8.07 -9.44
C GLU B 126 18.27 8.64 -10.59
N PRO B 127 18.61 8.26 -11.83
CA PRO B 127 17.87 8.83 -12.98
C PRO B 127 16.49 8.24 -13.21
N ARG B 128 16.23 6.99 -12.85
CA ARG B 128 14.92 6.41 -13.08
C ARG B 128 14.13 6.31 -11.78
N ARG B 129 12.82 6.14 -11.92
CA ARG B 129 11.99 5.78 -10.77
C ARG B 129 12.28 4.35 -10.33
N VAL B 130 12.36 3.42 -11.29
CA VAL B 130 12.52 2.00 -10.99
C VAL B 130 13.80 1.76 -10.19
N ALA B 131 14.90 2.36 -10.63
CA ALA B 131 16.19 2.10 -9.97
C ALA B 131 16.15 2.51 -8.50
N ALA B 132 15.48 3.62 -8.19
CA ALA B 132 15.41 4.10 -6.81
C ALA B 132 14.70 3.09 -5.91
N VAL B 133 13.53 2.63 -6.35
CA VAL B 133 12.74 1.67 -5.57
C VAL B 133 13.47 0.33 -5.46
N ALA B 134 13.86 -0.25 -6.60
CA ALA B 134 14.51 -1.55 -6.60
C ALA B 134 15.81 -1.54 -5.79
N MET B 135 16.62 -0.49 -5.95
CA MET B 135 17.89 -0.43 -5.22
C MET B 135 17.68 -0.36 -3.72
N SER B 136 16.74 0.48 -3.29
CA SER B 136 16.37 0.52 -1.89
C SER B 136 16.10 -0.87 -1.36
N GLN B 137 15.39 -1.70 -2.14
CA GLN B 137 15.04 -3.03 -1.67
C GLN B 137 16.26 -3.96 -1.65
N ARG B 138 17.11 -3.90 -2.67
CA ARG B 138 18.30 -4.74 -2.67
C ARG B 138 19.20 -4.41 -1.49
N VAL B 139 19.45 -3.11 -1.26
CA VAL B 139 20.22 -2.69 -0.09
C VAL B 139 19.56 -3.19 1.19
N ALA B 140 18.23 -3.12 1.26
CA ALA B 140 17.51 -3.53 2.47
C ALA B 140 17.66 -5.03 2.71
N LYS B 141 17.58 -5.83 1.65
CA LYS B 141 17.81 -7.26 1.80
C LYS B 141 19.26 -7.56 2.17
N GLU B 142 20.19 -6.82 1.59
CA GLU B 142 21.60 -7.04 1.92
C GLU B 142 21.94 -6.51 3.30
N MET B 143 21.25 -5.46 3.73
CA MET B 143 21.56 -4.86 5.03
C MET B 143 20.73 -5.43 6.16
N ASN B 144 19.72 -6.24 5.88
CA ASN B 144 18.89 -6.87 6.90
C ASN B 144 18.36 -5.80 7.85
N LEU B 145 17.56 -4.91 7.28
CA LEU B 145 17.03 -3.76 7.98
C LEU B 145 15.63 -3.48 7.49
N SER B 146 14.84 -2.80 8.32
CA SER B 146 13.47 -2.51 7.99
C SER B 146 13.40 -1.40 6.94
N HIS B 147 12.35 -1.45 6.11
CA HIS B 147 12.13 -0.42 5.10
C HIS B 147 11.89 0.96 5.70
N ARG B 148 11.72 1.04 7.02
CA ARG B 148 11.73 2.35 7.66
C ARG B 148 13.09 3.01 7.51
N VAL B 149 14.16 2.28 7.83
CA VAL B 149 15.52 2.83 7.79
C VAL B 149 16.00 2.98 6.36
N VAL B 150 15.79 1.96 5.52
CA VAL B 150 16.20 1.99 4.12
C VAL B 150 14.95 2.11 3.27
N SER B 151 14.79 3.25 2.60
CA SER B 151 13.55 3.54 1.90
C SER B 151 13.84 4.16 0.54
N TYR B 152 12.80 4.18 -0.29
CA TYR B 152 12.80 4.90 -1.56
C TYR B 152 11.75 5.99 -1.53
N GLN B 153 12.05 7.11 -2.17
CA GLN B 153 11.08 8.13 -2.45
C GLN B 153 11.17 8.46 -3.92
N ILE B 154 10.05 8.36 -4.64
CA ILE B 154 10.03 8.80 -6.02
C ILE B 154 8.90 9.80 -6.18
N ARG B 155 8.64 10.20 -7.43
CA ARG B 155 7.53 11.08 -7.69
C ARG B 155 6.23 10.44 -7.22
N TYR B 156 5.42 11.23 -6.51
CA TYR B 156 4.12 10.82 -5.92
C TYR B 156 4.19 9.49 -5.17
N GLU B 157 5.33 9.11 -4.62
CA GLU B 157 5.35 7.90 -3.80
C GLU B 157 6.50 7.96 -2.80
N GLY B 158 6.41 7.09 -1.80
CA GLY B 158 7.34 7.13 -0.70
C GLY B 158 7.46 5.82 0.03
N ASN B 159 8.58 5.68 0.72
CA ASN B 159 8.89 4.55 1.58
C ASN B 159 9.51 5.04 2.88
N VAL B 160 9.71 6.35 3.01
CA VAL B 160 10.57 6.99 4.01
C VAL B 160 9.79 7.27 5.28
N THR B 161 10.49 7.13 6.41
CA THR B 161 9.96 7.47 7.73
C THR B 161 11.11 8.10 8.53
N GLU B 162 10.83 8.51 9.76
CA GLU B 162 11.87 9.11 10.60
C GLU B 162 13.01 8.12 10.85
N GLU B 163 12.70 6.82 10.93
CA GLU B 163 13.75 5.83 11.09
C GLU B 163 14.72 5.82 9.91
N THR B 164 14.34 6.43 8.77
CA THR B 164 15.16 6.36 7.56
C THR B 164 16.56 6.92 7.80
N ARG B 165 17.57 6.09 7.57
CA ARG B 165 18.96 6.48 7.60
C ARG B 165 19.64 6.42 6.24
N ILE B 166 19.12 5.59 5.33
CA ILE B 166 19.55 5.55 3.94
C ILE B 166 18.33 5.80 3.09
N LYS B 167 18.34 6.88 2.32
CA LYS B 167 17.21 7.29 1.51
C LYS B 167 17.60 7.24 0.05
N PHE B 168 16.83 6.50 -0.73
CA PHE B 168 16.96 6.47 -2.19
C PHE B 168 15.86 7.33 -2.78
N MET B 169 16.22 8.14 -3.78
CA MET B 169 15.27 9.05 -4.41
C MET B 169 15.76 9.33 -5.82
N THR B 170 14.89 10.02 -6.57
CA THR B 170 15.28 10.47 -7.90
C THR B 170 15.78 11.92 -7.82
N ASP B 171 16.59 12.30 -8.80
CA ASP B 171 17.22 13.62 -8.79
C ASP B 171 16.20 14.73 -8.61
N GLY B 172 15.05 14.61 -9.27
CA GLY B 172 14.00 15.59 -9.10
C GLY B 172 13.51 15.69 -7.66
N VAL B 173 13.49 14.55 -6.95
CA VAL B 173 13.08 14.55 -5.56
C VAL B 173 14.06 15.37 -4.72
N LEU B 174 15.36 15.19 -4.95
CA LEU B 174 16.35 15.96 -4.21
C LEU B 174 16.24 17.44 -4.52
N LEU B 175 16.04 17.79 -5.80
CA LEU B 175 15.85 19.19 -6.16
C LEU B 175 14.69 19.82 -5.42
N LYS B 176 13.56 19.10 -5.33
CA LYS B 176 12.44 19.61 -4.55
C LYS B 176 12.78 19.69 -3.08
N GLU B 177 13.63 18.78 -2.59
CA GLU B 177 14.17 18.93 -1.24
C GLU B 177 15.05 20.17 -1.13
N ILE B 178 15.82 20.46 -2.18
CA ILE B 178 16.70 21.63 -2.17
C ILE B 178 15.89 22.92 -2.12
N GLN B 179 14.73 22.93 -2.78
CA GLN B 179 13.87 24.11 -2.71
C GLN B 179 13.42 24.36 -1.28
N LYS B 180 12.91 23.33 -0.62
CA LYS B 180 12.38 23.51 0.73
C LYS B 180 13.49 23.82 1.75
N ASP B 181 14.65 23.20 1.59
CA ASP B 181 15.79 23.45 2.49
C ASP B 181 17.06 23.51 1.64
N PHE B 182 17.51 24.74 1.35
CA PHE B 182 18.60 24.92 0.39
C PHE B 182 19.92 24.38 0.92
N LEU B 183 20.10 24.31 2.24
CA LEU B 183 21.33 23.76 2.78
C LEU B 183 21.28 22.25 2.94
N LEU B 184 20.15 21.61 2.64
CA LEU B 184 19.98 20.17 2.77
C LEU B 184 20.47 19.70 4.14
N LEU B 185 19.99 20.41 5.18
CA LEU B 185 20.47 20.13 6.54
C LEU B 185 20.14 18.72 6.97
N LYS B 186 19.11 18.11 6.38
CA LYS B 186 18.73 16.76 6.79
C LYS B 186 19.75 15.71 6.35
N TYR B 187 20.55 16.00 5.34
CA TYR B 187 21.50 15.03 4.79
C TYR B 187 22.91 15.27 5.30
N LYS B 188 23.59 14.19 5.63
CA LYS B 188 25.02 14.17 5.91
C LYS B 188 25.83 13.73 4.72
N VAL B 189 25.28 12.84 3.90
CA VAL B 189 25.90 12.39 2.67
C VAL B 189 24.84 12.41 1.59
N VAL B 190 25.17 13.03 0.46
CA VAL B 190 24.35 12.90 -0.74
C VAL B 190 25.18 12.23 -1.81
N ILE B 191 24.64 11.14 -2.35
CA ILE B 191 25.27 10.36 -3.40
C ILE B 191 24.47 10.60 -4.67
N ILE B 192 25.15 10.92 -5.75
CA ILE B 192 24.53 11.13 -7.05
C ILE B 192 25.02 10.02 -7.97
N ASP B 193 24.10 9.18 -8.38
CA ASP B 193 24.43 7.97 -9.12
C ASP B 193 24.15 8.15 -10.59
N GLU B 194 24.82 7.34 -11.41
CA GLU B 194 24.67 7.36 -12.86
C GLU B 194 24.85 8.76 -13.42
N ALA B 195 25.90 9.45 -12.94
CA ALA B 195 26.17 10.80 -13.41
C ALA B 195 26.48 10.80 -14.90
N HIS B 196 27.05 9.72 -15.41
CA HIS B 196 27.45 9.63 -16.81
C HIS B 196 26.27 9.83 -17.76
N GLU B 197 25.06 9.46 -17.32
CA GLU B 197 23.90 9.72 -18.17
C GLU B 197 23.69 11.20 -18.41
N ARG B 198 24.09 12.04 -17.44
CA ARG B 198 24.08 13.49 -17.60
C ARG B 198 22.67 14.00 -17.87
N SER B 199 21.73 13.57 -17.04
CA SER B 199 20.40 14.11 -17.15
C SER B 199 20.39 15.55 -16.64
N VAL B 200 19.39 16.29 -17.11
CA VAL B 200 19.29 17.71 -16.77
C VAL B 200 19.20 17.91 -15.26
N TYR B 201 18.53 16.98 -14.57
CA TYR B 201 18.38 17.08 -13.13
C TYR B 201 19.70 16.85 -12.40
N THR B 202 20.48 15.85 -12.83
CA THR B 202 21.79 15.65 -12.23
C THR B 202 22.66 16.90 -12.38
N ASP B 203 22.68 17.50 -13.58
CA ASP B 203 23.48 18.70 -13.81
C ASP B 203 23.09 19.81 -12.84
N ILE B 204 21.79 20.10 -12.74
CA ILE B 204 21.34 21.14 -11.82
C ILE B 204 21.69 20.76 -10.38
N LEU B 205 21.57 19.47 -10.05
CA LEU B 205 21.99 19.00 -8.73
C LEU B 205 23.48 19.19 -8.51
N LEU B 206 24.30 18.78 -9.49
CA LEU B 206 25.75 18.84 -9.32
C LEU B 206 26.23 20.25 -9.06
N GLY B 207 25.70 21.22 -9.80
CA GLY B 207 26.05 22.61 -9.52
C GLY B 207 25.51 23.09 -8.20
N LEU B 208 24.30 22.70 -7.85
CA LEU B 208 23.71 23.10 -6.58
C LEU B 208 24.43 22.43 -5.41
N LEU B 209 24.69 21.13 -5.52
CA LEU B 209 25.35 20.43 -4.42
C LEU B 209 26.78 20.94 -4.22
N SER B 210 27.47 21.31 -5.29
CA SER B 210 28.79 21.94 -5.14
C SER B 210 28.69 23.22 -4.33
N ARG B 211 27.66 24.04 -4.60
CA ARG B 211 27.45 25.23 -3.79
C ARG B 211 26.96 24.88 -2.39
N ILE B 212 26.08 23.88 -2.29
CA ILE B 212 25.59 23.45 -0.98
C ILE B 212 26.75 22.93 -0.13
N VAL B 213 27.61 22.10 -0.71
CA VAL B 213 28.73 21.52 0.05
C VAL B 213 29.56 22.63 0.68
N ALA B 214 29.93 23.64 -0.11
CA ALA B 214 30.75 24.74 0.41
C ALA B 214 30.02 25.51 1.51
N LEU B 215 28.77 25.90 1.26
CA LEU B 215 27.98 26.56 2.31
C LEU B 215 27.88 25.69 3.55
N ARG B 216 27.58 24.40 3.36
CA ARG B 216 27.41 23.49 4.48
C ARG B 216 28.72 23.31 5.25
N ALA B 217 29.85 23.20 4.54
CA ALA B 217 31.13 23.00 5.20
C ALA B 217 31.49 24.19 6.09
N LYS B 218 31.22 25.42 5.62
CA LYS B 218 31.51 26.60 6.43
C LYS B 218 30.71 26.61 7.73
N ARG B 219 29.48 26.07 7.69
CA ARG B 219 28.63 26.00 8.88
C ARG B 219 29.17 25.03 9.94
N HIS B 220 30.27 24.33 9.66
CA HIS B 220 30.80 23.28 10.53
C HIS B 220 29.86 22.08 10.59
N LEU B 221 29.07 21.88 9.55
CA LEU B 221 28.21 20.70 9.40
C LEU B 221 28.56 20.04 8.07
N PRO B 222 29.73 19.44 7.96
CA PRO B 222 30.19 18.94 6.66
C PRO B 222 29.16 18.06 5.97
N LEU B 223 28.97 18.33 4.68
CA LEU B 223 28.16 17.49 3.80
C LEU B 223 29.08 16.83 2.80
N LYS B 224 29.04 15.50 2.75
CA LYS B 224 29.87 14.76 1.81
C LYS B 224 29.10 14.56 0.51
N LEU B 225 29.78 14.83 -0.60
CA LEU B 225 29.24 14.63 -1.93
C LEU B 225 30.00 13.47 -2.58
N LEU B 226 29.26 12.48 -3.04
CA LEU B 226 29.82 11.33 -3.74
C LEU B 226 29.16 11.23 -5.12
N ILE B 227 29.97 11.12 -6.15
CA ILE B 227 29.49 11.10 -7.53
C ILE B 227 29.89 9.78 -8.15
N MET B 228 28.90 9.01 -8.59
CA MET B 228 29.13 7.71 -9.20
C MET B 228 28.86 7.79 -10.70
N SER B 229 29.82 7.32 -11.49
CA SER B 229 29.71 7.27 -12.95
C SER B 229 30.12 5.88 -13.42
N ALA B 230 29.31 5.29 -14.30
CA ALA B 230 29.68 3.98 -14.85
C ALA B 230 30.88 4.12 -15.78
N THR B 231 30.84 5.09 -16.68
CA THR B 231 31.94 5.32 -17.60
C THR B 231 33.00 6.22 -16.96
N LEU B 232 34.23 6.10 -17.46
CA LEU B 232 35.38 6.84 -16.95
C LEU B 232 35.33 8.31 -17.29
N ARG B 233 34.17 8.78 -17.75
CA ARG B 233 33.97 10.15 -18.19
C ARG B 233 33.70 10.99 -16.95
N VAL B 234 34.79 11.55 -16.41
CA VAL B 234 34.76 12.49 -15.31
C VAL B 234 35.19 13.88 -15.74
N GLU B 235 35.47 14.07 -17.04
CA GLU B 235 36.14 15.27 -17.52
C GLU B 235 35.34 16.53 -17.18
N ASP B 236 34.03 16.48 -17.36
CA ASP B 236 33.21 17.63 -17.00
C ASP B 236 33.30 17.95 -15.51
N PHE B 237 33.56 16.94 -14.68
CA PHE B 237 33.65 17.17 -13.24
C PHE B 237 35.07 17.44 -12.78
N THR B 238 36.04 16.64 -13.27
CA THR B 238 37.42 16.84 -12.81
C THR B 238 38.08 18.06 -13.44
N GLN B 239 37.57 18.54 -14.57
CA GLN B 239 38.17 19.69 -15.26
C GLN B 239 37.42 20.99 -15.06
N ASN B 240 36.34 20.99 -14.27
CA ASN B 240 35.51 22.19 -14.10
C ASN B 240 36.07 23.02 -12.94
N GLN B 241 36.77 24.09 -13.28
CA GLN B 241 37.18 25.09 -12.28
C GLN B 241 35.96 25.65 -11.55
N ARG B 242 34.87 25.87 -12.28
CA ARG B 242 33.67 26.53 -11.76
C ARG B 242 32.84 25.63 -10.86
N LEU B 243 32.81 24.32 -11.15
CA LEU B 243 32.09 23.38 -10.30
C LEU B 243 32.90 23.06 -9.05
N PHE B 244 34.12 22.58 -9.23
CA PHE B 244 35.01 22.20 -8.13
C PHE B 244 36.32 22.97 -8.28
N THR B 245 36.59 23.89 -7.35
CA THR B 245 37.86 24.59 -7.36
C THR B 245 39.03 23.61 -7.33
N THR B 246 38.89 22.50 -6.60
CA THR B 246 39.91 21.45 -6.63
C THR B 246 39.34 20.17 -7.22
N PRO B 247 40.08 19.49 -8.09
CA PRO B 247 39.53 18.32 -8.78
C PRO B 247 39.22 17.21 -7.81
N PRO B 248 38.02 16.62 -7.90
CA PRO B 248 37.64 15.58 -6.93
C PRO B 248 38.44 14.32 -7.15
N PRO B 249 38.77 13.60 -6.08
CA PRO B 249 39.44 12.30 -6.25
C PRO B 249 38.53 11.30 -6.95
N VAL B 250 39.11 10.58 -7.91
CA VAL B 250 38.42 9.55 -8.68
C VAL B 250 38.89 8.19 -8.19
N ILE B 251 37.95 7.33 -7.81
CA ILE B 251 38.25 6.01 -7.27
C ILE B 251 37.97 4.97 -8.34
N LYS B 252 38.95 4.10 -8.57
CA LYS B 252 38.92 3.14 -9.68
C LYS B 252 38.31 1.82 -9.20
N VAL B 253 37.05 1.58 -9.55
CA VAL B 253 36.39 0.32 -9.24
C VAL B 253 36.49 -0.57 -10.49
N GLU B 254 37.26 -1.64 -10.40
CA GLU B 254 37.33 -2.61 -11.48
C GLU B 254 36.30 -3.70 -11.25
N SER B 255 35.65 -4.13 -12.33
CA SER B 255 34.54 -5.07 -12.23
C SER B 255 34.67 -6.21 -13.23
N PHE B 258 32.02 -9.85 -18.54
CA PHE B 258 32.23 -10.87 -19.57
C PHE B 258 32.93 -10.30 -20.80
N PRO B 259 33.58 -11.15 -21.59
CA PRO B 259 34.31 -10.66 -22.76
C PRO B 259 33.37 -10.47 -23.94
N VAL B 260 33.58 -9.38 -24.67
CA VAL B 260 32.80 -9.08 -25.87
C VAL B 260 33.77 -8.83 -27.01
N THR B 261 33.68 -9.67 -28.04
CA THR B 261 34.41 -9.47 -29.30
C THR B 261 33.54 -8.65 -30.24
N VAL B 262 34.10 -7.58 -30.78
CA VAL B 262 33.34 -6.62 -31.57
C VAL B 262 33.73 -6.74 -33.04
N HIS B 263 32.75 -7.00 -33.90
CA HIS B 263 33.00 -7.29 -35.30
C HIS B 263 32.57 -6.09 -36.15
N PHE B 264 33.51 -5.58 -36.94
CA PHE B 264 33.29 -4.43 -37.79
C PHE B 264 33.12 -4.88 -39.23
N ASN B 265 32.20 -4.22 -39.95
CA ASN B 265 32.05 -4.49 -41.37
C ASN B 265 33.21 -3.88 -42.15
N LYS B 266 33.34 -4.32 -43.40
CA LYS B 266 34.25 -3.67 -44.33
C LYS B 266 33.60 -2.46 -44.99
N ARG B 267 32.29 -2.50 -45.18
CA ARG B 267 31.55 -1.38 -45.76
C ARG B 267 30.51 -0.91 -44.75
N THR B 268 30.56 0.38 -44.42
CA THR B 268 29.44 1.01 -43.73
C THR B 268 28.35 1.33 -44.74
N PRO B 269 27.18 0.70 -44.68
CA PRO B 269 26.13 0.99 -45.66
C PRO B 269 25.67 2.44 -45.60
N LEU B 270 26.21 3.26 -46.49
CA LEU B 270 25.83 4.65 -46.62
C LEU B 270 25.11 4.86 -47.94
N ASP B 272 21.09 2.43 -46.90
CA ASP B 272 20.25 2.23 -45.73
C ASP B 272 20.77 1.09 -44.87
N TYR B 273 20.79 1.30 -43.55
CA TYR B 273 21.18 0.23 -42.64
C TYR B 273 20.17 -0.91 -42.62
N SER B 274 18.95 -0.66 -43.09
CA SER B 274 17.86 -1.60 -42.85
C SER B 274 18.05 -2.90 -43.61
N GLY B 275 18.44 -2.81 -44.88
CA GLY B 275 18.61 -4.03 -45.67
C GLY B 275 19.77 -4.88 -45.16
N GLU B 276 20.92 -4.25 -44.92
CA GLU B 276 22.10 -4.99 -44.47
C GLU B 276 21.90 -5.57 -43.08
N CYS B 277 21.25 -4.81 -42.18
CA CYS B 277 20.99 -5.29 -40.84
C CYS B 277 20.27 -6.64 -40.86
N PHE B 278 19.28 -6.76 -41.72
CA PHE B 278 18.56 -8.03 -41.89
C PHE B 278 19.48 -9.13 -42.38
N ARG B 279 20.31 -8.83 -43.38
CA ARG B 279 21.13 -9.86 -44.00
C ARG B 279 22.17 -10.41 -43.03
N LYS B 280 22.84 -9.53 -42.28
CA LYS B 280 23.79 -9.99 -41.27
C LYS B 280 23.12 -10.87 -40.23
N VAL B 281 21.84 -10.61 -39.92
CA VAL B 281 21.11 -11.44 -38.97
C VAL B 281 20.97 -12.86 -39.50
N CYS B 282 20.82 -13.01 -40.82
CA CYS B 282 20.76 -14.34 -41.41
C CYS B 282 22.08 -15.07 -41.25
N LYS B 283 23.20 -14.38 -41.49
CA LYS B 283 24.52 -14.98 -41.27
C LYS B 283 24.68 -15.42 -39.81
N ILE B 284 24.22 -14.59 -38.87
CA ILE B 284 24.27 -14.96 -37.47
C ILE B 284 23.42 -16.19 -37.22
N HIS B 285 22.24 -16.25 -37.83
CA HIS B 285 21.33 -17.34 -37.56
C HIS B 285 21.80 -18.64 -38.22
N ARG B 286 22.16 -18.56 -39.51
CA ARG B 286 22.38 -19.78 -40.27
C ARG B 286 23.69 -20.47 -39.88
N MET B 287 24.73 -19.71 -39.58
CA MET B 287 26.04 -20.33 -39.43
C MET B 287 26.66 -20.22 -38.04
N LEU B 288 26.06 -19.46 -37.13
CA LEU B 288 26.67 -19.29 -35.82
C LEU B 288 25.96 -20.12 -34.77
N PRO B 289 26.66 -20.45 -33.68
CA PRO B 289 26.04 -21.26 -32.62
C PRO B 289 24.84 -20.57 -32.00
N ALA B 290 23.90 -21.39 -31.53
CA ALA B 290 22.65 -20.90 -30.96
C ALA B 290 22.92 -19.90 -29.85
N GLY B 291 22.28 -18.75 -29.95
CA GLY B 291 22.43 -17.71 -28.95
C GLY B 291 21.44 -16.62 -29.26
N GLY B 292 21.05 -15.90 -28.22
CA GLY B 292 20.04 -14.88 -28.39
C GLY B 292 20.54 -13.73 -29.24
N ILE B 293 19.64 -13.19 -30.05
CA ILE B 293 19.98 -12.16 -31.03
C ILE B 293 19.30 -10.87 -30.60
N LEU B 294 20.09 -9.81 -30.52
CA LEU B 294 19.60 -8.47 -30.25
C LEU B 294 20.01 -7.58 -31.42
N VAL B 295 19.04 -6.89 -32.01
CA VAL B 295 19.33 -5.95 -33.09
C VAL B 295 18.76 -4.60 -32.67
N PHE B 296 19.54 -3.56 -32.91
CA PHE B 296 19.15 -2.20 -32.56
C PHE B 296 18.65 -1.48 -33.79
N LEU B 297 17.50 -0.84 -33.66
CA LEU B 297 17.00 0.03 -34.71
C LEU B 297 16.64 1.37 -34.09
N THR B 298 16.41 2.35 -34.96
CA THR B 298 16.27 3.72 -34.53
C THR B 298 14.89 3.99 -33.94
N GLY B 299 13.83 3.50 -34.59
CA GLY B 299 12.48 3.73 -34.12
C GLY B 299 11.58 2.52 -34.33
N GLN B 300 10.34 2.67 -33.87
CA GLN B 300 9.43 1.53 -33.85
C GLN B 300 9.04 1.07 -35.25
N ALA B 301 8.92 2.01 -36.19
CA ALA B 301 8.56 1.64 -37.56
C ALA B 301 9.62 0.75 -38.18
N GLU B 302 10.89 1.09 -38.00
CA GLU B 302 11.97 0.19 -38.39
C GLU B 302 11.84 -1.16 -37.70
N VAL B 303 11.59 -1.13 -36.38
CA VAL B 303 11.53 -2.36 -35.60
C VAL B 303 10.42 -3.27 -36.11
N HIS B 304 9.26 -2.68 -36.42
CA HIS B 304 8.14 -3.49 -36.89
C HIS B 304 8.38 -4.03 -38.29
N ALA B 305 8.99 -3.22 -39.16
CA ALA B 305 9.26 -3.68 -40.52
C ALA B 305 10.22 -4.86 -40.52
N LEU B 306 11.25 -4.79 -39.68
CA LEU B 306 12.20 -5.90 -39.60
C LEU B 306 11.57 -7.12 -38.95
N CYS B 307 10.69 -6.91 -37.97
CA CYS B 307 10.04 -8.03 -37.29
C CYS B 307 9.20 -8.85 -38.26
N ARG B 308 8.36 -8.18 -39.05
CA ARG B 308 7.52 -8.91 -39.99
C ARG B 308 8.34 -9.50 -41.14
N ARG B 309 9.35 -8.75 -41.63
CA ARG B 309 10.20 -9.29 -42.69
C ARG B 309 10.99 -10.50 -42.19
N LEU B 310 11.57 -10.41 -40.99
CA LEU B 310 12.31 -11.54 -40.43
C LEU B 310 11.38 -12.72 -40.20
N ARG B 311 10.26 -12.48 -39.51
CA ARG B 311 9.30 -13.56 -39.23
C ARG B 311 8.79 -14.18 -40.53
N LYS B 312 8.52 -13.35 -41.55
CA LYS B 312 8.14 -13.89 -42.85
C LYS B 312 9.18 -14.87 -43.37
N ALA B 313 10.45 -14.61 -43.10
CA ALA B 313 11.52 -15.42 -43.68
C ALA B 313 11.66 -16.76 -42.96
N PHE B 314 11.46 -16.78 -41.64
CA PHE B 314 11.60 -18.00 -40.86
C PHE B 314 10.37 -18.17 -39.97
N PRO B 315 9.55 -19.20 -40.18
CA PRO B 315 8.37 -19.54 -39.39
C PRO B 315 8.72 -19.97 -37.97
N SER B 403 15.35 -24.78 -41.63
CA SER B 403 15.06 -25.89 -40.72
C SER B 403 14.92 -25.42 -39.27
N LEU B 404 15.48 -24.25 -38.97
CA LEU B 404 15.35 -23.66 -37.64
C LEU B 404 14.33 -22.52 -37.68
N PRO B 405 13.37 -22.49 -36.76
CA PRO B 405 12.41 -21.37 -36.77
C PRO B 405 12.86 -20.24 -35.85
N LEU B 406 12.76 -18.99 -36.32
CA LEU B 406 13.25 -17.84 -35.57
C LEU B 406 12.09 -17.07 -34.98
N HIS B 407 12.16 -16.79 -33.68
CA HIS B 407 11.08 -16.15 -32.94
C HIS B 407 11.41 -14.67 -32.77
N VAL B 408 10.63 -13.81 -33.41
CA VAL B 408 10.95 -12.38 -33.52
C VAL B 408 10.05 -11.60 -32.57
N LEU B 409 10.67 -10.85 -31.66
CA LEU B 409 9.93 -10.01 -30.73
C LEU B 409 10.39 -8.55 -30.85
N PRO B 410 9.47 -7.60 -30.93
CA PRO B 410 9.85 -6.18 -31.00
C PRO B 410 9.89 -5.56 -29.61
N LEU B 411 10.89 -4.71 -29.38
CA LEU B 411 11.01 -4.00 -28.12
C LEU B 411 11.12 -2.50 -28.42
N TYR B 412 10.21 -1.72 -27.82
CA TYR B 412 10.33 -0.28 -27.81
C TYR B 412 9.60 0.23 -26.58
N SER B 413 9.99 1.44 -26.15
CA SER B 413 9.50 1.97 -24.88
C SER B 413 7.99 2.05 -24.85
N LEU B 414 7.37 2.43 -25.97
CA LEU B 414 5.94 2.62 -25.96
C LEU B 414 5.17 1.33 -26.15
N LEU B 415 5.87 0.21 -26.37
CA LEU B 415 5.23 -1.07 -26.51
C LEU B 415 4.44 -1.42 -25.25
N ALA B 416 3.30 -2.06 -25.43
CA ALA B 416 2.43 -2.39 -24.32
C ALA B 416 3.20 -3.26 -23.31
N PRO B 417 3.00 -3.06 -22.01
CA PRO B 417 3.78 -3.81 -21.01
C PRO B 417 3.68 -5.31 -21.18
N GLU B 418 2.53 -5.82 -21.64
CA GLU B 418 2.40 -7.25 -21.92
C GLU B 418 3.38 -7.67 -23.01
N LYS B 419 3.33 -7.00 -24.16
CA LYS B 419 4.26 -7.32 -25.24
C LYS B 419 5.71 -7.10 -24.80
N GLN B 420 5.95 -6.07 -23.98
CA GLN B 420 7.29 -5.88 -23.41
C GLN B 420 7.69 -7.08 -22.56
N ALA B 421 6.76 -7.61 -21.77
CA ALA B 421 7.05 -8.77 -20.95
C ALA B 421 7.40 -9.98 -21.80
N GLN B 422 6.75 -10.14 -22.96
CA GLN B 422 7.00 -11.31 -23.79
C GLN B 422 8.44 -11.38 -24.25
N VAL B 423 9.11 -10.24 -24.36
CA VAL B 423 10.53 -10.23 -24.77
C VAL B 423 11.38 -10.96 -23.74
N PHE B 424 11.07 -10.78 -22.45
CA PHE B 424 11.95 -11.31 -21.41
C PHE B 424 11.89 -12.83 -21.34
N LYS B 425 10.74 -13.43 -21.64
CA LYS B 425 10.54 -14.86 -21.40
C LYS B 425 11.23 -15.70 -22.46
N PRO B 426 11.73 -16.89 -22.09
CA PRO B 426 12.61 -17.64 -22.99
C PRO B 426 11.84 -18.45 -24.04
N PRO B 427 12.49 -18.80 -25.15
CA PRO B 427 11.78 -19.28 -26.35
C PRO B 427 11.71 -20.80 -26.38
N PRO B 428 11.32 -21.39 -27.54
CA PRO B 428 11.47 -22.85 -27.71
C PRO B 428 12.62 -23.24 -28.65
N ARG B 432 15.37 -19.83 -32.07
CA ARG B 432 16.29 -18.78 -31.64
C ARG B 432 15.49 -17.53 -31.32
N LEU B 433 16.03 -16.69 -30.43
CA LEU B 433 15.41 -15.43 -30.09
C LEU B 433 16.10 -14.30 -30.85
N CYS B 434 15.32 -13.53 -31.61
CA CYS B 434 15.81 -12.34 -32.28
C CYS B 434 14.93 -11.17 -31.89
N VAL B 435 15.50 -10.18 -31.23
CA VAL B 435 14.75 -9.06 -30.67
C VAL B 435 15.18 -7.79 -31.39
N VAL B 436 14.22 -7.11 -31.99
CA VAL B 436 14.45 -5.82 -32.62
C VAL B 436 14.04 -4.76 -31.61
N ALA B 437 15.01 -4.04 -31.05
CA ALA B 437 14.78 -3.19 -29.90
C ALA B 437 15.34 -1.80 -30.14
N THR B 438 14.73 -0.82 -29.49
CA THR B 438 15.25 0.53 -29.47
C THR B 438 16.26 0.65 -28.33
N ASN B 439 16.54 1.88 -27.92
CA ASN B 439 17.51 2.16 -26.87
C ASN B 439 17.05 1.63 -25.51
N VAL B 440 15.79 1.18 -25.40
CA VAL B 440 15.32 0.57 -24.16
C VAL B 440 16.20 -0.61 -23.78
N ALA B 441 16.58 -1.42 -24.76
CA ALA B 441 17.44 -2.56 -24.46
C ALA B 441 18.84 -2.12 -24.07
N GLU B 442 19.25 -0.91 -24.48
CA GLU B 442 20.61 -0.47 -24.19
C GLU B 442 20.78 -0.16 -22.71
N THR B 443 19.84 0.57 -22.11
CA THR B 443 19.98 1.01 -20.73
C THR B 443 18.78 0.57 -19.89
N SER B 444 17.57 0.78 -20.42
CA SER B 444 16.38 0.59 -19.60
C SER B 444 16.13 -0.87 -19.27
N LEU B 445 16.28 -1.75 -20.26
CA LEU B 445 15.95 -3.15 -20.10
C LEU B 445 17.17 -4.02 -20.32
N THR B 446 17.14 -5.21 -19.73
CA THR B 446 18.19 -6.22 -19.86
C THR B 446 17.55 -7.51 -20.33
N ILE B 447 17.95 -8.00 -21.50
CA ILE B 447 17.35 -9.19 -22.10
C ILE B 447 18.27 -10.38 -21.82
N PRO B 448 17.77 -11.42 -21.15
CA PRO B 448 18.68 -12.44 -20.61
C PRO B 448 19.20 -13.44 -21.64
N GLY B 449 18.36 -13.83 -22.59
CA GLY B 449 18.73 -14.93 -23.47
C GLY B 449 19.56 -14.53 -24.67
N ILE B 450 20.22 -13.36 -24.62
CA ILE B 450 20.90 -12.79 -25.78
C ILE B 450 22.38 -13.11 -25.71
N LYS B 451 22.92 -13.64 -26.82
CA LYS B 451 24.36 -13.83 -26.98
C LYS B 451 24.93 -13.06 -28.16
N TYR B 452 24.10 -12.68 -29.13
CA TYR B 452 24.54 -11.97 -30.31
C TYR B 452 23.81 -10.63 -30.38
N VAL B 453 24.58 -9.55 -30.59
CA VAL B 453 24.02 -8.21 -30.75
C VAL B 453 24.41 -7.69 -32.13
N VAL B 454 23.44 -7.18 -32.86
CA VAL B 454 23.68 -6.48 -34.12
C VAL B 454 23.47 -4.99 -33.88
N ASP B 455 24.50 -4.20 -34.15
CA ASP B 455 24.45 -2.77 -33.84
C ASP B 455 24.25 -1.98 -35.13
N CYS B 456 23.08 -1.37 -35.26
CA CYS B 456 22.79 -0.49 -36.40
C CYS B 456 23.76 0.68 -36.45
N GLY B 457 24.14 1.21 -35.29
CA GLY B 457 25.05 2.32 -35.23
C GLY B 457 24.43 3.68 -35.34
N LYS B 458 23.10 3.79 -35.25
CA LYS B 458 22.40 5.06 -35.34
C LYS B 458 21.44 5.22 -34.16
N VAL B 459 21.21 6.48 -33.77
CA VAL B 459 20.25 6.85 -32.73
C VAL B 459 19.24 7.83 -33.34
N LYS B 460 18.02 7.80 -32.81
CA LYS B 460 17.05 8.88 -32.99
C LYS B 460 17.08 9.75 -31.76
N LYS B 461 17.25 11.05 -31.96
CA LYS B 461 17.19 12.03 -30.89
C LYS B 461 16.20 13.12 -31.27
N ARG B 462 15.83 13.93 -30.29
CA ARG B 462 14.95 15.07 -30.50
C ARG B 462 15.76 16.35 -30.39
N TYR B 463 15.71 17.17 -31.43
CA TYR B 463 16.45 18.42 -31.49
C TYR B 463 15.48 19.59 -31.43
N TYR B 464 15.70 20.49 -30.48
CA TYR B 464 15.03 21.77 -30.42
C TYR B 464 15.94 22.84 -31.02
N ASP B 465 15.40 23.65 -31.93
CA ASP B 465 16.09 24.86 -32.37
C ASP B 465 15.88 25.93 -31.31
N ARG B 466 16.95 26.63 -30.95
CA ARG B 466 16.81 27.76 -30.04
C ARG B 466 16.09 28.92 -30.71
N VAL B 467 16.42 29.18 -31.97
CA VAL B 467 15.82 30.30 -32.70
C VAL B 467 14.31 30.14 -32.77
N THR B 468 13.85 29.10 -33.47
CA THR B 468 12.42 28.93 -33.69
C THR B 468 11.71 28.31 -32.49
N GLY B 469 12.40 27.46 -31.72
CA GLY B 469 11.78 26.64 -30.72
C GLY B 469 11.30 25.30 -31.23
N VAL B 470 11.43 25.06 -32.54
CA VAL B 470 10.78 23.93 -33.20
C VAL B 470 11.52 22.63 -32.90
N SER B 471 10.76 21.54 -32.79
CA SER B 471 11.29 20.22 -32.53
C SER B 471 11.29 19.38 -33.80
N SER B 472 12.29 18.51 -33.93
CA SER B 472 12.35 17.55 -35.01
C SER B 472 13.06 16.30 -34.52
N PHE B 473 12.80 15.18 -35.19
CA PHE B 473 13.40 13.90 -34.85
C PHE B 473 14.33 13.48 -35.98
N ARG B 474 15.61 13.29 -35.66
CA ARG B 474 16.63 13.00 -36.66
C ARG B 474 17.45 11.80 -36.23
N VAL B 475 17.95 11.09 -37.24
CA VAL B 475 18.78 9.89 -37.04
C VAL B 475 20.22 10.27 -37.32
N THR B 476 21.09 10.11 -36.32
CA THR B 476 22.49 10.44 -36.46
C THR B 476 23.34 9.25 -36.03
N TRP B 477 24.65 9.39 -36.23
CA TRP B 477 25.60 8.42 -35.70
C TRP B 477 25.50 8.35 -34.19
N VAL B 478 25.70 7.14 -33.66
CA VAL B 478 25.75 6.93 -32.22
C VAL B 478 27.07 7.47 -31.67
N SER B 479 27.07 7.80 -30.38
CA SER B 479 28.31 8.10 -29.68
C SER B 479 29.09 6.82 -29.40
N GLN B 480 30.39 6.97 -29.16
CA GLN B 480 31.24 5.81 -28.88
C GLN B 480 30.78 5.10 -27.63
N ALA B 481 30.39 5.86 -26.60
CA ALA B 481 29.92 5.25 -25.36
C ALA B 481 28.68 4.41 -25.59
N SER B 482 27.70 4.96 -26.30
CA SER B 482 26.48 4.19 -26.56
C SER B 482 26.77 3.00 -27.48
N ALA B 483 27.69 3.16 -28.43
CA ALA B 483 28.08 2.02 -29.26
C ALA B 483 28.77 0.95 -28.42
N ASP B 484 29.60 1.36 -27.45
CA ASP B 484 30.26 0.41 -26.57
C ASP B 484 29.26 -0.24 -25.62
N GLN B 485 28.40 0.57 -25.01
CA GLN B 485 27.39 0.01 -24.12
C GLN B 485 26.41 -0.87 -24.90
N ARG B 486 26.21 -0.59 -26.19
CA ARG B 486 25.39 -1.48 -27.00
C ARG B 486 26.07 -2.83 -27.17
N ALA B 487 27.40 -2.84 -27.30
CA ALA B 487 28.11 -4.10 -27.39
C ALA B 487 27.96 -4.91 -26.11
N GLY B 488 27.96 -4.23 -24.96
CA GLY B 488 27.88 -4.94 -23.69
C GLY B 488 26.59 -5.72 -23.51
N ARG B 489 25.53 -5.33 -24.21
CA ARG B 489 24.28 -6.10 -24.14
C ARG B 489 24.51 -7.54 -24.61
N ALA B 490 25.52 -7.76 -25.45
CA ALA B 490 25.83 -9.11 -25.91
C ALA B 490 26.32 -9.99 -24.76
N GLY B 491 27.19 -9.45 -23.91
CA GLY B 491 27.78 -10.23 -22.85
C GLY B 491 27.01 -10.20 -21.53
N ARG B 492 25.79 -10.72 -21.54
CA ARG B 492 24.94 -10.80 -20.36
C ARG B 492 25.06 -12.21 -19.77
N THR B 493 25.83 -12.34 -18.70
CA THR B 493 26.03 -13.61 -17.98
C THR B 493 26.64 -14.69 -18.89
N GLU B 494 27.17 -14.30 -20.05
CA GLU B 494 27.76 -15.23 -21.00
C GLU B 494 28.66 -14.43 -21.93
N PRO B 495 29.78 -14.98 -22.39
CA PRO B 495 30.56 -14.29 -23.42
C PRO B 495 29.75 -14.16 -24.69
N GLY B 496 29.84 -12.99 -25.33
CA GLY B 496 29.05 -12.69 -26.51
C GLY B 496 29.90 -12.15 -27.63
N HIS B 497 29.28 -12.06 -28.81
CA HIS B 497 29.87 -11.50 -30.01
C HIS B 497 28.95 -10.40 -30.52
N CYS B 498 29.50 -9.22 -30.77
CA CYS B 498 28.73 -8.07 -31.20
C CYS B 498 29.21 -7.60 -32.57
N TYR B 499 28.27 -7.48 -33.52
CA TYR B 499 28.55 -7.13 -34.90
C TYR B 499 28.15 -5.69 -35.15
N ARG B 500 29.09 -4.87 -35.58
CA ARG B 500 28.85 -3.46 -35.85
C ARG B 500 28.84 -3.22 -37.35
N LEU B 501 27.81 -2.53 -37.82
CA LEU B 501 27.59 -2.31 -39.24
C LEU B 501 28.31 -1.07 -39.74
N TYR B 502 29.33 -0.62 -39.00
CA TYR B 502 30.13 0.54 -39.35
C TYR B 502 31.60 0.16 -39.28
N SER B 503 32.43 0.98 -39.90
CA SER B 503 33.83 0.64 -40.07
C SER B 503 34.60 0.94 -38.78
N SER B 504 35.86 0.48 -38.77
CA SER B 504 36.77 0.82 -37.68
C SER B 504 37.01 2.32 -37.61
N ALA B 505 37.25 2.95 -38.76
CA ALA B 505 37.46 4.39 -38.79
C ALA B 505 36.20 5.13 -38.37
N VAL B 506 35.03 4.60 -38.73
CA VAL B 506 33.78 5.25 -38.35
C VAL B 506 33.59 5.23 -36.85
N PHE B 507 34.00 4.14 -36.19
CA PHE B 507 33.97 4.11 -34.73
C PHE B 507 34.85 5.22 -34.16
N GLY B 508 36.04 5.43 -34.74
CA GLY B 508 36.85 6.55 -34.32
C GLY B 508 36.20 7.89 -34.61
N ASP B 509 35.43 7.96 -35.70
CA ASP B 509 34.79 9.22 -36.07
C ASP B 509 33.64 9.56 -35.13
N PHE B 510 33.00 8.55 -34.54
CA PHE B 510 31.91 8.81 -33.60
C PHE B 510 32.36 9.79 -32.52
N GLU B 511 31.49 10.74 -32.20
CA GLU B 511 31.73 11.63 -31.08
C GLU B 511 31.86 10.79 -29.80
N GLN B 512 32.94 11.03 -29.05
CA GLN B 512 33.27 10.10 -27.97
C GLN B 512 32.19 10.09 -26.89
N PHE B 513 31.70 11.26 -26.51
CA PHE B 513 30.68 11.33 -25.47
C PHE B 513 29.42 11.99 -26.00
N PRO B 514 28.25 11.42 -25.73
CA PRO B 514 26.99 11.99 -26.22
C PRO B 514 26.72 13.33 -25.57
N PRO B 515 26.19 14.28 -26.32
CA PRO B 515 25.99 15.64 -25.79
C PRO B 515 24.98 15.64 -24.66
N PRO B 516 25.24 16.39 -23.59
CA PRO B 516 24.31 16.42 -22.46
C PRO B 516 22.94 16.96 -22.87
N GLU B 517 21.91 16.48 -22.18
CA GLU B 517 20.54 16.86 -22.47
C GLU B 517 20.34 18.37 -22.36
N ILE B 518 21.10 19.03 -21.48
CA ILE B 518 20.89 20.46 -21.26
C ILE B 518 21.14 21.26 -22.53
N THR B 519 21.95 20.73 -23.45
CA THR B 519 22.33 21.48 -24.63
C THR B 519 21.33 21.37 -25.77
N ARG B 520 20.42 20.39 -25.75
CA ARG B 520 19.49 20.25 -26.87
C ARG B 520 18.02 20.34 -26.46
N ARG B 521 17.68 21.06 -25.39
CA ARG B 521 16.29 21.25 -25.05
C ARG B 521 16.14 22.57 -24.30
N PRO B 522 14.94 23.18 -24.34
CA PRO B 522 14.72 24.44 -23.61
C PRO B 522 14.89 24.25 -22.11
N VAL B 523 15.39 25.29 -21.44
CA VAL B 523 15.81 25.18 -20.05
C VAL B 523 15.05 26.18 -19.18
N GLU B 524 13.87 26.59 -19.62
CA GLU B 524 13.10 27.55 -18.83
C GLU B 524 12.69 26.93 -17.49
N ASP B 525 12.44 25.63 -17.46
CA ASP B 525 12.11 24.97 -16.21
C ASP B 525 13.26 25.07 -15.22
N LEU B 526 14.49 24.92 -15.71
CA LEU B 526 15.66 24.94 -14.83
C LEU B 526 15.88 26.33 -14.26
N ILE B 527 15.83 27.35 -15.11
CA ILE B 527 16.10 28.71 -14.64
C ILE B 527 15.02 29.14 -13.65
N LEU B 528 13.76 28.75 -13.88
CA LEU B 528 12.73 29.04 -12.89
C LEU B 528 13.04 28.36 -11.56
N GLN B 529 13.54 27.13 -11.61
CA GLN B 529 14.02 26.48 -10.39
C GLN B 529 15.22 27.23 -9.82
N MET B 530 16.19 27.57 -10.67
CA MET B 530 17.38 28.29 -10.22
C MET B 530 17.01 29.66 -9.66
N LYS B 531 16.12 30.38 -10.32
CA LYS B 531 15.70 31.68 -9.82
C LYS B 531 15.04 31.58 -8.45
N ALA B 532 14.31 30.48 -8.19
CA ALA B 532 13.70 30.30 -6.88
C ALA B 532 14.72 30.12 -5.77
N LEU B 533 15.94 29.69 -6.12
CA LEU B 533 17.03 29.57 -5.16
C LEU B 533 17.79 30.87 -4.98
N SER B 534 17.25 31.98 -5.51
CA SER B 534 17.87 33.30 -5.44
C SER B 534 19.14 33.39 -6.28
N ILE B 535 19.17 32.69 -7.41
CA ILE B 535 20.33 32.65 -8.30
C ILE B 535 20.01 33.60 -9.46
N GLU B 536 20.49 34.84 -9.34
CA GLU B 536 20.09 35.87 -10.30
C GLU B 536 20.83 35.73 -11.62
N LYS B 537 22.11 35.40 -11.57
CA LYS B 537 22.99 35.43 -12.75
C LYS B 537 23.17 34.01 -13.28
N VAL B 538 22.47 33.72 -14.38
CA VAL B 538 22.39 32.34 -14.86
C VAL B 538 23.75 31.85 -15.34
N ILE B 539 24.52 32.72 -16.00
CA ILE B 539 25.83 32.28 -16.50
C ILE B 539 26.79 32.00 -15.36
N ASN B 540 26.56 32.58 -14.19
CA ASN B 540 27.39 32.27 -13.03
C ASN B 540 27.20 30.83 -12.57
N PHE B 541 26.05 30.24 -12.83
CA PHE B 541 25.79 28.89 -12.37
C PHE B 541 26.76 27.92 -13.03
N PRO B 542 27.37 27.01 -12.25
CA PRO B 542 28.41 26.10 -12.78
C PRO B 542 27.83 24.84 -13.42
N PHE B 543 27.31 24.97 -14.63
CA PHE B 543 26.87 23.79 -15.35
C PHE B 543 28.08 22.90 -15.65
N PRO B 544 27.94 21.59 -15.49
CA PRO B 544 28.96 20.69 -16.05
C PRO B 544 29.27 20.99 -17.52
N THR B 545 28.24 21.08 -18.35
CA THR B 545 28.33 21.72 -19.66
C THR B 545 27.21 22.76 -19.74
N PRO B 546 27.53 24.05 -19.87
CA PRO B 546 26.46 25.05 -19.84
C PRO B 546 25.59 24.97 -21.04
N PRO B 547 24.30 25.30 -20.93
CA PRO B 547 23.44 25.36 -22.11
C PRO B 547 23.83 26.54 -22.97
N SER B 548 23.31 26.54 -24.20
CA SER B 548 23.59 27.61 -25.13
C SER B 548 23.11 28.95 -24.59
N VAL B 549 23.69 30.03 -25.13
CA VAL B 549 23.30 31.38 -24.72
C VAL B 549 21.91 31.71 -25.25
N GLU B 550 21.62 31.30 -26.49
CA GLU B 550 20.29 31.49 -27.03
C GLU B 550 19.25 30.82 -26.15
N ALA B 551 19.57 29.64 -25.60
CA ALA B 551 18.63 28.96 -24.70
C ALA B 551 18.45 29.72 -23.38
N LEU B 552 19.54 30.24 -22.82
CA LEU B 552 19.44 30.96 -21.55
C LEU B 552 18.64 32.24 -21.70
N VAL B 553 18.84 32.97 -22.80
CA VAL B 553 18.08 34.19 -23.03
C VAL B 553 16.67 33.88 -23.50
N ALA B 554 16.51 32.80 -24.28
CA ALA B 554 15.17 32.36 -24.66
C ALA B 554 14.34 32.01 -23.44
N ALA B 555 14.93 31.26 -22.51
CA ALA B 555 14.23 30.87 -21.30
C ALA B 555 13.83 32.09 -20.48
N GLU B 556 14.79 32.99 -20.23
CA GLU B 556 14.54 34.12 -19.34
C GLU B 556 13.44 35.03 -19.86
N GLU B 557 13.39 35.24 -21.18
CA GLU B 557 12.35 36.11 -21.73
C GLU B 557 10.98 35.46 -21.62
N LEU B 558 10.92 34.14 -21.81
CA LEU B 558 9.66 33.42 -21.64
C LEU B 558 9.17 33.55 -20.20
N LEU B 559 10.06 33.32 -19.23
CA LEU B 559 9.67 33.41 -17.83
C LEU B 559 9.31 34.83 -17.42
N VAL B 560 9.93 35.82 -18.04
CA VAL B 560 9.52 37.21 -17.82
C VAL B 560 8.16 37.46 -18.46
N ALA B 561 7.92 36.85 -19.63
CA ALA B 561 6.64 37.04 -20.30
C ALA B 561 5.49 36.44 -19.50
N LEU B 562 5.73 35.31 -18.84
CA LEU B 562 4.70 34.64 -18.05
C LEU B 562 4.54 35.25 -16.66
N GLY B 563 5.30 36.28 -16.32
CA GLY B 563 5.25 36.87 -15.00
C GLY B 563 6.10 36.16 -13.95
N ALA B 564 6.81 35.10 -14.33
CA ALA B 564 7.61 34.35 -13.35
C ALA B 564 8.77 35.18 -12.83
N LEU B 565 9.40 35.96 -13.71
CA LEU B 565 10.47 36.88 -13.35
C LEU B 565 9.98 38.28 -13.66
N GLN B 566 9.77 39.10 -12.63
CA GLN B 566 9.22 40.43 -12.88
C GLN B 566 10.16 41.27 -13.73
N ALA B 567 11.45 41.31 -13.38
CA ALA B 567 12.43 42.13 -14.07
C ALA B 567 12.13 43.62 -13.88
N GLN B 578 23.32 51.29 -23.17
CA GLN B 578 22.78 50.17 -22.37
C GLN B 578 21.75 49.40 -23.19
N MET B 579 21.45 48.17 -22.76
CA MET B 579 20.48 47.32 -23.41
C MET B 579 19.62 46.60 -22.38
N SER B 580 18.33 46.49 -22.67
CA SER B 580 17.38 45.60 -21.97
C SER B 580 17.36 45.96 -20.48
N GLN B 581 17.23 44.97 -19.60
CA GLN B 581 17.07 45.18 -18.18
C GLN B 581 18.32 44.73 -17.42
N LEU B 582 18.47 45.20 -16.19
CA LEU B 582 19.65 44.79 -15.43
C LEU B 582 19.46 43.44 -14.76
N SER B 583 18.24 43.10 -14.38
CA SER B 583 18.01 41.90 -13.58
C SER B 583 16.55 41.50 -13.70
N CYS B 584 16.29 40.20 -13.56
CA CYS B 584 14.93 39.66 -13.50
C CYS B 584 14.88 38.60 -12.40
N PRO B 585 14.58 39.00 -11.18
CA PRO B 585 14.45 38.04 -10.08
C PRO B 585 13.08 37.39 -10.11
N ILE B 586 12.94 36.31 -9.33
CA ILE B 586 11.70 35.57 -9.32
C ILE B 586 10.61 36.39 -8.63
N THR B 587 9.38 36.25 -9.12
CA THR B 587 8.19 36.89 -8.58
C THR B 587 7.56 36.00 -7.52
N ALA B 588 6.58 36.55 -6.80
CA ALA B 588 5.71 35.73 -5.97
C ALA B 588 4.93 34.75 -6.84
N LEU B 589 4.34 35.24 -7.92
CA LEU B 589 3.66 34.35 -8.87
C LEU B 589 4.61 33.30 -9.42
N GLY B 590 5.85 33.68 -9.70
CA GLY B 590 6.83 32.72 -10.18
C GLY B 590 7.18 31.67 -9.15
N ARG B 591 7.19 32.06 -7.86
CA ARG B 591 7.52 31.13 -6.79
C ARG B 591 6.45 30.05 -6.66
N THR B 592 5.17 30.42 -6.70
CA THR B 592 4.12 29.40 -6.71
C THR B 592 4.13 28.60 -7.99
N MET B 593 4.60 29.20 -9.10
CA MET B 593 4.78 28.46 -10.33
C MET B 593 5.89 27.43 -10.22
N SER B 594 6.92 27.74 -9.43
CA SER B 594 8.02 26.82 -9.27
C SER B 594 7.60 25.56 -8.52
N THR B 595 6.56 25.65 -7.69
CA THR B 595 6.13 24.50 -6.91
C THR B 595 5.52 23.43 -7.81
N PHE B 596 4.89 23.83 -8.90
CA PHE B 596 4.14 22.90 -9.73
C PHE B 596 5.10 22.02 -10.53
N PRO B 597 4.91 20.70 -10.52
CA PRO B 597 5.85 19.81 -11.21
C PRO B 597 5.60 19.68 -12.70
N VAL B 598 5.32 20.79 -13.39
CA VAL B 598 5.11 20.79 -14.83
C VAL B 598 5.89 21.96 -15.42
N ALA B 599 6.06 21.94 -16.74
CA ALA B 599 6.78 23.02 -17.43
C ALA B 599 6.18 24.37 -17.04
N PRO B 600 7.03 25.38 -16.80
CA PRO B 600 6.51 26.68 -16.33
C PRO B 600 5.46 27.30 -17.23
N ARG B 601 5.41 26.92 -18.51
CA ARG B 601 4.30 27.31 -19.36
C ARG B 601 2.97 26.81 -18.80
N TYR B 602 2.90 25.51 -18.50
CA TYR B 602 1.69 24.93 -17.94
C TYR B 602 1.51 25.30 -16.48
N ALA B 603 2.58 25.70 -15.80
CA ALA B 603 2.47 26.16 -14.41
C ALA B 603 1.64 27.44 -14.33
N LYS B 604 1.85 28.37 -15.27
CA LYS B 604 1.04 29.59 -15.29
C LYS B 604 -0.42 29.26 -15.58
N MET B 605 -0.68 28.31 -16.48
CA MET B 605 -2.05 27.85 -16.69
C MET B 605 -2.68 27.37 -15.39
N LEU B 606 -1.94 26.55 -14.63
CA LEU B 606 -2.48 26.00 -13.39
C LEU B 606 -2.72 27.08 -12.35
N ALA B 607 -1.72 27.95 -12.14
CA ALA B 607 -1.89 29.04 -11.19
C ALA B 607 -3.02 29.97 -11.61
N LEU B 608 -3.17 30.19 -12.92
CA LEU B 608 -4.24 31.02 -13.45
C LEU B 608 -5.60 30.33 -13.38
N SER B 609 -5.63 29.01 -13.30
CA SER B 609 -6.87 28.26 -13.45
C SER B 609 -7.67 28.18 -12.16
N GLN B 610 -7.18 28.75 -11.07
CA GLN B 610 -7.89 28.70 -9.79
C GLN B 610 -9.09 29.64 -9.79
N GLN B 611 -9.90 29.60 -10.85
CA GLN B 611 -11.09 30.44 -10.95
C GLN B 611 -12.06 29.77 -11.91
N HIS B 612 -13.35 30.01 -11.68
CA HIS B 612 -14.46 29.48 -12.46
C HIS B 612 -14.58 27.96 -12.36
N GLY B 613 -13.87 27.33 -11.42
CA GLY B 613 -14.08 25.93 -11.12
C GLY B 613 -13.54 24.94 -12.13
N CYS B 614 -12.79 25.41 -13.12
CA CYS B 614 -12.21 24.53 -14.13
C CYS B 614 -10.78 24.10 -13.79
N LEU B 615 -10.31 24.40 -12.58
CA LEU B 615 -9.00 23.93 -12.15
C LEU B 615 -8.79 22.43 -12.34
N PRO B 616 -9.74 21.54 -12.04
CA PRO B 616 -9.53 20.14 -12.39
C PRO B 616 -9.43 19.92 -13.89
N TYR B 617 -10.15 20.70 -14.69
CA TYR B 617 -10.05 20.57 -16.14
C TYR B 617 -8.65 20.94 -16.62
N THR B 618 -8.09 22.02 -16.10
CA THR B 618 -6.77 22.45 -16.53
C THR B 618 -5.72 21.40 -16.14
N ILE B 619 -5.79 20.89 -14.91
CA ILE B 619 -4.83 19.88 -14.48
C ILE B 619 -4.87 18.68 -15.43
N ALA B 620 -6.08 18.25 -15.81
CA ALA B 620 -6.20 17.11 -16.72
C ALA B 620 -5.60 17.45 -18.10
N ILE B 621 -5.91 18.63 -18.63
CA ILE B 621 -5.28 19.07 -19.88
C ILE B 621 -3.77 19.15 -19.71
N VAL B 622 -3.32 19.82 -18.64
CA VAL B 622 -1.89 19.99 -18.41
C VAL B 622 -1.19 18.64 -18.31
N ALA B 623 -1.79 17.70 -17.57
CA ALA B 623 -1.20 16.38 -17.45
C ALA B 623 -1.20 15.64 -18.77
N ALA B 624 -2.28 15.78 -19.54
CA ALA B 624 -2.34 15.13 -20.85
C ALA B 624 -1.26 15.67 -21.79
N MET B 625 -1.02 16.98 -21.76
CA MET B 625 0.07 17.55 -22.54
C MET B 625 1.43 17.08 -22.03
N THR B 626 1.60 17.02 -20.71
CA THR B 626 2.89 16.68 -20.12
C THR B 626 3.31 15.27 -20.45
N VAL B 627 2.36 14.32 -20.38
CA VAL B 627 2.69 12.93 -20.60
C VAL B 627 3.05 12.70 -22.06
N ARG B 628 3.78 11.62 -22.30
CA ARG B 628 4.31 11.31 -23.62
C ARG B 628 3.36 10.43 -24.39
N GLU B 629 2.99 10.88 -25.59
CA GLU B 629 2.33 10.06 -26.61
C GLU B 629 1.05 9.44 -26.07
N LEU B 630 0.08 10.33 -25.83
CA LEU B 630 -1.17 9.94 -25.21
C LEU B 630 -1.95 8.94 -26.06
N PHE B 631 -2.00 9.16 -27.36
CA PHE B 631 -2.76 8.32 -28.27
C PHE B 631 -1.84 7.28 -28.92
N GLU B 632 -2.25 6.02 -28.87
CA GLU B 632 -1.43 4.94 -29.36
C GLU B 632 -1.28 5.03 -30.88
N GLU B 633 -0.10 4.65 -31.37
CA GLU B 633 0.26 4.81 -32.77
C GLU B 633 -0.51 3.84 -33.65
N LEU B 634 -1.16 4.37 -34.70
CA LEU B 634 -1.96 3.58 -35.64
C LEU B 634 -1.59 3.99 -37.07
N ASP B 635 -0.48 3.46 -37.56
CA ASP B 635 -0.09 3.62 -38.95
C ASP B 635 0.62 2.34 -39.42
N LEU B 644 -5.16 -5.00 -42.78
CA LEU B 644 -5.45 -3.80 -43.57
C LEU B 644 -6.74 -3.12 -43.11
N ALA B 645 -7.83 -3.88 -43.08
CA ALA B 645 -9.12 -3.33 -42.67
C ALA B 645 -9.18 -3.11 -41.16
N GLU B 646 -8.63 -4.04 -40.38
CA GLU B 646 -8.64 -3.89 -38.92
C GLU B 646 -7.93 -2.61 -38.50
N LEU B 647 -6.81 -2.29 -39.16
CA LEU B 647 -6.10 -1.05 -38.84
C LEU B 647 -6.91 0.16 -39.31
N LYS B 648 -7.49 0.10 -40.51
CA LYS B 648 -8.26 1.21 -41.03
C LYS B 648 -9.48 1.49 -40.17
N GLY B 649 -10.14 0.44 -39.67
CA GLY B 649 -11.25 0.65 -38.77
C GLY B 649 -10.81 1.27 -37.46
N ARG B 650 -9.66 0.84 -36.94
CA ARG B 650 -9.16 1.38 -35.68
C ARG B 650 -8.85 2.87 -35.80
N ARG B 651 -8.36 3.31 -36.95
CA ARG B 651 -8.14 4.74 -37.17
C ARG B 651 -9.46 5.50 -37.10
N ALA B 652 -10.49 4.98 -37.75
CA ALA B 652 -11.78 5.69 -37.80
C ALA B 652 -12.47 5.70 -36.44
N ARG B 653 -12.29 4.66 -35.64
CA ARG B 653 -12.80 4.72 -34.26
C ARG B 653 -12.11 5.82 -33.48
N VAL B 654 -10.78 5.94 -33.62
CA VAL B 654 -10.03 6.97 -32.90
C VAL B 654 -10.41 8.36 -33.39
N ALA B 655 -10.45 8.55 -34.71
CA ALA B 655 -10.85 9.84 -35.26
C ALA B 655 -12.23 10.24 -34.77
N GLN B 656 -13.19 9.31 -34.84
CA GLN B 656 -14.54 9.61 -34.39
C GLN B 656 -14.58 9.83 -32.88
N MET B 657 -13.81 9.05 -32.11
CA MET B 657 -13.71 9.30 -30.68
C MET B 657 -13.13 10.68 -30.41
N LYS B 658 -11.99 11.00 -31.03
CA LYS B 658 -11.36 12.31 -30.84
C LYS B 658 -12.32 13.44 -31.18
N ARG B 659 -13.07 13.31 -32.27
CA ARG B 659 -14.04 14.34 -32.63
C ARG B 659 -15.16 14.43 -31.59
N THR B 660 -15.66 13.28 -31.12
CA THR B 660 -16.75 13.30 -30.14
C THR B 660 -16.31 14.01 -28.86
N TRP B 661 -15.07 13.81 -28.44
CA TRP B 661 -14.58 14.46 -27.23
C TRP B 661 -14.54 15.98 -27.41
N ALA B 662 -13.99 16.44 -28.52
CA ALA B 662 -13.97 17.87 -28.79
C ALA B 662 -15.37 18.44 -28.90
N GLY B 663 -16.29 17.69 -29.52
CA GLY B 663 -17.62 18.18 -29.74
C GLY B 663 -17.66 19.18 -30.89
N GLN B 664 -18.70 19.99 -30.90
CA GLN B 664 -18.79 21.06 -31.88
C GLN B 664 -19.36 22.30 -31.18
N GLY B 665 -19.14 23.45 -31.80
CA GLY B 665 -19.53 24.72 -31.22
C GLY B 665 -18.45 25.30 -30.33
N PRO B 666 -18.83 25.76 -29.13
CA PRO B 666 -17.83 26.35 -28.23
C PRO B 666 -16.75 25.38 -27.80
N SER B 667 -17.10 24.12 -27.52
CA SER B 667 -16.10 23.17 -27.07
C SER B 667 -15.09 22.86 -28.16
N LEU B 668 -15.51 22.93 -29.42
CA LEU B 668 -14.57 22.71 -30.51
C LEU B 668 -13.58 23.86 -30.64
N LYS B 669 -13.88 25.01 -30.06
CA LYS B 669 -12.90 26.09 -30.05
C LYS B 669 -11.68 25.75 -29.21
N LEU B 670 -11.85 24.91 -28.19
CA LEU B 670 -10.70 24.43 -27.43
C LEU B 670 -9.95 23.34 -28.15
N GLY B 671 -10.47 22.85 -29.28
CA GLY B 671 -9.72 22.03 -30.21
C GLY B 671 -9.10 20.81 -29.58
N ASP B 672 -7.84 20.56 -29.93
CA ASP B 672 -7.15 19.36 -29.46
C ASP B 672 -6.95 19.36 -27.95
N LEU B 673 -6.90 20.55 -27.34
CA LEU B 673 -6.85 20.60 -25.89
C LEU B 673 -8.14 20.08 -25.29
N MET B 674 -9.27 20.30 -25.97
CA MET B 674 -10.53 19.69 -25.56
C MET B 674 -10.49 18.17 -25.71
N VAL B 675 -9.77 17.68 -26.72
CA VAL B 675 -9.71 16.25 -26.98
C VAL B 675 -8.93 15.53 -25.89
N LEU B 676 -7.87 16.18 -25.39
CA LEU B 676 -7.13 15.62 -24.26
C LEU B 676 -8.01 15.53 -23.02
N LEU B 677 -8.72 16.61 -22.72
CA LEU B 677 -9.56 16.65 -21.53
C LEU B 677 -10.66 15.58 -21.59
N GLY B 678 -11.40 15.53 -22.69
CA GLY B 678 -12.42 14.51 -22.83
C GLY B 678 -11.89 13.10 -22.82
N ALA B 679 -10.69 12.91 -23.37
CA ALA B 679 -10.09 11.57 -23.38
C ALA B 679 -9.75 11.10 -21.98
N VAL B 680 -9.16 11.97 -21.16
CA VAL B 680 -8.89 11.62 -19.77
C VAL B 680 -10.20 11.45 -19.02
N GLY B 681 -11.15 12.36 -19.20
CA GLY B 681 -12.42 12.26 -18.51
C GLY B 681 -13.20 11.01 -18.86
N ALA B 682 -13.28 10.68 -20.14
CA ALA B 682 -13.97 9.46 -20.55
C ALA B 682 -13.26 8.23 -20.02
N CYS B 683 -11.93 8.24 -20.03
CA CYS B 683 -11.16 7.13 -19.48
C CYS B 683 -11.41 6.96 -17.99
N GLU B 684 -11.28 8.05 -17.23
CA GLU B 684 -11.55 7.99 -15.80
C GLU B 684 -13.00 7.58 -15.53
N TYR B 685 -13.93 8.09 -16.35
CA TYR B 685 -15.33 7.66 -16.27
C TYR B 685 -15.45 6.14 -16.39
N ALA B 686 -14.68 5.53 -17.28
CA ALA B 686 -14.62 4.08 -17.40
C ALA B 686 -13.56 3.46 -16.50
N GLY B 687 -13.16 4.14 -15.43
CA GLY B 687 -12.31 3.53 -14.42
C GLY B 687 -10.95 3.11 -14.94
N CYS B 688 -10.41 3.84 -15.92
CA CYS B 688 -9.09 3.53 -16.48
C CYS B 688 -8.96 2.05 -16.83
N SER B 689 -10.02 1.47 -17.38
CA SER B 689 -9.96 0.06 -17.71
C SER B 689 -9.02 -0.13 -18.90
N PRO B 690 -8.17 -1.17 -18.87
CA PRO B 690 -7.36 -1.48 -20.06
C PRO B 690 -8.22 -1.76 -21.28
N GLN B 691 -9.39 -2.39 -21.08
CA GLN B 691 -10.32 -2.60 -22.19
C GLN B 691 -10.66 -1.29 -22.88
N PHE B 692 -10.95 -0.24 -22.10
CA PHE B 692 -11.30 1.05 -22.67
C PHE B 692 -10.13 1.63 -23.46
N CYS B 693 -8.91 1.49 -22.95
CA CYS B 693 -7.77 2.15 -23.59
C CYS B 693 -7.42 1.49 -24.92
N GLN B 694 -7.52 0.16 -25.00
CA GLN B 694 -7.34 -0.49 -26.28
C GLN B 694 -8.53 -0.25 -27.20
N ALA B 695 -9.73 -0.14 -26.64
CA ALA B 695 -10.91 0.11 -27.44
C ALA B 695 -10.84 1.46 -28.13
N ASN B 696 -10.42 2.49 -27.40
CA ASN B 696 -10.48 3.86 -27.90
C ASN B 696 -9.11 4.39 -28.34
N GLY B 697 -8.13 3.52 -28.51
CA GLY B 697 -6.85 3.92 -29.08
C GLY B 697 -5.91 4.62 -28.14
N LEU B 698 -6.16 4.59 -26.85
CA LEU B 698 -5.30 5.24 -25.89
C LEU B 698 -4.21 4.29 -25.40
N ARG B 699 -3.18 4.87 -24.82
CA ARG B 699 -2.11 4.09 -24.20
C ARG B 699 -2.44 3.88 -22.73
N TYR B 700 -2.38 2.63 -22.28
CA TYR B 700 -2.72 2.32 -20.90
C TYR B 700 -1.73 2.97 -19.94
N LYS B 701 -0.43 2.79 -20.20
CA LYS B 701 0.58 3.41 -19.34
C LYS B 701 0.43 4.92 -19.31
N ALA B 702 0.10 5.54 -20.44
CA ALA B 702 -0.07 6.99 -20.48
C ALA B 702 -1.20 7.43 -19.57
N MET B 703 -2.36 6.76 -19.65
CA MET B 703 -3.52 7.13 -18.84
C MET B 703 -3.25 6.95 -17.36
N LEU B 704 -2.60 5.85 -16.98
CA LEU B 704 -2.19 5.69 -15.59
C LEU B 704 -1.19 6.76 -15.18
N GLU B 705 -0.23 7.07 -16.06
CA GLU B 705 0.70 8.16 -15.77
C GLU B 705 -0.02 9.50 -15.69
N ILE B 706 -1.05 9.69 -16.52
CA ILE B 706 -1.86 10.91 -16.44
C ILE B 706 -2.54 10.99 -15.07
N ARG B 707 -3.15 9.89 -14.63
CA ARG B 707 -3.90 9.91 -13.38
C ARG B 707 -2.99 10.23 -12.19
N ARG B 708 -1.85 9.55 -12.09
CA ARG B 708 -0.92 9.84 -10.99
C ARG B 708 -0.43 11.28 -11.06
N LEU B 709 -0.19 11.80 -12.27
CA LEU B 709 0.26 13.18 -12.41
C LEU B 709 -0.82 14.15 -11.97
N ARG B 710 -2.07 13.90 -12.35
CA ARG B 710 -3.15 14.75 -11.88
C ARG B 710 -3.22 14.76 -10.36
N GLY B 711 -2.96 13.61 -9.73
CA GLY B 711 -2.91 13.57 -8.28
C GLY B 711 -1.81 14.45 -7.72
N GLN B 712 -0.60 14.32 -8.25
CA GLN B 712 0.52 15.15 -7.80
C GLN B 712 0.23 16.63 -8.03
N LEU B 713 -0.33 16.97 -9.19
CA LEU B 713 -0.62 18.36 -9.52
C LEU B 713 -1.77 18.90 -8.68
N THR B 714 -2.75 18.06 -8.36
CA THR B 714 -3.86 18.51 -7.52
C THR B 714 -3.39 18.85 -6.12
N THR B 715 -2.49 18.02 -5.56
CA THR B 715 -1.93 18.31 -4.24
C THR B 715 -1.13 19.61 -4.26
N ALA B 716 -0.23 19.76 -5.24
CA ALA B 716 0.69 20.89 -5.28
C ALA B 716 -0.05 22.22 -5.30
N VAL B 717 -1.05 22.34 -6.17
CA VAL B 717 -1.86 23.56 -6.22
C VAL B 717 -2.55 23.81 -4.88
N ASN B 718 -3.07 22.75 -4.26
CA ASN B 718 -3.79 22.91 -3.00
C ASN B 718 -2.89 23.42 -1.89
N ALA B 719 -1.61 23.04 -1.90
CA ALA B 719 -0.66 23.63 -0.96
C ALA B 719 -0.54 25.13 -1.18
N VAL B 720 -0.65 25.56 -2.44
CA VAL B 720 -0.56 26.99 -2.75
C VAL B 720 -1.82 27.72 -2.31
N CYS B 721 -3.01 27.18 -2.66
CA CYS B 721 -4.27 27.85 -2.37
C CYS B 721 -5.40 26.83 -2.20
N PRO B 722 -5.82 26.53 -0.96
CA PRO B 722 -6.90 25.57 -0.72
C PRO B 722 -8.29 26.18 -0.86
N PRO B 730 -10.17 9.07 -9.53
CA PRO B 730 -11.11 10.17 -9.37
C PRO B 730 -11.31 10.98 -10.65
N LYS B 731 -12.51 11.50 -10.85
CA LYS B 731 -12.93 11.97 -12.16
C LYS B 731 -13.67 13.30 -12.03
N MET B 732 -13.67 14.05 -13.13
CA MET B 732 -14.31 15.35 -13.19
C MET B 732 -15.74 15.21 -13.71
N GLN B 733 -16.43 16.33 -13.83
CA GLN B 733 -17.71 16.28 -14.51
C GLN B 733 -17.62 17.07 -15.81
N PRO B 734 -18.25 16.60 -16.87
CA PRO B 734 -18.04 17.17 -18.22
C PRO B 734 -18.25 18.68 -18.22
N PRO B 735 -17.42 19.40 -18.97
CA PRO B 735 -17.41 20.85 -18.85
C PRO B 735 -18.55 21.55 -19.58
N THR B 736 -18.91 22.72 -19.05
CA THR B 736 -19.88 23.63 -19.65
C THR B 736 -19.21 24.39 -20.80
N GLU B 737 -20.03 24.82 -21.76
CA GLU B 737 -19.51 25.63 -22.86
C GLU B 737 -18.85 26.91 -22.35
N SER B 738 -19.45 27.56 -21.36
CA SER B 738 -18.79 28.68 -20.70
C SER B 738 -17.49 28.22 -20.04
N GLN B 739 -17.51 27.04 -19.41
CA GLN B 739 -16.30 26.53 -18.78
C GLN B 739 -15.21 26.26 -19.79
N VAL B 740 -15.58 25.75 -20.98
CA VAL B 740 -14.59 25.47 -22.01
C VAL B 740 -14.03 26.77 -22.60
N THR B 741 -14.83 27.85 -22.57
CA THR B 741 -14.36 29.12 -23.10
C THR B 741 -13.36 29.77 -22.15
N TYR B 742 -13.59 29.68 -20.84
CA TYR B 742 -12.58 30.13 -19.89
C TYR B 742 -11.33 29.28 -19.98
N LEU B 743 -11.49 27.98 -20.24
CA LEU B 743 -10.33 27.12 -20.44
C LEU B 743 -9.51 27.57 -21.65
N ARG B 744 -10.18 28.04 -22.70
CA ARG B 744 -9.46 28.57 -23.85
C ARG B 744 -8.58 29.74 -23.47
N GLN B 745 -9.10 30.64 -22.62
CA GLN B 745 -8.32 31.82 -22.23
C GLN B 745 -7.14 31.42 -21.36
N ILE B 746 -7.35 30.53 -20.39
CA ILE B 746 -6.26 30.06 -19.56
C ILE B 746 -5.22 29.34 -20.39
N MET B 747 -5.67 28.49 -21.32
CA MET B 747 -4.74 27.79 -22.21
C MET B 747 -4.00 28.77 -23.11
N ALA B 748 -4.71 29.73 -23.70
CA ALA B 748 -4.07 30.69 -24.59
C ALA B 748 -3.01 31.51 -23.85
N ALA B 749 -3.33 31.97 -22.63
CA ALA B 749 -2.37 32.76 -21.87
C ALA B 749 -1.12 31.97 -21.55
N GLY B 750 -1.26 30.67 -21.31
CA GLY B 750 -0.09 29.83 -21.13
C GLY B 750 0.78 29.77 -22.37
N LEU B 751 0.15 29.69 -23.55
CA LEU B 751 0.84 29.49 -24.82
C LEU B 751 0.99 30.79 -25.60
N GLY B 752 1.31 31.89 -24.90
CA GLY B 752 1.38 33.18 -25.56
C GLY B 752 2.47 33.25 -26.62
N ASP B 753 3.62 32.62 -26.36
CA ASP B 753 4.66 32.63 -27.37
C ASP B 753 4.29 31.78 -28.59
N HIS B 754 3.28 30.94 -28.46
CA HIS B 754 2.81 30.10 -29.56
C HIS B 754 1.49 30.61 -30.12
N LEU B 755 1.48 31.87 -30.54
CA LEU B 755 0.30 32.46 -31.16
C LEU B 755 0.51 32.51 -32.66
N ALA B 756 -0.46 31.99 -33.40
CA ALA B 756 -0.43 31.99 -34.86
C ALA B 756 -1.70 32.64 -35.38
N ARG B 757 -1.58 33.29 -36.53
CA ARG B 757 -2.72 33.87 -37.22
C ARG B 757 -2.82 33.26 -38.61
N ARG B 758 -4.06 33.07 -39.06
CA ARG B 758 -4.26 32.60 -40.43
C ARG B 758 -3.76 33.65 -41.41
N VAL B 759 -3.16 33.18 -42.50
CA VAL B 759 -2.65 34.08 -43.52
C VAL B 759 -3.81 34.56 -44.38
N GLN B 760 -3.98 35.88 -44.46
CA GLN B 760 -4.90 36.52 -45.37
C GLN B 760 -4.09 37.56 -46.14
N SER B 761 -4.33 37.67 -47.44
CA SER B 761 -3.54 38.57 -48.27
C SER B 761 -4.27 38.99 -49.54
N LEU B 765 2.74 36.79 -52.88
CA LEU B 765 2.22 35.52 -52.40
C LEU B 765 2.95 34.34 -53.04
N ASP B 766 2.52 33.13 -52.70
CA ASP B 766 3.14 31.94 -53.23
C ASP B 766 2.06 30.92 -52.96
N PRO B 767 2.12 29.73 -53.54
CA PRO B 767 1.13 28.71 -53.19
C PRO B 767 1.49 27.99 -51.91
N LYS B 768 2.74 28.13 -51.44
CA LYS B 768 3.13 27.54 -50.17
C LYS B 768 2.21 27.98 -49.03
N TRP B 769 1.70 29.22 -49.08
CA TRP B 769 0.88 29.81 -48.02
C TRP B 769 -0.60 29.51 -48.15
N LYS B 770 -0.99 28.48 -48.89
CA LYS B 770 -2.40 28.26 -49.22
C LYS B 770 -3.29 28.33 -47.99
N ASN B 771 -3.10 27.38 -47.07
CA ASN B 771 -3.87 27.34 -45.83
C ASN B 771 -3.00 27.49 -44.60
N ALA B 772 -1.85 28.15 -44.74
CA ALA B 772 -0.87 28.19 -43.68
C ALA B 772 -1.23 29.23 -42.63
N TYR B 773 -0.46 29.21 -41.55
CA TYR B 773 -0.49 30.20 -40.50
C TYR B 773 0.89 30.83 -40.36
N LYS B 774 0.96 31.99 -39.73
CA LYS B 774 2.23 32.67 -39.52
C LYS B 774 2.44 32.91 -38.04
N THR B 775 3.63 32.58 -37.56
CA THR B 775 4.04 32.83 -36.19
C THR B 775 5.22 33.77 -36.18
N PRO B 776 5.30 34.69 -35.21
CA PRO B 776 6.42 35.65 -35.20
C PRO B 776 7.77 34.98 -35.20
N LEU B 777 7.91 33.81 -34.57
CA LEU B 777 9.23 33.27 -34.32
C LEU B 777 9.94 32.80 -35.58
N LEU B 778 9.21 32.18 -36.51
CA LEU B 778 9.81 31.61 -37.70
C LEU B 778 9.20 32.21 -38.95
N ASP B 779 10.04 32.41 -39.96
CA ASP B 779 9.57 32.99 -41.22
C ASP B 779 8.86 31.98 -42.10
N ASP B 780 8.91 30.70 -41.74
CA ASP B 780 8.25 29.70 -42.55
C ASP B 780 6.75 29.70 -42.30
N PRO B 781 5.95 29.33 -43.30
CA PRO B 781 4.53 29.09 -43.04
C PRO B 781 4.33 27.84 -42.19
N VAL B 782 3.35 27.90 -41.29
CA VAL B 782 3.05 26.78 -40.39
C VAL B 782 1.63 26.30 -40.67
N PHE B 783 1.41 25.00 -40.43
CA PHE B 783 0.14 24.36 -40.74
C PHE B 783 -0.39 23.60 -39.55
N ILE B 784 -1.72 23.59 -39.42
CA ILE B 784 -2.39 22.73 -38.46
C ILE B 784 -2.15 21.28 -38.85
N HIS B 785 -1.88 20.43 -37.86
CA HIS B 785 -1.61 19.03 -38.13
C HIS B 785 -2.88 18.33 -38.59
N PRO B 786 -2.81 17.51 -39.65
CA PRO B 786 -4.03 16.89 -40.18
C PRO B 786 -4.79 16.06 -39.15
N SER B 787 -4.11 15.52 -38.14
CA SER B 787 -4.80 14.82 -37.06
C SER B 787 -5.52 15.76 -36.11
N SER B 788 -5.31 17.06 -36.23
CA SER B 788 -5.99 18.00 -35.34
C SER B 788 -7.49 18.01 -35.60
N VAL B 789 -8.24 18.36 -34.55
CA VAL B 789 -9.69 18.49 -34.67
C VAL B 789 -10.07 19.85 -35.24
N LEU B 790 -9.14 20.80 -35.25
CA LEU B 790 -9.33 22.10 -35.89
C LEU B 790 -8.78 22.14 -37.30
N PHE B 791 -8.42 20.98 -37.86
CA PHE B 791 -7.73 20.97 -39.14
C PHE B 791 -8.59 21.55 -40.26
N LYS B 792 -9.88 21.21 -40.26
CA LYS B 792 -10.77 21.72 -41.31
C LYS B 792 -11.38 23.07 -40.92
N GLU B 793 -11.40 23.40 -39.64
CA GLU B 793 -12.02 24.65 -39.21
C GLU B 793 -11.18 25.87 -39.57
N LEU B 794 -9.87 25.75 -39.41
CA LEU B 794 -8.92 26.82 -39.74
C LEU B 794 -9.28 28.17 -39.14
N PRO B 795 -9.32 28.31 -37.82
CA PRO B 795 -9.66 29.60 -37.20
C PRO B 795 -8.56 30.64 -37.42
N GLU B 796 -8.94 31.91 -37.21
CA GLU B 796 -8.01 33.00 -37.53
C GLU B 796 -6.84 33.05 -36.55
N PHE B 797 -7.09 32.83 -35.27
CA PHE B 797 -6.03 32.82 -34.27
C PHE B 797 -6.03 31.50 -33.52
N VAL B 798 -4.85 30.88 -33.43
CA VAL B 798 -4.67 29.66 -32.67
C VAL B 798 -3.45 29.82 -31.76
N VAL B 799 -3.46 29.06 -30.68
CA VAL B 799 -2.28 28.78 -29.89
C VAL B 799 -1.92 27.32 -30.12
N TYR B 800 -0.64 27.06 -30.38
CA TYR B 800 -0.17 25.69 -30.54
C TYR B 800 0.63 25.28 -29.30
N GLN B 801 0.49 24.01 -28.92
CA GLN B 801 1.30 23.50 -27.82
C GLN B 801 2.78 23.49 -28.19
N GLU B 802 3.09 22.92 -29.35
CA GLU B 802 4.46 22.91 -29.88
C GLU B 802 4.38 22.67 -31.38
N ILE B 803 5.50 22.95 -32.06
CA ILE B 803 5.61 22.76 -33.51
C ILE B 803 6.66 21.71 -33.79
N VAL B 804 6.32 20.74 -34.63
CA VAL B 804 7.21 19.67 -35.04
C VAL B 804 7.36 19.69 -36.56
N GLU B 805 8.60 19.71 -37.04
CA GLU B 805 8.90 19.75 -38.46
C GLU B 805 9.12 18.34 -38.97
N THR B 806 8.23 17.87 -39.86
CA THR B 806 8.38 16.55 -40.47
C THR B 806 8.41 16.69 -41.99
N THR B 807 7.24 16.67 -42.63
CA THR B 807 7.13 17.07 -44.03
C THR B 807 6.99 18.58 -44.15
N LYS B 808 5.94 19.14 -43.56
CA LYS B 808 5.79 20.57 -43.32
C LYS B 808 6.14 20.84 -41.86
N MET B 809 6.08 22.12 -41.47
CA MET B 809 6.22 22.48 -40.05
C MET B 809 4.80 22.50 -39.47
N TYR B 810 4.45 21.42 -38.77
CA TYR B 810 3.11 21.24 -38.24
C TYR B 810 3.05 21.64 -36.78
N MET B 811 1.97 22.33 -36.41
CA MET B 811 1.73 22.70 -35.02
C MET B 811 0.69 21.75 -34.44
N LYS B 812 1.05 21.13 -33.32
CA LYS B 812 0.22 20.15 -32.65
C LYS B 812 -0.23 20.69 -31.30
N GLY B 813 -1.41 20.28 -30.86
CA GLY B 813 -1.99 20.83 -29.64
C GLY B 813 -2.60 22.19 -29.83
N VAL B 814 -3.36 22.38 -30.91
CA VAL B 814 -3.85 23.69 -31.31
C VAL B 814 -5.18 24.01 -30.63
N SER B 815 -5.43 25.30 -30.42
CA SER B 815 -6.64 25.78 -29.75
C SER B 815 -6.95 27.17 -30.29
N THR B 816 -8.22 27.54 -30.27
CA THR B 816 -8.68 28.76 -30.90
C THR B 816 -8.62 29.93 -29.92
N VAL B 817 -8.23 31.10 -30.42
CA VAL B 817 -8.19 32.33 -29.65
C VAL B 817 -9.14 33.35 -30.26
N GLU B 818 -9.91 34.02 -29.40
CA GLU B 818 -10.70 35.15 -29.83
C GLU B 818 -9.83 36.41 -29.85
N ILE B 819 -9.79 37.08 -31.00
CA ILE B 819 -8.74 38.06 -31.29
C ILE B 819 -8.63 39.10 -30.18
N GLN B 820 -9.76 39.53 -29.61
CA GLN B 820 -9.68 40.53 -28.55
C GLN B 820 -9.05 40.00 -27.28
N TRP B 821 -8.83 38.68 -27.16
CA TRP B 821 -8.13 38.17 -26.00
C TRP B 821 -6.67 38.59 -25.99
N ILE B 822 -6.08 38.70 -27.20
CA ILE B 822 -4.63 38.84 -27.30
C ILE B 822 -4.08 40.01 -26.48
N PRO B 823 -4.61 41.22 -26.58
CA PRO B 823 -4.05 42.29 -25.73
C PRO B 823 -4.41 42.16 -24.26
N SER B 824 -5.59 41.63 -23.93
CA SER B 824 -5.95 41.44 -22.53
C SER B 824 -5.23 40.25 -21.91
N LEU B 825 -4.90 39.24 -22.72
CA LEU B 825 -4.22 38.04 -22.24
C LEU B 825 -2.71 38.09 -22.41
N LEU B 826 -2.23 38.71 -23.50
CA LEU B 826 -0.81 38.73 -23.83
C LEU B 826 -0.32 40.15 -24.07
N PRO B 827 -0.39 41.02 -23.04
CA PRO B 827 0.03 42.41 -23.26
C PRO B 827 1.52 42.54 -23.52
N SER B 828 2.32 41.70 -22.85
CA SER B 828 3.77 41.74 -23.02
C SER B 828 4.19 41.54 -24.48
N TYR B 829 3.40 40.78 -25.25
CA TYR B 829 3.69 40.53 -26.64
C TYR B 829 3.09 41.56 -27.57
N CYS B 830 2.33 42.51 -27.04
CA CYS B 830 1.67 43.52 -27.86
C CYS B 830 2.39 44.85 -27.75
N GLN B 831 2.15 45.71 -28.74
CA GLN B 831 2.61 47.08 -28.73
C GLN B 831 1.41 47.97 -28.97
N PHE B 832 1.07 48.78 -27.97
CA PHE B 832 -0.11 49.64 -28.03
C PHE B 832 0.27 50.99 -28.60
N ASP B 833 -0.66 51.61 -29.33
CA ASP B 833 -0.36 52.87 -29.99
C ASP B 833 -0.54 54.04 -29.03
N ALA B 834 -1.78 54.32 -28.62
CA ALA B 834 -2.05 55.41 -27.71
C ALA B 834 -3.45 55.30 -27.11
N PRO B 835 -3.67 55.81 -25.90
CA PRO B 835 -5.04 55.89 -25.38
C PRO B 835 -5.89 56.75 -26.30
N LEU B 836 -7.12 56.31 -26.52
CA LEU B 836 -8.03 57.01 -27.42
C LEU B 836 -9.03 57.83 -26.61
N GLU B 837 -9.57 58.87 -27.25
CA GLU B 837 -10.52 59.73 -26.58
C GLU B 837 -11.79 58.97 -26.22
N GLU B 838 -12.29 58.14 -27.13
CA GLU B 838 -13.45 57.29 -26.88
C GLU B 838 -13.06 55.83 -27.06
N PRO B 839 -13.21 54.96 -26.04
CA PRO B 839 -13.78 55.23 -24.71
C PRO B 839 -12.88 56.05 -23.79
N ALA B 840 -13.51 56.86 -22.95
CA ALA B 840 -12.76 57.76 -22.07
C ALA B 840 -12.05 56.97 -20.98
N PRO B 841 -10.86 57.44 -20.56
CA PRO B 841 -10.19 56.83 -19.40
C PRO B 841 -11.07 56.94 -18.17
N SER B 842 -11.06 55.89 -17.35
CA SER B 842 -11.89 55.80 -16.16
C SER B 842 -11.02 55.42 -14.98
N TYR B 843 -11.58 55.59 -13.78
CA TYR B 843 -10.95 55.16 -12.54
C TYR B 843 -11.55 53.82 -12.14
N CYS B 844 -10.69 52.85 -11.85
CA CYS B 844 -11.16 51.54 -11.40
C CYS B 844 -11.07 51.46 -9.89
N PRO B 845 -12.18 51.23 -9.19
CA PRO B 845 -12.10 51.09 -7.72
C PRO B 845 -11.48 49.78 -7.28
N GLU B 846 -11.79 48.68 -7.97
CA GLU B 846 -11.15 47.41 -7.64
C GLU B 846 -9.64 47.47 -7.87
N SER B 847 -9.22 48.11 -8.97
CA SER B 847 -7.79 48.16 -9.28
C SER B 847 -7.08 49.20 -8.43
N GLY B 848 -7.74 50.32 -8.14
CA GLY B 848 -7.08 51.47 -7.57
C GLY B 848 -6.27 52.27 -8.56
N GLN B 849 -6.46 52.05 -9.87
CA GLN B 849 -5.68 52.72 -10.89
C GLN B 849 -6.59 53.33 -11.95
N VAL B 850 -6.02 54.29 -12.67
CA VAL B 850 -6.66 54.84 -13.86
C VAL B 850 -6.46 53.87 -15.01
N LEU B 851 -7.52 53.66 -15.80
CA LEU B 851 -7.49 52.73 -16.92
C LEU B 851 -7.75 53.49 -18.23
N CYS B 852 -7.43 52.83 -19.35
CA CYS B 852 -7.73 53.44 -20.64
C CYS B 852 -7.78 52.36 -21.70
N HIS B 853 -8.48 52.68 -22.79
CA HIS B 853 -8.55 51.83 -23.96
C HIS B 853 -7.43 52.18 -24.92
N ARG B 854 -6.67 51.19 -25.34
CA ARG B 854 -5.58 51.38 -26.28
C ARG B 854 -5.68 50.34 -27.39
N ALA B 855 -5.47 50.77 -28.63
CA ALA B 855 -5.29 49.86 -29.74
C ALA B 855 -3.87 49.29 -29.69
N SER B 856 -3.71 48.09 -30.22
CA SER B 856 -2.39 47.46 -30.16
C SER B 856 -2.14 46.61 -31.39
N VAL B 857 -0.92 46.09 -31.44
CA VAL B 857 -0.39 45.37 -32.60
C VAL B 857 0.60 44.33 -32.08
N PHE B 858 0.51 43.11 -32.60
CA PHE B 858 1.43 42.07 -32.14
C PHE B 858 2.85 42.38 -32.62
N TYR B 859 3.84 41.92 -31.83
CA TYR B 859 5.15 42.57 -31.81
C TYR B 859 5.89 42.45 -33.13
N ARG B 860 6.24 41.22 -33.54
CA ARG B 860 7.14 41.06 -34.67
C ARG B 860 6.39 40.99 -36.01
N VAL B 861 5.19 40.43 -36.00
CA VAL B 861 4.41 40.29 -37.23
C VAL B 861 3.69 41.59 -37.57
N GLY B 862 3.25 42.35 -36.57
CA GLY B 862 2.55 43.59 -36.82
C GLY B 862 1.04 43.47 -36.94
N TRP B 863 0.46 42.36 -36.48
CA TRP B 863 -0.96 42.12 -36.67
C TRP B 863 -1.78 43.18 -35.95
N PRO B 864 -2.81 43.72 -36.60
CA PRO B 864 -3.69 44.68 -35.90
C PRO B 864 -4.55 43.98 -34.85
N LEU B 865 -4.65 44.61 -33.69
CA LEU B 865 -5.46 44.10 -32.59
C LEU B 865 -6.43 45.16 -32.13
N PRO B 866 -7.62 44.77 -31.67
CA PRO B 866 -8.63 45.75 -31.27
C PRO B 866 -8.26 46.46 -29.97
N ALA B 867 -8.94 47.58 -29.74
CA ALA B 867 -8.72 48.36 -28.53
C ALA B 867 -9.32 47.66 -27.32
N VAL B 868 -8.63 47.77 -26.18
CA VAL B 868 -9.02 47.10 -24.96
C VAL B 868 -8.67 47.93 -23.75
N GLN B 869 -9.38 47.66 -22.65
CA GLN B 869 -9.17 48.42 -21.42
C GLN B 869 -7.87 48.00 -20.77
N VAL B 870 -6.96 48.94 -20.60
CA VAL B 870 -5.62 48.71 -20.08
C VAL B 870 -5.32 49.85 -19.12
N ASP B 871 -4.46 49.58 -18.13
CA ASP B 871 -4.02 50.64 -17.24
C ASP B 871 -3.39 51.77 -18.05
N PHE B 872 -3.69 53.00 -17.64
CA PHE B 872 -3.16 54.18 -18.30
C PHE B 872 -1.64 54.18 -18.20
N PRO B 873 -0.91 54.34 -19.30
CA PRO B 873 0.56 54.34 -19.20
C PRO B 873 1.02 55.41 -18.24
N GLU B 874 2.17 55.15 -17.61
CA GLU B 874 2.75 56.16 -16.74
C GLU B 874 3.15 57.37 -17.57
N GLY B 875 2.82 58.55 -17.07
CA GLY B 875 3.03 59.78 -17.81
C GLY B 875 2.37 60.92 -17.08
N ILE B 876 2.70 62.13 -17.53
CA ILE B 876 2.10 63.32 -16.93
C ILE B 876 0.60 63.36 -17.22
N ASP B 877 0.20 62.91 -18.41
CA ASP B 877 -1.23 62.80 -18.70
C ASP B 877 -1.93 61.84 -17.75
N ARG B 878 -1.23 60.78 -17.30
CA ARG B 878 -1.84 59.87 -16.34
C ARG B 878 -2.15 60.58 -15.04
N TYR B 879 -1.21 61.38 -14.54
CA TYR B 879 -1.46 62.16 -13.33
C TYR B 879 -2.65 63.08 -13.50
N LYS B 880 -2.77 63.72 -14.67
CA LYS B 880 -3.88 64.64 -14.92
C LYS B 880 -5.21 63.92 -14.77
N TYR B 881 -5.34 62.73 -15.34
CA TYR B 881 -6.59 61.99 -15.23
C TYR B 881 -6.84 61.54 -13.81
N PHE B 882 -5.79 61.14 -13.09
CA PHE B 882 -5.99 60.73 -11.71
C PHE B 882 -6.45 61.89 -10.84
N ALA B 883 -5.93 63.08 -11.09
CA ALA B 883 -6.34 64.24 -10.31
C ALA B 883 -7.80 64.62 -10.58
N LYS B 884 -8.24 64.47 -11.84
CA LYS B 884 -9.64 64.70 -12.16
C LYS B 884 -10.55 63.77 -11.36
N PHE B 885 -10.26 62.47 -11.42
CA PHE B 885 -11.07 61.49 -10.69
C PHE B 885 -10.99 61.72 -9.19
N LEU B 886 -9.79 62.08 -8.70
CA LEU B 886 -9.63 62.36 -7.28
C LEU B 886 -10.56 63.48 -6.83
N LEU B 887 -10.60 64.57 -7.60
CA LEU B 887 -11.47 65.70 -7.25
C LEU B 887 -12.94 65.29 -7.31
N GLU B 888 -13.32 64.51 -8.31
CA GLU B 888 -14.70 64.06 -8.45
C GLU B 888 -15.12 63.14 -7.30
N GLY B 889 -14.18 62.65 -6.50
CA GLY B 889 -14.49 61.79 -5.37
C GLY B 889 -14.51 60.31 -5.68
N GLN B 890 -14.21 59.91 -6.91
CA GLN B 890 -14.20 58.50 -7.25
C GLN B 890 -13.11 57.75 -6.50
N VAL B 891 -11.93 58.37 -6.34
CA VAL B 891 -10.79 57.66 -5.77
C VAL B 891 -11.00 57.43 -4.27
N PHE B 892 -11.32 58.49 -3.53
CA PHE B 892 -11.58 58.39 -2.10
C PHE B 892 -12.95 58.97 -1.82
N ARG B 893 -13.91 58.09 -1.48
CA ARG B 893 -15.31 58.53 -1.38
C ARG B 893 -15.51 59.64 -0.36
N LYS B 894 -14.60 59.81 0.61
CA LYS B 894 -14.79 60.88 1.57
C LYS B 894 -14.73 62.25 0.92
N LEU B 895 -13.98 62.39 -0.18
CA LEU B 895 -13.99 63.64 -0.93
C LEU B 895 -15.25 63.78 -1.79
N ALA B 896 -16.05 62.73 -1.94
CA ALA B 896 -17.19 62.78 -2.86
C ALA B 896 -18.26 63.74 -2.38
N SER B 897 -18.40 63.93 -1.07
CA SER B 897 -19.36 64.91 -0.56
C SER B 897 -19.05 66.30 -1.09
N PHE B 898 -17.77 66.65 -1.17
CA PHE B 898 -17.33 68.00 -1.52
C PHE B 898 -17.47 68.31 -3.00
N LYS B 899 -17.80 67.32 -3.84
CA LYS B 899 -17.71 67.52 -5.28
C LYS B 899 -18.54 68.71 -5.75
N SER B 900 -19.62 69.04 -5.04
CA SER B 900 -20.52 70.07 -5.55
C SER B 900 -19.96 71.47 -5.36
N CYS B 901 -19.05 71.67 -4.41
CA CYS B 901 -18.59 73.01 -4.07
C CYS B 901 -17.29 73.41 -4.73
N LEU B 902 -16.75 72.58 -5.62
CA LEU B 902 -15.44 72.89 -6.20
C LEU B 902 -15.52 74.18 -7.01
N LEU B 903 -14.47 75.00 -6.88
CA LEU B 903 -14.48 76.33 -7.49
C LEU B 903 -14.45 76.22 -9.02
N SER B 904 -13.50 75.47 -9.56
CA SER B 904 -13.47 75.15 -10.98
C SER B 904 -13.57 73.64 -11.15
N SER B 905 -14.03 73.24 -12.34
CA SER B 905 -14.38 71.85 -12.56
C SER B 905 -13.15 70.95 -12.46
N PRO B 906 -13.33 69.70 -12.01
CA PRO B 906 -12.24 68.73 -12.13
C PRO B 906 -11.78 68.51 -13.56
N SER B 907 -12.61 68.84 -14.55
CA SER B 907 -12.21 68.71 -15.95
C SER B 907 -11.01 69.58 -16.30
N THR B 908 -10.73 70.61 -15.50
CA THR B 908 -9.67 71.55 -15.82
C THR B 908 -8.27 70.95 -15.68
N MET B 909 -8.14 69.82 -14.96
CA MET B 909 -6.84 69.18 -14.87
C MET B 909 -6.34 68.73 -16.24
N LEU B 910 -7.27 68.37 -17.13
CA LEU B 910 -6.88 67.94 -18.47
C LEU B 910 -6.71 69.12 -19.41
N LYS B 911 -7.72 70.00 -19.46
CA LYS B 911 -7.73 71.15 -20.35
C LYS B 911 -8.54 72.25 -19.69
N THR B 912 -8.14 73.49 -19.92
CA THR B 912 -8.80 74.63 -19.29
C THR B 912 -8.83 75.83 -20.23
N TRP B 913 -9.91 76.61 -20.13
CA TRP B 913 -9.91 77.93 -20.74
C TRP B 913 -9.16 78.92 -19.88
N ALA B 914 -9.07 78.65 -18.58
CA ALA B 914 -8.34 79.50 -17.65
C ALA B 914 -6.87 79.07 -17.66
N ARG B 915 -6.17 79.54 -18.68
CA ARG B 915 -4.75 79.21 -18.82
C ARG B 915 -3.96 79.61 -17.59
N LEU B 916 -4.23 80.79 -17.03
CA LEU B 916 -3.46 81.28 -15.89
C LEU B 916 -3.89 80.70 -14.56
N GLN B 917 -4.84 79.78 -14.53
CA GLN B 917 -5.24 79.20 -13.27
C GLN B 917 -4.08 78.41 -12.69
N PRO B 918 -3.65 78.71 -11.46
CA PRO B 918 -2.55 77.96 -10.84
C PRO B 918 -3.01 76.73 -10.09
N ARG B 919 -4.31 76.61 -9.86
CA ARG B 919 -4.87 75.51 -9.08
C ARG B 919 -4.44 74.16 -9.62
N THR B 920 -4.58 73.98 -10.94
CA THR B 920 -4.29 72.68 -11.55
C THR B 920 -2.80 72.38 -11.53
N GLU B 921 -1.96 73.37 -11.83
CA GLU B 921 -0.51 73.12 -11.81
C GLU B 921 -0.03 72.73 -10.42
N THR B 922 -0.46 73.46 -9.40
CA THR B 922 -0.04 73.14 -8.03
C THR B 922 -0.45 71.72 -7.65
N LEU B 923 -1.67 71.32 -7.99
CA LEU B 923 -2.11 69.96 -7.69
C LEU B 923 -1.31 68.93 -8.48
N LEU B 924 -1.08 69.20 -9.77
CA LEU B 924 -0.31 68.26 -10.58
C LEU B 924 1.14 68.17 -10.13
N ARG B 925 1.75 69.31 -9.78
CA ARG B 925 3.15 69.28 -9.34
C ARG B 925 3.29 68.53 -8.02
N ALA B 926 2.36 68.73 -7.09
CA ALA B 926 2.41 68.00 -5.82
C ALA B 926 2.23 66.50 -6.06
N LEU B 927 1.39 66.13 -7.02
CA LEU B 927 1.19 64.71 -7.31
C LEU B 927 2.45 64.09 -7.91
N VAL B 928 3.09 64.76 -8.85
CA VAL B 928 4.32 64.25 -9.47
C VAL B 928 5.40 64.09 -8.41
N ALA B 929 5.46 65.00 -7.45
CA ALA B 929 6.53 64.98 -6.45
C ALA B 929 6.53 63.67 -5.66
N HIS B 930 5.35 63.13 -5.37
CA HIS B 930 5.24 61.90 -4.60
C HIS B 930 4.77 60.73 -5.45
N LYS B 931 4.87 60.86 -6.77
CA LYS B 931 4.54 59.80 -7.73
C LYS B 931 3.18 59.18 -7.41
N ALA B 932 2.20 60.04 -7.17
CA ALA B 932 0.86 59.62 -6.78
C ALA B 932 -0.03 59.65 -8.01
N ASP B 933 -0.02 58.56 -8.77
CA ASP B 933 -0.88 58.38 -9.93
C ASP B 933 -1.92 57.30 -9.70
N SER B 934 -2.08 56.84 -8.46
CA SER B 934 -3.05 55.80 -8.13
C SER B 934 -3.50 55.97 -6.68
N ARG B 935 -4.58 55.27 -6.33
CA ARG B 935 -5.03 55.27 -4.94
C ARG B 935 -3.96 54.74 -4.01
N ASP B 936 -3.31 53.65 -4.41
CA ASP B 936 -2.30 53.03 -3.55
C ASP B 936 -1.04 53.88 -3.47
N SER B 937 -0.67 54.55 -4.57
CA SER B 937 0.46 55.47 -4.55
C SER B 937 0.19 56.66 -3.63
N LEU B 938 -0.98 57.28 -3.79
CA LEU B 938 -1.37 58.37 -2.90
C LEU B 938 -1.47 57.90 -1.45
N LEU B 939 -2.10 56.74 -1.24
CA LEU B 939 -2.18 56.16 0.09
C LEU B 939 -0.80 56.00 0.71
N ALA B 940 0.16 55.49 -0.07
CA ALA B 940 1.53 55.34 0.43
C ALA B 940 2.13 56.68 0.80
N ALA B 941 1.95 57.70 -0.05
CA ALA B 941 2.46 59.03 0.26
C ALA B 941 1.81 59.60 1.51
N TRP B 942 0.55 59.25 1.77
CA TRP B 942 -0.11 59.72 2.98
C TRP B 942 0.48 59.06 4.23
N LYS B 943 0.94 57.82 4.12
CA LYS B 943 1.70 57.22 5.22
C LYS B 943 2.90 58.08 5.60
N LYS B 944 3.68 58.50 4.59
CA LYS B 944 4.90 59.25 4.87
C LYS B 944 4.59 60.63 5.47
N ASN B 945 3.50 61.25 5.02
CA ASN B 945 2.97 62.44 5.68
C ASN B 945 1.47 62.50 5.43
N PRO B 946 0.64 62.47 6.47
CA PRO B 946 -0.81 62.44 6.26
C PRO B 946 -1.42 63.78 5.86
N LYS B 947 -0.65 64.87 5.82
CA LYS B 947 -1.18 66.16 5.40
C LYS B 947 -0.69 66.55 4.01
N TYR B 948 -0.39 65.56 3.16
CA TYR B 948 0.36 65.78 1.93
C TYR B 948 -0.40 66.65 0.95
N LEU B 949 -1.62 66.26 0.57
CA LEU B 949 -2.36 67.00 -0.43
C LEU B 949 -3.36 67.99 0.16
N LEU B 950 -3.30 68.24 1.48
CA LEU B 950 -4.33 69.05 2.13
C LEU B 950 -4.36 70.47 1.59
N ALA B 951 -3.19 71.12 1.52
CA ALA B 951 -3.12 72.48 1.02
C ALA B 951 -3.56 72.55 -0.44
N GLU B 952 -3.01 71.66 -1.28
CA GLU B 952 -3.32 71.70 -2.69
C GLU B 952 -4.79 71.38 -2.95
N TYR B 953 -5.34 70.36 -2.28
CA TYR B 953 -6.74 70.04 -2.49
C TYR B 953 -7.64 71.20 -2.08
N CYS B 954 -7.33 71.86 -0.96
CA CYS B 954 -8.18 72.94 -0.49
C CYS B 954 -8.18 74.13 -1.43
N GLU B 955 -7.13 74.27 -2.25
CA GLU B 955 -7.12 75.28 -3.30
C GLU B 955 -8.32 75.11 -4.23
N TRP B 956 -8.95 73.93 -4.23
CA TRP B 956 -10.10 73.63 -5.06
C TRP B 956 -11.43 73.83 -4.32
N LEU B 957 -11.42 74.37 -3.12
CA LEU B 957 -12.63 74.57 -2.34
C LEU B 957 -12.66 75.98 -1.79
N PRO B 958 -13.85 76.52 -1.52
CA PRO B 958 -13.92 77.83 -0.88
C PRO B 958 -13.35 77.79 0.52
N LYS B 959 -12.80 78.94 0.95
CA LYS B 959 -12.04 78.99 2.20
C LYS B 959 -12.87 78.55 3.41
N ALA B 960 -14.18 78.82 3.39
CA ALA B 960 -15.02 78.42 4.51
C ALA B 960 -14.95 76.91 4.76
N MET B 961 -14.80 76.13 3.70
CA MET B 961 -14.81 74.67 3.86
C MET B 961 -13.50 74.13 4.41
N HIS B 962 -12.42 74.91 4.35
CA HIS B 962 -11.08 74.38 4.62
C HIS B 962 -10.99 73.69 5.97
N SER B 963 -11.49 74.35 7.03
CA SER B 963 -11.41 73.76 8.36
C SER B 963 -12.02 72.36 8.39
N ASP B 964 -13.23 72.22 7.85
CA ASP B 964 -13.91 70.92 7.88
C ASP B 964 -13.13 69.87 7.10
N VAL B 965 -12.55 70.27 5.96
CA VAL B 965 -11.67 69.37 5.21
C VAL B 965 -10.55 68.87 6.11
N GLU B 966 -9.78 69.81 6.66
CA GLU B 966 -8.61 69.47 7.48
C GLU B 966 -8.99 68.54 8.62
N LYS B 967 -10.18 68.73 9.20
CA LYS B 967 -10.58 67.95 10.37
C LYS B 967 -10.61 66.47 10.04
N ASN B 968 -11.18 66.10 8.92
CA ASN B 968 -11.21 64.72 8.45
C ASN B 968 -10.33 64.53 7.23
N TRP B 969 -9.16 65.19 7.21
CA TRP B 969 -8.43 65.34 5.96
C TRP B 969 -8.12 64.02 5.28
N PRO B 970 -7.48 63.05 5.93
CA PRO B 970 -7.29 61.74 5.29
C PRO B 970 -8.62 61.18 4.82
N PRO B 971 -8.86 61.15 3.51
CA PRO B 971 -10.17 60.75 2.99
C PRO B 971 -10.26 59.25 2.82
N THR B 972 -9.35 58.54 3.46
CA THR B 972 -9.38 57.09 3.53
C THR B 972 -9.76 56.68 4.95
N THR B 973 -10.66 55.71 5.05
CA THR B 973 -10.88 55.07 6.34
C THR B 973 -9.70 54.15 6.60
#